data_7UAJ
#
_entry.id   7UAJ
#
_cell.length_a   84.110
_cell.length_b   88.680
_cell.length_c   109.610
_cell.angle_alpha   106.610
_cell.angle_beta   90.160
_cell.angle_gamma   102.760
#
_symmetry.space_group_name_H-M   'P 1'
#
loop_
_entity.id
_entity.type
_entity.pdbx_description
1 polymer 'Maltose/maltodextrin-binding periplasmic protein,Protein E6'
2 branched alpha-D-glucopyranose-(1-4)-alpha-D-glucopyranose
3 non-polymer 'ZINC ION'
#
_entity_poly.entity_id   1
_entity_poly.type   'polypeptide(L)'
_entity_poly.pdbx_seq_one_letter_code
;MGHHHHHHMKIEEGKLVIWINGDKGYNGLAEVGKKFEKDTGIKVTVEHPDKLEEKFPQVAATGDGPDIIFWAHDRFGGYA
QSGLLAEITPDKAFQDKLYPFTWDAVRYNGKLIAYPIAVEALSLIYNKDLLPNPPKTWEEIPALDKELKAKGKSALMFNL
QEPYFTWPLIAADGGYAFKYENGKYDIKDVGVDNAGAKAGLTFLVDLIKNKHMNADTDYSIAEAAFNKGETAMTINGPWA
WSNIDTSKVNYGVTVLPTFKGQPSKPFVGVLSAGINAASPNKELAKEFLENYLLTDEGLEAVNKDKPLGAVALKSYEEEL
AKDPRIAATMENAQKGEIMPNIPQMSAFWYAVRTAVINAASGRQTVDEALKDAQTNSSSENLYFQGMFQDPQERPRKLPQ
LCTELQTTIHDIILECVYCKQQLLRREVYDFAFRDLCIVYRDGNPYAVCDKCLKFYSKISEYRHYSYSLYGTTLEQQYNK
PLSDLLIRCINCQKPLSPEEKQRHLDKKQRFHNIRGRWTGRCMSCSRSSRTRRETQL
;
_entity_poly.pdbx_strand_id   A,B,C,D
#
# COMPACT_ATOMS: atom_id res chain seq x y z
N MET A 9 56.36 3.74 -12.66
CA MET A 9 57.58 3.67 -13.45
C MET A 9 57.59 2.46 -14.36
N LYS A 10 56.78 1.46 -14.01
CA LYS A 10 56.69 0.25 -14.83
C LYS A 10 56.12 0.55 -16.21
N ILE A 11 55.20 1.49 -16.30
CA ILE A 11 54.58 1.85 -17.57
C ILE A 11 55.51 2.78 -18.34
N GLU A 12 55.54 2.62 -19.66
CA GLU A 12 56.43 3.42 -20.50
C GLU A 12 55.93 4.86 -20.60
N GLU A 13 56.84 5.75 -20.95
CA GLU A 13 56.55 7.17 -21.11
C GLU A 13 56.94 7.62 -22.52
N GLY A 14 56.22 8.61 -23.03
CA GLY A 14 56.44 9.10 -24.37
C GLY A 14 55.77 8.29 -25.46
N LYS A 15 55.08 7.20 -25.12
CA LYS A 15 54.40 6.36 -26.09
C LYS A 15 53.02 6.01 -25.54
N LEU A 16 52.13 5.63 -26.45
CA LEU A 16 50.77 5.22 -26.11
C LEU A 16 50.58 3.77 -26.51
N VAL A 17 50.17 2.94 -25.55
CA VAL A 17 49.88 1.53 -25.79
C VAL A 17 48.36 1.35 -25.70
N ILE A 18 47.77 0.82 -26.75
CA ILE A 18 46.32 0.66 -26.86
C ILE A 18 46.01 -0.83 -26.95
N TRP A 19 45.05 -1.28 -26.14
CA TRP A 19 44.59 -2.66 -26.16
C TRP A 19 43.14 -2.70 -26.65
N ILE A 20 42.89 -3.50 -27.68
CA ILE A 20 41.57 -3.66 -28.25
C ILE A 20 41.36 -5.13 -28.56
N ASN A 21 40.10 -5.57 -28.50
CA ASN A 21 39.79 -6.97 -28.72
C ASN A 21 40.03 -7.36 -30.18
N GLY A 22 40.34 -8.64 -30.39
CA GLY A 22 40.65 -9.11 -31.73
C GLY A 22 39.48 -9.06 -32.69
N ASP A 23 38.25 -9.24 -32.17
CA ASP A 23 37.08 -9.17 -33.03
C ASP A 23 36.88 -7.77 -33.61
N LYS A 24 37.42 -6.75 -32.97
CA LYS A 24 37.35 -5.39 -33.49
C LYS A 24 38.52 -5.14 -34.44
N GLY A 25 38.40 -4.06 -35.21
CA GLY A 25 39.43 -3.72 -36.17
C GLY A 25 40.64 -3.04 -35.56
N TYR A 26 41.64 -3.84 -35.17
CA TYR A 26 42.83 -3.25 -34.56
C TYR A 26 43.68 -2.53 -35.60
N ASN A 27 43.72 -3.05 -36.83
CA ASN A 27 44.53 -2.42 -37.87
C ASN A 27 43.97 -1.06 -38.27
N GLY A 28 42.65 -0.93 -38.31
CA GLY A 28 42.04 0.35 -38.62
C GLY A 28 42.29 1.40 -37.54
N LEU A 29 42.36 0.96 -36.27
CA LEU A 29 42.68 1.89 -35.19
C LEU A 29 44.13 2.37 -35.29
N ALA A 30 45.03 1.52 -35.77
CA ALA A 30 46.43 1.92 -35.90
C ALA A 30 46.60 3.02 -36.93
N GLU A 31 45.80 2.96 -38.01
CA GLU A 31 45.89 3.99 -39.05
C GLU A 31 45.59 5.38 -38.49
N VAL A 32 44.60 5.48 -37.62
CA VAL A 32 44.33 6.75 -36.94
C VAL A 32 45.50 7.11 -36.03
N GLY A 33 46.11 6.11 -35.41
CA GLY A 33 47.26 6.37 -34.57
C GLY A 33 48.50 6.78 -35.34
N LYS A 34 48.66 6.27 -36.56
CA LYS A 34 49.75 6.73 -37.41
C LYS A 34 49.60 8.20 -37.76
N LYS A 35 48.36 8.66 -37.93
CA LYS A 35 48.12 10.09 -38.12
C LYS A 35 48.49 10.88 -36.87
N PHE A 36 48.18 10.32 -35.69
CA PHE A 36 48.59 10.97 -34.45
C PHE A 36 50.11 11.03 -34.33
N GLU A 37 50.80 9.98 -34.76
CA GLU A 37 52.26 9.97 -34.73
C GLU A 37 52.84 10.95 -35.75
N LYS A 38 52.24 11.02 -36.93
CA LYS A 38 52.75 11.92 -37.97
C LYS A 38 52.53 13.38 -37.60
N ASP A 39 51.36 13.71 -37.04
CA ASP A 39 51.09 15.08 -36.63
C ASP A 39 51.92 15.47 -35.41
N THR A 40 52.09 14.54 -34.48
CA THR A 40 52.89 14.81 -33.29
C THR A 40 54.09 13.90 -33.23
N GLY A 41 54.20 13.13 -32.16
CA GLY A 41 55.35 12.24 -32.07
C GLY A 41 55.22 11.21 -30.97
N ILE A 42 54.29 10.28 -31.14
CA ILE A 42 53.94 9.35 -30.08
C ILE A 42 54.37 7.92 -30.41
N LYS A 43 54.27 7.52 -31.67
CA LYS A 43 54.52 6.14 -32.10
C LYS A 43 53.65 5.17 -31.30
N VAL A 44 52.34 5.33 -31.45
CA VAL A 44 51.40 4.51 -30.71
C VAL A 44 51.45 3.08 -31.23
N THR A 45 51.18 2.13 -30.35
CA THR A 45 51.17 0.71 -30.68
C THR A 45 49.86 0.10 -30.22
N VAL A 46 49.14 -0.53 -31.15
CA VAL A 46 47.90 -1.22 -30.84
C VAL A 46 48.19 -2.72 -30.75
N GLU A 47 47.62 -3.36 -29.74
CA GLU A 47 47.80 -4.79 -29.52
C GLU A 47 46.44 -5.44 -29.31
N HIS A 48 46.29 -6.65 -29.83
CA HIS A 48 45.06 -7.40 -29.58
C HIS A 48 45.36 -8.54 -28.62
N PRO A 49 45.35 -8.30 -27.31
CA PRO A 49 45.73 -9.35 -26.36
C PRO A 49 44.59 -10.33 -26.12
N ASP A 50 44.99 -11.58 -25.87
CA ASP A 50 44.04 -12.63 -25.56
C ASP A 50 43.54 -12.46 -24.13
N LYS A 51 42.22 -12.52 -23.95
CA LYS A 51 41.58 -12.39 -22.64
C LYS A 51 41.94 -11.06 -21.99
N LEU A 52 41.77 -9.97 -22.77
CA LEU A 52 42.11 -8.65 -22.24
C LEU A 52 41.19 -8.23 -21.12
N GLU A 53 39.95 -8.72 -21.11
CA GLU A 53 39.03 -8.39 -20.03
C GLU A 53 39.52 -8.94 -18.69
N GLU A 54 40.23 -10.07 -18.72
CA GLU A 54 40.82 -10.63 -17.51
C GLU A 54 42.23 -10.12 -17.25
N LYS A 55 42.94 -9.70 -18.30
CA LYS A 55 44.33 -9.28 -18.13
C LYS A 55 44.43 -7.86 -17.57
N PHE A 56 43.51 -6.97 -17.96
CA PHE A 56 43.62 -5.57 -17.55
C PHE A 56 43.57 -5.39 -16.04
N PRO A 57 42.64 -6.02 -15.29
CA PRO A 57 42.71 -5.89 -13.82
C PRO A 57 43.99 -6.47 -13.24
N GLN A 58 44.56 -7.50 -13.86
CA GLN A 58 45.79 -8.09 -13.34
C GLN A 58 46.98 -7.17 -13.57
N VAL A 59 47.07 -6.55 -14.75
CA VAL A 59 48.22 -5.73 -15.06
C VAL A 59 48.11 -4.33 -14.46
N ALA A 60 46.87 -3.82 -14.30
CA ALA A 60 46.70 -2.47 -13.79
C ALA A 60 47.05 -2.35 -12.31
N ALA A 61 46.97 -3.45 -11.56
CA ALA A 61 47.29 -3.41 -10.13
C ALA A 61 48.77 -3.08 -9.91
N THR A 62 49.65 -3.69 -10.70
CA THR A 62 51.08 -3.42 -10.59
C THR A 62 51.50 -2.14 -11.28
N GLY A 63 50.55 -1.38 -11.84
CA GLY A 63 50.85 -0.15 -12.52
C GLY A 63 51.09 -0.28 -14.01
N ASP A 64 51.46 -1.47 -14.49
CA ASP A 64 51.70 -1.69 -15.90
C ASP A 64 50.38 -1.80 -16.65
N GLY A 65 50.46 -1.99 -17.96
CA GLY A 65 49.27 -2.18 -18.78
C GLY A 65 49.15 -1.17 -19.89
N PRO A 66 48.01 -1.18 -20.57
CA PRO A 66 47.81 -0.26 -21.69
C PRO A 66 47.49 1.15 -21.21
N ASP A 67 47.86 2.12 -22.05
CA ASP A 67 47.46 3.50 -21.79
C ASP A 67 45.98 3.69 -22.04
N ILE A 68 45.44 3.01 -23.06
CA ILE A 68 44.02 3.04 -23.38
C ILE A 68 43.52 1.61 -23.51
N ILE A 69 42.35 1.33 -22.94
CA ILE A 69 41.70 0.03 -23.03
C ILE A 69 40.38 0.20 -23.77
N PHE A 70 40.11 -0.70 -24.71
CA PHE A 70 38.88 -0.69 -25.50
C PHE A 70 38.05 -1.91 -25.12
N TRP A 71 36.87 -1.66 -24.55
CA TRP A 71 35.97 -2.74 -24.14
C TRP A 71 34.58 -2.15 -23.92
N ALA A 72 33.61 -3.03 -23.73
CA ALA A 72 32.25 -2.59 -23.47
C ALA A 72 32.14 -1.95 -22.10
N HIS A 73 31.04 -1.22 -21.89
CA HIS A 73 30.87 -0.43 -20.67
C HIS A 73 30.57 -1.30 -19.45
N ASP A 74 30.20 -2.56 -19.64
CA ASP A 74 29.75 -3.37 -18.51
C ASP A 74 30.89 -3.66 -17.53
N ARG A 75 32.07 -4.00 -18.04
CA ARG A 75 33.21 -4.30 -17.17
C ARG A 75 34.01 -3.07 -16.79
N PHE A 76 33.79 -1.93 -17.44
CA PHE A 76 34.52 -0.72 -17.11
C PHE A 76 34.15 -0.21 -15.72
N GLY A 77 32.90 -0.38 -15.31
CA GLY A 77 32.50 0.07 -13.98
C GLY A 77 33.23 -0.67 -12.88
N GLY A 78 33.41 -1.98 -13.03
CA GLY A 78 34.18 -2.74 -12.06
C GLY A 78 35.63 -2.31 -11.99
N TYR A 79 36.19 -1.89 -13.13
CA TYR A 79 37.55 -1.35 -13.12
C TYR A 79 37.62 -0.04 -12.34
N ALA A 80 36.56 0.77 -12.39
CA ALA A 80 36.55 2.04 -11.68
C ALA A 80 36.55 1.83 -10.17
N GLN A 81 35.82 0.83 -9.68
CA GLN A 81 35.84 0.53 -8.26
C GLN A 81 37.23 0.10 -7.81
N SER A 82 37.91 -0.70 -8.64
CA SER A 82 39.28 -1.08 -8.34
C SER A 82 40.27 0.06 -8.51
N GLY A 83 39.84 1.20 -9.04
CA GLY A 83 40.72 2.34 -9.19
C GLY A 83 41.65 2.26 -10.38
N LEU A 84 41.40 1.36 -11.32
CA LEU A 84 42.28 1.18 -12.46
C LEU A 84 41.97 2.15 -13.60
N LEU A 85 40.85 2.84 -13.55
CA LEU A 85 40.44 3.74 -14.64
C LEU A 85 40.41 5.17 -14.13
N ALA A 86 40.91 6.09 -14.95
CA ALA A 86 40.95 7.50 -14.61
C ALA A 86 39.64 8.19 -15.00
N GLU A 87 39.37 9.32 -14.37
CA GLU A 87 38.17 10.09 -14.66
C GLU A 87 38.30 10.79 -16.00
N ILE A 88 37.15 11.03 -16.64
CA ILE A 88 37.08 11.65 -17.96
C ILE A 88 36.55 13.08 -17.78
N THR A 89 37.25 14.04 -18.38
CA THR A 89 36.89 15.46 -18.27
C THR A 89 36.85 16.07 -19.67
N PRO A 90 35.77 15.84 -20.41
CA PRO A 90 35.60 16.51 -21.71
C PRO A 90 34.82 17.81 -21.57
N ASP A 91 35.05 18.70 -22.52
CA ASP A 91 34.29 19.94 -22.55
C ASP A 91 32.85 19.66 -22.98
N LYS A 92 31.96 20.58 -22.61
CA LYS A 92 30.54 20.41 -22.93
C LYS A 92 30.30 20.33 -24.43
N ALA A 93 31.17 20.94 -25.23
CA ALA A 93 31.05 20.84 -26.68
C ALA A 93 31.30 19.42 -27.16
N PHE A 94 32.30 18.75 -26.61
CA PHE A 94 32.57 17.37 -27.00
C PHE A 94 31.46 16.44 -26.54
N GLN A 95 30.90 16.69 -25.36
CA GLN A 95 29.78 15.88 -24.89
C GLN A 95 28.56 16.03 -25.79
N ASP A 96 28.37 17.21 -26.38
CA ASP A 96 27.28 17.41 -27.32
C ASP A 96 27.55 16.72 -28.65
N LYS A 97 28.83 16.59 -29.03
CA LYS A 97 29.16 15.92 -30.28
C LYS A 97 28.82 14.44 -30.24
N LEU A 98 28.92 13.81 -29.08
CA LEU A 98 28.53 12.42 -28.91
C LEU A 98 27.09 12.34 -28.41
N TYR A 99 26.47 11.17 -28.65
CA TYR A 99 25.09 11.00 -28.29
C TYR A 99 24.93 10.91 -26.77
N PRO A 100 23.80 11.37 -26.23
CA PRO A 100 23.66 11.43 -24.77
C PRO A 100 23.61 10.06 -24.10
N PHE A 101 22.84 9.12 -24.65
CA PHE A 101 22.65 7.83 -23.98
C PHE A 101 23.96 7.04 -23.91
N THR A 102 24.87 7.25 -24.84
CA THR A 102 26.17 6.61 -24.76
C THR A 102 26.98 7.14 -23.58
N TRP A 103 26.84 8.43 -23.26
CA TRP A 103 27.53 8.99 -22.11
C TRP A 103 26.96 8.43 -20.81
N ASP A 104 25.66 8.13 -20.77
CA ASP A 104 25.04 7.59 -19.56
C ASP A 104 25.58 6.21 -19.23
N ALA A 105 26.00 5.44 -20.24
CA ALA A 105 26.50 4.09 -19.99
C ALA A 105 27.85 4.10 -19.28
N VAL A 106 28.70 5.08 -19.56
CA VAL A 106 30.04 5.12 -19.00
C VAL A 106 30.04 5.87 -17.67
N ARG A 107 28.86 6.26 -17.21
CA ARG A 107 28.72 7.01 -15.95
C ARG A 107 28.61 6.02 -14.80
N TYR A 108 29.65 5.96 -13.97
CA TYR A 108 29.68 5.13 -12.78
C TYR A 108 29.93 6.01 -11.56
N ASN A 109 29.13 5.80 -10.51
CA ASN A 109 29.20 6.62 -9.30
C ASN A 109 28.97 8.10 -9.60
N GLY A 110 28.17 8.39 -10.62
CA GLY A 110 27.88 9.76 -10.99
C GLY A 110 28.97 10.46 -11.77
N LYS A 111 30.03 9.74 -12.17
CA LYS A 111 31.15 10.34 -12.89
C LYS A 111 31.46 9.49 -14.12
N LEU A 112 31.84 10.17 -15.20
CA LEU A 112 32.23 9.47 -16.41
C LEU A 112 33.58 8.78 -16.21
N ILE A 113 33.70 7.57 -16.74
CA ILE A 113 34.90 6.75 -16.57
C ILE A 113 35.58 6.40 -17.87
N ALA A 114 34.93 6.59 -19.02
CA ALA A 114 35.53 6.22 -20.29
C ALA A 114 34.88 7.04 -21.40
N TYR A 115 35.46 6.96 -22.59
CA TYR A 115 34.96 7.66 -23.76
C TYR A 115 34.10 6.71 -24.59
N PRO A 116 32.83 7.01 -24.83
CA PRO A 116 32.01 6.14 -25.69
C PRO A 116 32.52 6.15 -27.12
N ILE A 117 32.47 4.98 -27.76
CA ILE A 117 32.93 4.81 -29.13
C ILE A 117 31.78 4.47 -30.08
N ALA A 118 31.12 3.34 -29.85
CA ALA A 118 30.02 2.91 -30.70
C ALA A 118 29.11 1.99 -29.91
N VAL A 119 27.93 1.74 -30.47
CA VAL A 119 26.92 0.87 -29.86
C VAL A 119 26.93 -0.48 -30.57
N GLU A 120 26.81 -1.55 -29.79
CA GLU A 120 26.87 -2.90 -30.30
C GLU A 120 25.65 -3.69 -29.84
N ALA A 121 25.09 -4.50 -30.73
CA ALA A 121 23.95 -5.34 -30.41
C ALA A 121 23.94 -6.54 -31.33
N LEU A 122 23.52 -7.68 -30.79
CA LEU A 122 23.48 -8.91 -31.55
C LEU A 122 22.30 -8.94 -32.50
N SER A 123 22.49 -9.61 -33.63
CA SER A 123 21.46 -9.72 -34.66
C SER A 123 21.53 -11.12 -35.28
N LEU A 124 20.66 -11.36 -36.25
CA LEU A 124 20.57 -12.65 -36.94
C LEU A 124 21.01 -12.47 -38.38
N ILE A 125 22.01 -13.24 -38.80
CA ILE A 125 22.53 -13.20 -40.16
C ILE A 125 22.04 -14.44 -40.88
N TYR A 126 21.32 -14.24 -41.98
CA TYR A 126 20.75 -15.33 -42.76
C TYR A 126 21.25 -15.27 -44.18
N ASN A 127 21.66 -16.42 -44.73
CA ASN A 127 22.04 -16.53 -46.12
C ASN A 127 20.78 -16.41 -46.98
N LYS A 128 20.63 -15.29 -47.69
CA LYS A 128 19.41 -15.05 -48.45
C LYS A 128 19.21 -16.10 -49.55
N ASP A 129 20.30 -16.59 -50.15
CA ASP A 129 20.17 -17.60 -51.18
C ASP A 129 19.71 -18.93 -50.59
N LEU A 130 20.32 -19.34 -49.47
CA LEU A 130 19.91 -20.58 -48.83
C LEU A 130 18.57 -20.43 -48.12
N LEU A 131 18.33 -19.28 -47.50
CA LEU A 131 17.12 -19.02 -46.72
C LEU A 131 16.52 -17.70 -47.18
N PRO A 132 15.74 -17.70 -48.26
CA PRO A 132 15.12 -16.45 -48.72
C PRO A 132 14.19 -15.84 -47.69
N ASN A 133 13.42 -16.66 -46.98
CA ASN A 133 12.52 -16.18 -45.94
C ASN A 133 13.17 -16.42 -44.59
N PRO A 134 13.59 -15.38 -43.87
CA PRO A 134 14.20 -15.59 -42.56
C PRO A 134 13.17 -16.03 -41.54
N PRO A 135 13.49 -17.01 -40.70
CA PRO A 135 12.56 -17.44 -39.66
C PRO A 135 12.29 -16.32 -38.67
N LYS A 136 11.02 -16.23 -38.24
CA LYS A 136 10.62 -15.22 -37.27
C LYS A 136 10.48 -15.77 -35.86
N THR A 137 10.45 -17.09 -35.69
CA THR A 137 10.32 -17.70 -34.38
C THR A 137 11.44 -18.70 -34.16
N TRP A 138 11.76 -18.94 -32.88
CA TRP A 138 12.74 -19.96 -32.53
C TRP A 138 12.19 -21.36 -32.75
N GLU A 139 10.88 -21.55 -32.53
CA GLU A 139 10.27 -22.87 -32.69
C GLU A 139 10.24 -23.34 -34.13
N GLU A 140 10.36 -22.42 -35.09
CA GLU A 140 10.42 -22.80 -36.49
C GLU A 140 11.74 -23.49 -36.83
N ILE A 141 12.79 -23.19 -36.09
CA ILE A 141 14.15 -23.61 -36.41
C ILE A 141 14.33 -25.13 -36.34
N PRO A 142 13.81 -25.83 -35.32
CA PRO A 142 13.99 -27.30 -35.31
C PRO A 142 13.49 -27.99 -36.57
N ALA A 143 12.32 -27.60 -37.07
CA ALA A 143 11.80 -28.21 -38.30
C ALA A 143 12.61 -27.79 -39.52
N LEU A 144 13.16 -26.58 -39.51
CA LEU A 144 13.91 -26.10 -40.66
C LEU A 144 15.26 -26.79 -40.76
N ASP A 145 15.89 -27.10 -39.62
CA ASP A 145 17.18 -27.78 -39.64
C ASP A 145 17.06 -29.15 -40.32
N LYS A 146 15.99 -29.89 -40.01
CA LYS A 146 15.78 -31.19 -40.64
C LYS A 146 15.67 -31.07 -42.15
N GLU A 147 15.02 -30.00 -42.62
CA GLU A 147 14.92 -29.77 -44.06
C GLU A 147 16.28 -29.42 -44.67
N LEU A 148 17.05 -28.57 -43.99
CA LEU A 148 18.36 -28.20 -44.50
C LEU A 148 19.35 -29.34 -44.36
N LYS A 149 19.20 -30.18 -43.34
CA LYS A 149 20.10 -31.34 -43.19
C LYS A 149 19.94 -32.30 -44.37
N ALA A 150 18.72 -32.45 -44.87
CA ALA A 150 18.52 -33.23 -46.09
C ALA A 150 19.18 -32.56 -47.29
N LYS A 151 19.25 -31.24 -47.29
CA LYS A 151 19.91 -30.48 -48.33
C LYS A 151 21.42 -30.35 -48.11
N GLY A 152 21.95 -31.02 -47.09
CA GLY A 152 23.37 -30.96 -46.81
C GLY A 152 23.83 -29.72 -46.08
N LYS A 153 22.92 -29.02 -45.40
CA LYS A 153 23.23 -27.78 -44.72
C LYS A 153 22.73 -27.86 -43.28
N SER A 154 23.15 -26.88 -42.47
CA SER A 154 22.68 -26.73 -41.11
C SER A 154 21.95 -25.40 -40.98
N ALA A 155 20.88 -25.40 -40.18
CA ALA A 155 20.05 -24.21 -40.07
C ALA A 155 20.76 -23.10 -39.31
N LEU A 156 21.20 -23.38 -38.08
CA LEU A 156 21.73 -22.36 -37.20
C LEU A 156 23.02 -22.84 -36.57
N MET A 157 24.05 -21.99 -36.59
CA MET A 157 25.30 -22.22 -35.89
C MET A 157 25.77 -20.89 -35.32
N PHE A 158 25.81 -20.80 -33.99
CA PHE A 158 26.27 -19.58 -33.32
C PHE A 158 27.00 -19.97 -32.05
N ASN A 159 27.86 -19.06 -31.59
CA ASN A 159 28.75 -19.33 -30.47
C ASN A 159 27.96 -19.66 -29.21
N LEU A 160 28.13 -20.88 -28.70
CA LEU A 160 27.48 -21.32 -27.48
C LEU A 160 28.43 -21.30 -26.28
N GLN A 161 29.71 -21.03 -26.49
CA GLN A 161 30.68 -21.03 -25.39
C GLN A 161 30.74 -19.71 -24.65
N GLU A 162 30.06 -18.67 -25.14
CA GLU A 162 30.01 -17.38 -24.48
C GLU A 162 28.58 -17.00 -24.18
N PRO A 163 28.27 -16.55 -22.96
CA PRO A 163 26.87 -16.25 -22.61
C PRO A 163 26.29 -15.05 -23.33
N TYR A 164 27.12 -14.26 -24.01
CA TYR A 164 26.61 -13.08 -24.71
C TYR A 164 25.66 -13.46 -25.84
N PHE A 165 25.94 -14.58 -26.51
CA PHE A 165 25.13 -15.00 -27.64
C PHE A 165 23.92 -15.82 -27.23
N THR A 166 23.99 -16.55 -26.12
CA THR A 166 22.89 -17.39 -25.69
C THR A 166 21.86 -16.65 -24.84
N TRP A 167 22.21 -15.49 -24.30
CA TRP A 167 21.32 -14.75 -23.40
C TRP A 167 20.06 -14.20 -24.07
N PRO A 168 20.11 -13.69 -25.32
CA PRO A 168 18.87 -13.20 -25.95
C PRO A 168 17.72 -14.20 -25.91
N LEU A 169 18.00 -15.48 -26.09
CA LEU A 169 16.95 -16.49 -25.95
C LEU A 169 16.52 -16.64 -24.49
N ILE A 170 17.45 -16.43 -23.55
CA ILE A 170 17.15 -16.64 -22.14
C ILE A 170 16.28 -15.51 -21.60
N ALA A 171 16.53 -14.28 -22.05
CA ALA A 171 15.83 -13.11 -21.50
C ALA A 171 14.48 -12.85 -22.16
N ALA A 172 14.11 -13.63 -23.17
CA ALA A 172 12.85 -13.37 -23.88
C ALA A 172 11.65 -13.53 -22.97
N ASP A 173 11.55 -14.68 -22.29
CA ASP A 173 10.45 -14.94 -21.38
C ASP A 173 10.75 -14.53 -19.95
N GLY A 174 12.00 -14.22 -19.63
CA GLY A 174 12.36 -13.78 -18.30
C GLY A 174 13.66 -12.98 -18.28
N GLY A 175 14.73 -13.60 -17.80
CA GLY A 175 16.03 -12.97 -17.77
C GLY A 175 16.06 -11.68 -16.97
N TYR A 176 15.70 -11.76 -15.69
CA TYR A 176 15.69 -10.57 -14.84
C TYR A 176 17.09 -9.97 -14.71
N ALA A 177 18.10 -10.82 -14.64
CA ALA A 177 19.49 -10.41 -14.37
C ALA A 177 19.49 -9.68 -13.03
N PHE A 178 19.98 -8.44 -12.94
CA PHE A 178 20.04 -7.74 -11.67
C PHE A 178 18.82 -6.88 -11.38
N LYS A 179 17.91 -6.72 -12.34
CA LYS A 179 16.63 -6.05 -12.16
C LYS A 179 16.78 -4.54 -11.96
N TYR A 180 15.81 -3.79 -12.46
CA TYR A 180 15.81 -2.33 -12.39
C TYR A 180 14.55 -1.87 -11.66
N GLU A 181 14.70 -0.90 -10.75
CA GLU A 181 13.56 -0.45 -9.97
C GLU A 181 13.48 1.07 -9.89
N ASN A 182 14.26 1.69 -9.00
CA ASN A 182 14.23 3.12 -8.79
C ASN A 182 15.34 3.85 -9.54
N GLY A 183 15.77 3.31 -10.68
CA GLY A 183 16.92 3.82 -11.37
C GLY A 183 18.24 3.27 -10.88
N LYS A 184 18.23 2.47 -9.81
CA LYS A 184 19.43 1.85 -9.26
C LYS A 184 19.19 0.35 -9.20
N TYR A 185 20.15 -0.42 -9.71
CA TYR A 185 20.01 -1.87 -9.74
C TYR A 185 20.09 -2.46 -8.34
N ASP A 186 19.41 -3.59 -8.15
CA ASP A 186 19.37 -4.30 -6.88
C ASP A 186 20.13 -5.60 -7.03
N ILE A 187 21.28 -5.72 -6.33
CA ILE A 187 22.11 -6.91 -6.44
C ILE A 187 21.35 -8.14 -5.95
N LYS A 188 20.45 -7.96 -4.97
CA LYS A 188 19.77 -9.10 -4.37
C LYS A 188 18.80 -9.76 -5.35
N ASP A 189 18.13 -8.95 -6.19
CA ASP A 189 17.11 -9.46 -7.10
C ASP A 189 17.77 -10.00 -8.37
N VAL A 190 18.43 -11.14 -8.22
CA VAL A 190 18.98 -11.89 -9.35
C VAL A 190 17.91 -12.83 -9.87
N GLY A 191 17.66 -12.78 -11.17
CA GLY A 191 16.59 -13.57 -11.75
C GLY A 191 17.00 -14.43 -12.94
N VAL A 192 17.95 -15.33 -12.71
CA VAL A 192 18.29 -16.34 -13.70
C VAL A 192 17.64 -17.69 -13.40
N ASP A 193 16.93 -17.79 -12.27
CA ASP A 193 16.22 -19.00 -11.89
C ASP A 193 14.74 -18.95 -12.25
N ASN A 194 14.26 -17.83 -12.78
CA ASN A 194 12.85 -17.72 -13.15
C ASN A 194 12.53 -18.66 -14.30
N ALA A 195 11.23 -18.96 -14.44
CA ALA A 195 10.80 -19.93 -15.45
C ALA A 195 11.10 -19.43 -16.86
N GLY A 196 11.15 -18.11 -17.06
CA GLY A 196 11.49 -17.59 -18.36
C GLY A 196 12.90 -17.97 -18.80
N ALA A 197 13.85 -17.90 -17.87
CA ALA A 197 15.21 -18.34 -18.17
C ALA A 197 15.27 -19.85 -18.34
N LYS A 198 14.47 -20.59 -17.57
CA LYS A 198 14.45 -22.04 -17.70
C LYS A 198 13.92 -22.45 -19.07
N ALA A 199 12.92 -21.73 -19.59
CA ALA A 199 12.36 -22.07 -20.88
C ALA A 199 13.35 -21.83 -22.01
N GLY A 200 14.07 -20.70 -21.96
CA GLY A 200 15.04 -20.41 -23.02
C GLY A 200 16.19 -21.40 -23.04
N LEU A 201 16.70 -21.77 -21.86
CA LEU A 201 17.79 -22.75 -21.82
C LEU A 201 17.29 -24.14 -22.19
N THR A 202 16.05 -24.48 -21.81
CA THR A 202 15.49 -25.77 -22.17
C THR A 202 15.36 -25.90 -23.68
N PHE A 203 14.90 -24.85 -24.35
CA PHE A 203 14.86 -24.87 -25.82
C PHE A 203 16.26 -24.95 -26.40
N LEU A 204 17.23 -24.30 -25.75
CA LEU A 204 18.60 -24.34 -26.26
C LEU A 204 19.21 -25.73 -26.12
N VAL A 205 19.02 -26.38 -24.97
CA VAL A 205 19.56 -27.72 -24.80
C VAL A 205 18.79 -28.73 -25.63
N ASP A 206 17.49 -28.48 -25.85
CA ASP A 206 16.72 -29.38 -26.71
C ASP A 206 17.19 -29.30 -28.15
N LEU A 207 17.60 -28.12 -28.60
CA LEU A 207 18.21 -28.00 -29.93
C LEU A 207 19.50 -28.79 -30.01
N ILE A 208 20.21 -28.93 -28.89
CA ILE A 208 21.44 -29.71 -28.87
C ILE A 208 21.14 -31.20 -28.71
N LYS A 209 20.13 -31.52 -27.90
CA LYS A 209 19.76 -32.93 -27.74
C LYS A 209 19.18 -33.51 -29.02
N ASN A 210 18.38 -32.73 -29.74
CA ASN A 210 17.81 -33.14 -31.02
C ASN A 210 18.80 -33.01 -32.17
N LYS A 211 20.08 -32.80 -31.87
CA LYS A 211 21.18 -32.77 -32.85
C LYS A 211 21.02 -31.65 -33.88
N HIS A 212 20.17 -30.66 -33.59
CA HIS A 212 20.11 -29.49 -34.45
C HIS A 212 21.35 -28.62 -34.30
N MET A 213 21.91 -28.56 -33.10
CA MET A 213 23.11 -27.79 -32.82
C MET A 213 24.10 -28.66 -32.06
N ASN A 214 25.36 -28.25 -32.09
CA ASN A 214 26.42 -28.93 -31.36
C ASN A 214 26.84 -28.07 -30.17
N ALA A 215 27.01 -28.70 -29.01
CA ALA A 215 27.33 -27.98 -27.80
C ALA A 215 28.75 -27.41 -27.81
N ASP A 216 29.64 -27.95 -28.65
CA ASP A 216 31.03 -27.53 -28.69
C ASP A 216 31.29 -26.40 -29.69
N THR A 217 30.26 -25.90 -30.35
CA THR A 217 30.46 -24.86 -31.36
C THR A 217 30.91 -23.56 -30.72
N ASP A 218 31.87 -22.89 -31.36
CA ASP A 218 32.37 -21.62 -30.88
C ASP A 218 32.28 -20.55 -31.96
N TYR A 219 32.97 -19.42 -31.75
CA TYR A 219 32.86 -18.30 -32.69
C TYR A 219 33.43 -18.67 -34.05
N SER A 220 34.61 -19.28 -34.08
CA SER A 220 35.27 -19.55 -35.34
C SER A 220 34.52 -20.59 -36.17
N ILE A 221 33.94 -21.60 -35.51
CA ILE A 221 33.19 -22.62 -36.22
C ILE A 221 31.93 -22.02 -36.84
N ALA A 222 31.24 -21.16 -36.09
CA ALA A 222 30.01 -20.56 -36.60
C ALA A 222 30.31 -19.54 -37.70
N GLU A 223 31.38 -18.76 -37.54
CA GLU A 223 31.73 -17.77 -38.54
C GLU A 223 32.16 -18.43 -39.84
N ALA A 224 33.00 -19.47 -39.75
CA ALA A 224 33.46 -20.15 -40.95
C ALA A 224 32.33 -20.87 -41.66
N ALA A 225 31.39 -21.44 -40.89
CA ALA A 225 30.27 -22.16 -41.49
C ALA A 225 29.42 -21.22 -42.34
N PHE A 226 29.11 -20.04 -41.81
CA PHE A 226 28.31 -19.08 -42.57
C PHE A 226 29.10 -18.52 -43.75
N ASN A 227 30.41 -18.32 -43.58
CA ASN A 227 31.23 -17.79 -44.66
C ASN A 227 31.42 -18.83 -45.77
N LYS A 228 31.60 -20.10 -45.39
CA LYS A 228 31.76 -21.18 -46.36
C LYS A 228 30.43 -21.70 -46.90
N GLY A 229 29.31 -21.17 -46.42
CA GLY A 229 28.01 -21.60 -46.90
C GLY A 229 27.50 -22.89 -46.31
N GLU A 230 28.14 -23.41 -45.27
CA GLU A 230 27.69 -24.67 -44.67
C GLU A 230 26.47 -24.47 -43.78
N THR A 231 26.31 -23.31 -43.18
CA THR A 231 25.14 -22.99 -42.38
C THR A 231 24.41 -21.80 -42.99
N ALA A 232 23.10 -21.72 -42.69
CA ALA A 232 22.25 -20.69 -43.27
C ALA A 232 21.88 -19.59 -42.29
N MET A 233 22.24 -19.71 -41.02
CA MET A 233 21.94 -18.68 -40.04
C MET A 233 23.01 -18.65 -38.97
N THR A 234 23.25 -17.46 -38.44
CA THR A 234 24.17 -17.28 -37.32
C THR A 234 23.78 -16.00 -36.58
N ILE A 235 24.06 -15.99 -35.28
CA ILE A 235 23.77 -14.84 -34.42
C ILE A 235 25.11 -14.19 -34.08
N ASN A 236 25.34 -13.00 -34.64
CA ASN A 236 26.60 -12.32 -34.44
C ASN A 236 26.38 -10.81 -34.51
N GLY A 237 27.40 -10.06 -34.11
CA GLY A 237 27.33 -8.62 -34.07
C GLY A 237 27.89 -7.96 -35.31
N PRO A 238 27.99 -6.63 -35.28
CA PRO A 238 28.45 -5.90 -36.47
C PRO A 238 29.91 -6.16 -36.85
N TRP A 239 30.72 -6.65 -35.91
CA TRP A 239 32.15 -6.81 -36.20
C TRP A 239 32.41 -7.92 -37.22
N ALA A 240 31.53 -8.91 -37.29
CA ALA A 240 31.73 -10.05 -38.19
C ALA A 240 31.28 -9.79 -39.61
N TRP A 241 30.59 -8.68 -39.86
CA TRP A 241 30.05 -8.43 -41.21
C TRP A 241 31.15 -8.28 -42.25
N SER A 242 32.31 -7.75 -41.86
CA SER A 242 33.38 -7.52 -42.82
C SER A 242 33.89 -8.83 -43.41
N ASN A 243 34.12 -9.83 -42.54
CA ASN A 243 34.60 -11.12 -43.03
C ASN A 243 33.54 -11.83 -43.88
N ILE A 244 32.26 -11.66 -43.55
CA ILE A 244 31.21 -12.20 -44.39
C ILE A 244 31.16 -11.46 -45.73
N ASP A 245 31.54 -10.18 -45.73
CA ASP A 245 31.58 -9.43 -46.98
C ASP A 245 32.69 -9.94 -47.91
N THR A 246 33.81 -10.38 -47.34
CA THR A 246 34.87 -10.96 -48.16
C THR A 246 34.39 -12.26 -48.81
N SER A 247 33.56 -13.02 -48.11
CA SER A 247 32.96 -14.21 -48.70
C SER A 247 31.82 -13.82 -49.64
N LYS A 248 31.56 -14.68 -50.61
CA LYS A 248 30.54 -14.41 -51.62
C LYS A 248 29.12 -14.55 -51.09
N VAL A 249 28.94 -14.94 -49.82
CA VAL A 249 27.60 -15.12 -49.27
C VAL A 249 26.86 -13.79 -49.31
N ASN A 250 25.65 -13.80 -49.90
CA ASN A 250 24.85 -12.59 -49.98
C ASN A 250 24.56 -12.03 -48.59
N TYR A 251 24.00 -12.87 -47.72
CA TYR A 251 23.77 -12.60 -46.30
C TYR A 251 22.89 -11.37 -46.06
N GLY A 252 22.39 -11.24 -44.84
CA GLY A 252 21.52 -10.13 -44.47
C GLY A 252 21.31 -10.13 -42.98
N VAL A 253 20.81 -8.99 -42.48
CA VAL A 253 20.63 -8.76 -41.06
C VAL A 253 19.15 -8.52 -40.80
N THR A 254 18.57 -9.29 -39.88
CA THR A 254 17.16 -9.16 -39.51
C THR A 254 17.03 -9.30 -38.01
N VAL A 255 15.81 -9.12 -37.51
CA VAL A 255 15.59 -9.19 -36.07
C VAL A 255 15.77 -10.62 -35.58
N LEU A 256 16.08 -10.75 -34.29
CA LEU A 256 16.26 -12.07 -33.70
C LEU A 256 14.92 -12.79 -33.59
N PRO A 257 14.91 -14.11 -33.71
CA PRO A 257 13.65 -14.85 -33.67
C PRO A 257 12.94 -14.69 -32.33
N THR A 258 11.61 -14.74 -32.38
CA THR A 258 10.80 -14.63 -31.18
C THR A 258 10.75 -15.97 -30.45
N PHE A 259 10.55 -15.90 -29.14
CA PHE A 259 10.45 -17.10 -28.31
C PHE A 259 9.30 -16.93 -27.34
N LYS A 260 8.37 -17.90 -27.36
CA LYS A 260 7.19 -17.87 -26.50
C LYS A 260 6.38 -16.60 -26.71
N GLY A 261 6.28 -16.16 -27.96
CA GLY A 261 5.54 -14.95 -28.27
C GLY A 261 6.17 -13.67 -27.79
N GLN A 262 7.46 -13.70 -27.42
CA GLN A 262 8.15 -12.53 -26.91
C GLN A 262 9.42 -12.29 -27.70
N PRO A 263 9.79 -11.04 -27.94
CA PRO A 263 11.02 -10.76 -28.69
C PRO A 263 12.26 -11.15 -27.90
N SER A 264 13.25 -11.69 -28.60
CA SER A 264 14.53 -11.97 -27.98
C SER A 264 15.19 -10.68 -27.52
N LYS A 265 15.61 -10.65 -26.25
CA LYS A 265 16.16 -9.44 -25.65
C LYS A 265 17.66 -9.54 -25.57
N PRO A 266 18.41 -8.92 -26.47
CA PRO A 266 19.87 -8.92 -26.35
C PRO A 266 20.35 -7.88 -25.34
N PHE A 267 21.58 -8.05 -24.90
CA PHE A 267 22.24 -7.07 -24.04
C PHE A 267 22.95 -6.04 -24.91
N VAL A 268 22.61 -4.76 -24.72
CA VAL A 268 23.20 -3.69 -25.51
C VAL A 268 24.54 -3.32 -24.91
N GLY A 269 25.59 -3.31 -25.74
CA GLY A 269 26.91 -2.93 -25.29
C GLY A 269 27.48 -1.75 -26.02
N VAL A 270 28.05 -0.79 -25.30
CA VAL A 270 28.64 0.41 -25.88
C VAL A 270 30.16 0.26 -25.77
N LEU A 271 30.81 0.12 -26.91
CA LEU A 271 32.27 0.08 -26.93
C LEU A 271 32.82 1.40 -26.40
N SER A 272 33.78 1.31 -25.47
CA SER A 272 34.29 2.49 -24.80
C SER A 272 35.80 2.39 -24.65
N ALA A 273 36.42 3.53 -24.39
CA ALA A 273 37.87 3.62 -24.22
C ALA A 273 38.17 4.37 -22.94
N GLY A 274 38.96 3.74 -22.06
CA GLY A 274 39.35 4.37 -20.81
C GLY A 274 40.86 4.46 -20.67
N ILE A 275 41.33 5.39 -19.83
CA ILE A 275 42.77 5.60 -19.61
C ILE A 275 43.14 5.05 -18.24
N ASN A 276 44.21 4.27 -18.20
CA ASN A 276 44.67 3.71 -16.94
C ASN A 276 45.11 4.83 -15.98
N ALA A 277 44.72 4.68 -14.72
CA ALA A 277 45.07 5.70 -13.73
C ALA A 277 46.58 5.81 -13.54
N ALA A 278 47.28 4.67 -13.57
CA ALA A 278 48.73 4.65 -13.45
C ALA A 278 49.38 4.67 -14.84
N SER A 279 49.10 5.75 -15.57
CA SER A 279 49.59 5.91 -16.93
C SER A 279 49.96 7.37 -17.17
N PRO A 280 51.14 7.63 -17.74
CA PRO A 280 51.47 8.98 -18.19
C PRO A 280 50.75 9.26 -19.51
N ASN A 281 51.04 10.45 -20.06
CA ASN A 281 50.45 10.88 -21.33
C ASN A 281 48.93 10.86 -21.27
N LYS A 282 48.36 11.16 -20.11
CA LYS A 282 46.90 11.21 -19.98
C LYS A 282 46.30 12.24 -20.93
N GLU A 283 46.94 13.40 -21.07
CA GLU A 283 46.50 14.39 -22.04
C GLU A 283 46.76 13.94 -23.46
N LEU A 284 47.86 13.22 -23.68
CA LEU A 284 48.16 12.70 -25.01
C LEU A 284 47.14 11.64 -25.42
N ALA A 285 46.79 10.74 -24.50
CA ALA A 285 45.76 9.75 -24.79
C ALA A 285 44.41 10.41 -24.99
N LYS A 286 44.10 11.44 -24.19
CA LYS A 286 42.87 12.18 -24.37
C LYS A 286 42.84 12.88 -25.73
N GLU A 287 43.99 13.36 -26.18
CA GLU A 287 44.05 14.04 -27.47
C GLU A 287 43.81 13.08 -28.62
N PHE A 288 44.33 11.85 -28.51
CA PHE A 288 44.14 10.87 -29.58
C PHE A 288 42.68 10.43 -29.67
N LEU A 289 42.03 10.22 -28.52
CA LEU A 289 40.65 9.73 -28.54
C LEU A 289 39.69 10.84 -28.97
N GLU A 290 39.88 12.05 -28.45
CA GLU A 290 38.93 13.13 -28.69
C GLU A 290 39.10 13.74 -30.08
N ASN A 291 40.35 13.96 -30.51
CA ASN A 291 40.60 14.73 -31.72
C ASN A 291 41.02 13.90 -32.92
N TYR A 292 41.21 12.59 -32.75
CA TYR A 292 41.65 11.76 -33.87
C TYR A 292 40.72 10.57 -34.08
N LEU A 293 40.54 9.74 -33.05
CA LEU A 293 39.71 8.55 -33.21
C LEU A 293 38.24 8.92 -33.34
N LEU A 294 37.73 9.75 -32.44
CA LEU A 294 36.31 10.12 -32.45
C LEU A 294 36.03 11.24 -33.43
N THR A 295 36.47 11.08 -34.66
CA THR A 295 36.17 12.00 -35.75
C THR A 295 35.50 11.21 -36.88
N ASP A 296 34.89 11.95 -37.81
CA ASP A 296 34.25 11.30 -38.96
C ASP A 296 35.26 10.52 -39.78
N GLU A 297 36.48 11.04 -39.89
CA GLU A 297 37.53 10.32 -40.60
C GLU A 297 38.12 9.19 -39.75
N GLY A 298 38.25 9.42 -38.44
CA GLY A 298 38.84 8.41 -37.58
C GLY A 298 37.93 7.20 -37.38
N LEU A 299 36.65 7.45 -37.11
CA LEU A 299 35.72 6.35 -36.91
C LEU A 299 35.51 5.54 -38.19
N GLU A 300 35.62 6.19 -39.35
CA GLU A 300 35.49 5.48 -40.62
C GLU A 300 36.64 4.49 -40.80
N ALA A 301 37.85 4.86 -40.37
CA ALA A 301 38.99 3.98 -40.53
C ALA A 301 38.83 2.69 -39.72
N VAL A 302 38.32 2.80 -38.51
CA VAL A 302 38.09 1.59 -37.70
C VAL A 302 36.93 0.79 -38.27
N ASN A 303 35.93 1.45 -38.85
CA ASN A 303 34.79 0.74 -39.41
C ASN A 303 35.17 -0.08 -40.64
N LYS A 304 36.17 0.37 -41.40
CA LYS A 304 36.55 -0.34 -42.61
C LYS A 304 37.21 -1.68 -42.29
N ASP A 305 38.09 -1.71 -41.29
CA ASP A 305 38.70 -2.97 -40.88
C ASP A 305 37.66 -3.93 -40.32
N LYS A 306 36.80 -3.43 -39.42
CA LYS A 306 35.68 -4.20 -38.86
C LYS A 306 34.59 -3.23 -38.45
N PRO A 307 33.35 -3.41 -38.93
CA PRO A 307 32.29 -2.43 -38.65
C PRO A 307 32.03 -2.29 -37.16
N LEU A 308 32.16 -1.06 -36.67
CA LEU A 308 31.92 -0.80 -35.25
C LEU A 308 30.44 -0.85 -34.91
N GLY A 309 29.57 -0.51 -35.86
CA GLY A 309 28.16 -0.36 -35.60
C GLY A 309 27.75 1.09 -35.52
N ALA A 310 26.62 1.32 -34.85
CA ALA A 310 26.15 2.68 -34.63
C ALA A 310 27.10 3.42 -33.71
N VAL A 311 27.69 4.50 -34.22
CA VAL A 311 28.72 5.23 -33.50
C VAL A 311 28.08 6.30 -32.63
N ALA A 312 28.80 6.71 -31.59
CA ALA A 312 28.27 7.72 -30.69
C ALA A 312 28.37 9.13 -31.29
N LEU A 313 29.30 9.32 -32.24
CA LEU A 313 29.43 10.62 -32.88
C LEU A 313 28.20 10.90 -33.75
N LYS A 314 27.56 12.05 -33.50
CA LYS A 314 26.30 12.35 -34.16
C LYS A 314 26.48 12.56 -35.66
N SER A 315 27.63 13.09 -36.08
CA SER A 315 27.84 13.37 -37.50
C SER A 315 27.94 12.08 -38.30
N TYR A 316 28.70 11.10 -37.80
CA TYR A 316 28.92 9.87 -38.54
C TYR A 316 27.75 8.91 -38.43
N GLU A 317 27.06 8.88 -37.28
CA GLU A 317 25.99 7.92 -37.07
C GLU A 317 24.85 8.13 -38.05
N GLU A 318 24.45 9.38 -38.27
CA GLU A 318 23.36 9.66 -39.20
C GLU A 318 23.75 9.29 -40.63
N GLU A 319 25.04 9.32 -40.94
CA GLU A 319 25.50 8.92 -42.27
C GLU A 319 25.46 7.40 -42.44
N LEU A 320 25.88 6.65 -41.42
CA LEU A 320 25.90 5.21 -41.49
C LEU A 320 24.56 4.57 -41.12
N ALA A 321 23.60 5.36 -40.63
CA ALA A 321 22.27 4.84 -40.38
C ALA A 321 21.54 4.46 -41.66
N LYS A 322 22.04 4.92 -42.81
CA LYS A 322 21.47 4.48 -44.09
C LYS A 322 21.64 2.98 -44.30
N ASP A 323 22.67 2.39 -43.68
CA ASP A 323 22.86 0.95 -43.76
C ASP A 323 21.73 0.24 -43.03
N PRO A 324 20.92 -0.58 -43.71
CA PRO A 324 19.86 -1.32 -43.01
C PRO A 324 20.39 -2.25 -41.93
N ARG A 325 21.66 -2.66 -42.04
CA ARG A 325 22.26 -3.48 -40.98
C ARG A 325 22.33 -2.70 -39.67
N ILE A 326 22.68 -1.42 -39.74
CA ILE A 326 22.76 -0.60 -38.53
C ILE A 326 21.37 -0.42 -37.92
N ALA A 327 20.37 -0.17 -38.77
CA ALA A 327 19.01 -0.01 -38.26
C ALA A 327 18.48 -1.31 -37.67
N ALA A 328 18.82 -2.45 -38.28
CA ALA A 328 18.43 -3.74 -37.73
C ALA A 328 19.14 -4.01 -36.40
N THR A 329 20.39 -3.57 -36.29
CA THR A 329 21.10 -3.68 -35.02
C THR A 329 20.42 -2.84 -33.95
N MET A 330 19.97 -1.63 -34.32
CA MET A 330 19.26 -0.78 -33.37
C MET A 330 17.88 -1.32 -33.04
N GLU A 331 17.22 -2.00 -33.99
CA GLU A 331 15.91 -2.57 -33.72
C GLU A 331 16.00 -3.67 -32.66
N ASN A 332 17.04 -4.50 -32.73
CA ASN A 332 17.24 -5.51 -31.70
C ASN A 332 17.60 -4.88 -30.37
N ALA A 333 18.31 -3.75 -30.40
CA ALA A 333 18.73 -3.10 -29.15
C ALA A 333 17.55 -2.52 -28.39
N GLN A 334 16.62 -1.88 -29.10
CA GLN A 334 15.46 -1.29 -28.43
C GLN A 334 14.56 -2.36 -27.81
N LYS A 335 14.55 -3.56 -28.38
CA LYS A 335 13.80 -4.65 -27.76
C LYS A 335 14.52 -5.15 -26.51
N GLY A 336 15.85 -5.14 -26.52
CA GLY A 336 16.63 -5.52 -25.36
C GLY A 336 16.87 -4.36 -24.41
N GLU A 337 17.75 -4.59 -23.46
CA GLU A 337 18.09 -3.60 -22.45
C GLU A 337 19.60 -3.49 -22.35
N ILE A 338 20.08 -2.29 -21.99
CA ILE A 338 21.51 -2.05 -21.93
C ILE A 338 22.12 -2.79 -20.74
N MET A 339 23.42 -3.06 -20.84
CA MET A 339 24.12 -3.80 -19.80
C MET A 339 24.35 -2.90 -18.59
N PRO A 340 24.12 -3.41 -17.38
CA PRO A 340 24.49 -2.66 -16.18
C PRO A 340 26.01 -2.49 -16.10
N ASN A 341 26.43 -1.36 -15.54
CA ASN A 341 27.84 -1.06 -15.37
C ASN A 341 28.36 -1.44 -13.98
N ILE A 342 27.54 -2.08 -13.17
CA ILE A 342 27.91 -2.45 -11.81
C ILE A 342 29.01 -3.50 -11.86
N PRO A 343 29.89 -3.57 -10.84
CA PRO A 343 30.95 -4.58 -10.86
C PRO A 343 30.45 -6.01 -10.79
N GLN A 344 29.26 -6.24 -10.25
CA GLN A 344 28.72 -7.59 -10.11
C GLN A 344 28.34 -8.21 -11.46
N MET A 345 28.37 -7.44 -12.54
CA MET A 345 28.04 -7.99 -13.85
C MET A 345 29.05 -9.04 -14.28
N SER A 346 30.32 -8.89 -13.87
CA SER A 346 31.33 -9.90 -14.21
C SER A 346 30.99 -11.25 -13.58
N ALA A 347 30.45 -11.24 -12.36
CA ALA A 347 30.00 -12.48 -11.74
C ALA A 347 28.74 -13.01 -12.41
N PHE A 348 27.92 -12.12 -12.97
CA PHE A 348 26.73 -12.57 -13.68
C PHE A 348 27.08 -13.34 -14.94
N TRP A 349 28.08 -12.86 -15.69
CA TRP A 349 28.48 -13.56 -16.91
C TRP A 349 29.10 -14.91 -16.59
N TYR A 350 29.91 -14.98 -15.54
CA TYR A 350 30.57 -16.23 -15.19
C TYR A 350 29.57 -17.30 -14.76
N ALA A 351 28.53 -16.89 -14.04
CA ALA A 351 27.52 -17.85 -13.58
C ALA A 351 26.69 -18.37 -14.76
N VAL A 352 26.29 -17.47 -15.66
CA VAL A 352 25.49 -17.89 -16.81
C VAL A 352 26.32 -18.76 -17.74
N ARG A 353 27.57 -18.38 -17.99
CA ARG A 353 28.43 -19.20 -18.84
C ARG A 353 28.62 -20.60 -18.27
N THR A 354 28.82 -20.69 -16.95
CA THR A 354 28.97 -22.00 -16.33
C THR A 354 27.70 -22.83 -16.48
N ALA A 355 26.53 -22.21 -16.25
CA ALA A 355 25.27 -22.94 -16.36
C ALA A 355 25.00 -23.37 -17.79
N VAL A 356 25.20 -22.48 -18.75
CA VAL A 356 24.94 -22.80 -20.15
C VAL A 356 25.86 -23.91 -20.63
N ILE A 357 27.15 -23.83 -20.27
CA ILE A 357 28.09 -24.87 -20.65
C ILE A 357 27.72 -26.19 -19.99
N ASN A 358 27.36 -26.14 -18.71
CA ASN A 358 27.01 -27.36 -17.99
C ASN A 358 25.75 -28.01 -18.55
N ALA A 359 24.70 -27.21 -18.74
CA ALA A 359 23.42 -27.76 -19.21
C ALA A 359 23.57 -28.40 -20.59
N ALA A 360 24.24 -27.70 -21.51
CA ALA A 360 24.42 -28.24 -22.85
C ALA A 360 25.32 -29.48 -22.84
N SER A 361 26.29 -29.52 -21.93
CA SER A 361 27.20 -30.67 -21.87
C SER A 361 26.49 -31.92 -21.38
N GLY A 362 25.46 -31.77 -20.54
CA GLY A 362 24.76 -32.89 -19.94
C GLY A 362 24.85 -32.96 -18.44
N ARG A 363 25.92 -32.40 -17.84
CA ARG A 363 26.00 -32.33 -16.39
C ARG A 363 25.02 -31.30 -15.88
N GLN A 364 24.23 -31.68 -14.86
CA GLN A 364 23.18 -30.85 -14.28
C GLN A 364 22.04 -30.59 -15.26
N THR A 365 20.82 -30.52 -14.74
CA THR A 365 19.69 -30.12 -15.57
C THR A 365 19.68 -28.61 -15.73
N VAL A 366 18.76 -28.12 -16.57
CA VAL A 366 18.61 -26.68 -16.74
C VAL A 366 18.13 -26.05 -15.43
N ASP A 367 17.22 -26.73 -14.73
CA ASP A 367 16.76 -26.22 -13.45
C ASP A 367 17.88 -26.22 -12.41
N GLU A 368 18.74 -27.23 -12.44
CA GLU A 368 19.84 -27.30 -11.48
C GLU A 368 20.90 -26.26 -11.79
N ALA A 369 21.26 -26.12 -13.08
CA ALA A 369 22.34 -25.20 -13.45
C ALA A 369 21.95 -23.74 -13.20
N LEU A 370 20.68 -23.39 -13.48
CA LEU A 370 20.25 -22.02 -13.25
C LEU A 370 20.12 -21.71 -11.77
N LYS A 371 19.90 -22.72 -10.94
CA LYS A 371 19.82 -22.50 -9.50
C LYS A 371 21.18 -22.11 -8.94
N ASP A 372 22.22 -22.89 -9.24
CA ASP A 372 23.55 -22.58 -8.73
C ASP A 372 24.10 -21.28 -9.33
N ALA A 373 23.72 -20.95 -10.56
CA ALA A 373 24.16 -19.69 -11.16
C ALA A 373 23.55 -18.49 -10.44
N GLN A 374 22.33 -18.64 -9.92
CA GLN A 374 21.71 -17.54 -9.18
C GLN A 374 22.46 -17.27 -7.88
N THR A 375 22.81 -18.32 -7.14
CA THR A 375 23.55 -18.14 -5.90
C THR A 375 24.97 -17.66 -6.16
N ASN A 376 25.56 -18.05 -7.30
CA ASN A 376 26.91 -17.62 -7.62
C ASN A 376 26.97 -16.13 -7.95
N SER A 377 25.90 -15.58 -8.51
CA SER A 377 25.89 -14.20 -8.96
C SER A 377 25.61 -13.19 -7.85
N SER A 378 25.33 -13.65 -6.63
CA SER A 378 25.01 -12.73 -5.55
C SER A 378 26.15 -12.65 -4.54
N SER A 379 25.93 -13.22 -3.35
CA SER A 379 26.93 -13.15 -2.29
C SER A 379 28.15 -14.01 -2.63
N GLU A 380 29.23 -13.75 -1.91
CA GLU A 380 30.50 -14.42 -2.16
C GLU A 380 31.04 -15.01 -0.85
N ASN A 381 31.97 -15.95 -1.00
CA ASN A 381 32.59 -16.59 0.16
C ASN A 381 34.07 -16.21 0.27
N GLN A 392 47.70 -13.44 2.04
CA GLN A 392 47.37 -12.18 1.39
C GLN A 392 45.87 -11.92 1.46
N GLU A 393 45.49 -10.64 1.51
CA GLU A 393 44.09 -10.19 1.57
C GLU A 393 43.51 -10.69 2.89
N ARG A 394 42.37 -11.36 2.90
CA ARG A 394 41.73 -11.72 4.16
C ARG A 394 42.51 -12.84 4.85
N PRO A 395 42.70 -12.74 6.17
CA PRO A 395 43.62 -13.68 6.84
C PRO A 395 43.17 -15.13 6.81
N ARG A 396 41.95 -15.41 7.26
CA ARG A 396 41.45 -16.76 7.50
C ARG A 396 42.20 -17.43 8.65
N LYS A 397 41.46 -18.00 9.60
CA LYS A 397 41.99 -18.59 10.83
C LYS A 397 42.58 -17.52 11.75
N LEU A 398 42.35 -17.66 13.06
CA LEU A 398 42.65 -16.59 13.99
C LEU A 398 44.13 -16.23 14.10
N PRO A 399 45.07 -17.18 14.20
CA PRO A 399 46.50 -16.78 14.29
C PRO A 399 46.96 -15.87 13.17
N GLN A 400 46.38 -15.99 11.97
CA GLN A 400 46.72 -15.06 10.90
C GLN A 400 46.22 -13.65 11.21
N LEU A 401 44.98 -13.53 11.70
CA LEU A 401 44.45 -12.22 12.06
C LEU A 401 45.20 -11.63 13.25
N CYS A 402 45.60 -12.47 14.20
CA CYS A 402 46.33 -11.99 15.37
C CYS A 402 47.69 -11.42 14.99
N THR A 403 48.40 -12.08 14.07
CA THR A 403 49.72 -11.60 13.67
C THR A 403 49.61 -10.31 12.87
N GLU A 404 48.62 -10.21 11.99
CA GLU A 404 48.45 -8.99 11.21
C GLU A 404 48.11 -7.80 12.09
N LEU A 405 47.32 -8.02 13.13
CA LEU A 405 46.97 -6.97 14.08
C LEU A 405 48.00 -6.81 15.20
N GLN A 406 49.06 -7.61 15.18
CA GLN A 406 50.14 -7.53 16.17
C GLN A 406 49.63 -7.71 17.59
N THR A 407 48.72 -8.65 17.78
CA THR A 407 48.13 -8.94 19.08
C THR A 407 48.16 -10.43 19.34
N THR A 408 48.38 -10.81 20.59
CA THR A 408 48.17 -12.19 21.00
C THR A 408 46.68 -12.50 21.03
N ILE A 409 46.35 -13.78 21.07
CA ILE A 409 44.93 -14.09 21.19
C ILE A 409 44.45 -13.86 22.62
N HIS A 410 45.35 -13.97 23.60
CA HIS A 410 44.99 -13.66 24.98
C HIS A 410 44.45 -12.23 25.10
N ASP A 411 44.86 -11.34 24.21
CA ASP A 411 44.48 -9.94 24.28
C ASP A 411 43.60 -9.49 23.13
N ILE A 412 43.40 -10.31 22.10
CA ILE A 412 42.60 -9.89 20.95
C ILE A 412 41.15 -9.74 21.35
N ILE A 413 40.47 -8.77 20.74
CA ILE A 413 39.06 -8.49 20.98
C ILE A 413 38.29 -8.82 19.71
N LEU A 414 37.31 -9.71 19.83
CA LEU A 414 36.53 -10.18 18.69
C LEU A 414 35.05 -10.01 18.98
N GLU A 415 34.28 -9.78 17.93
CA GLU A 415 32.84 -9.58 18.02
C GLU A 415 32.12 -10.67 17.23
N CYS A 416 30.98 -11.12 17.75
CA CYS A 416 30.17 -12.11 17.07
C CYS A 416 29.42 -11.47 15.90
N VAL A 417 29.25 -12.24 14.83
CA VAL A 417 28.65 -11.69 13.62
C VAL A 417 27.16 -11.50 13.79
N TYR A 418 26.50 -12.42 14.48
CA TYR A 418 25.05 -12.35 14.60
C TYR A 418 24.61 -11.27 15.58
N CYS A 419 25.17 -11.28 16.79
CA CYS A 419 24.71 -10.40 17.86
C CYS A 419 25.62 -9.21 18.11
N LYS A 420 26.75 -9.11 17.41
CA LYS A 420 27.65 -7.95 17.51
C LYS A 420 28.10 -7.72 18.95
N GLN A 421 28.35 -8.79 19.68
CA GLN A 421 28.79 -8.71 21.06
C GLN A 421 30.22 -9.21 21.18
N GLN A 422 30.99 -8.55 22.05
CA GLN A 422 32.40 -8.89 22.20
C GLN A 422 32.54 -10.28 22.83
N LEU A 423 33.37 -11.11 22.21
CA LEU A 423 33.54 -12.48 22.67
C LEU A 423 34.35 -12.52 23.95
N LEU A 424 33.91 -13.36 24.88
CA LEU A 424 34.72 -13.63 26.06
C LEU A 424 36.00 -14.38 25.65
N ARG A 425 37.02 -14.28 26.51
CA ARG A 425 38.27 -14.97 26.22
C ARG A 425 38.05 -16.46 26.03
N ARG A 426 37.23 -17.07 26.89
CA ARG A 426 36.82 -18.46 26.74
C ARG A 426 36.30 -18.72 25.33
N GLU A 427 35.40 -17.86 24.85
CA GLU A 427 34.85 -18.02 23.51
C GLU A 427 35.91 -17.81 22.44
N VAL A 428 36.86 -16.91 22.68
CA VAL A 428 37.89 -16.63 21.68
C VAL A 428 38.87 -17.79 21.58
N TYR A 429 39.20 -18.41 22.71
CA TYR A 429 40.07 -19.58 22.69
C TYR A 429 39.42 -20.74 21.94
N ASP A 430 38.13 -21.00 22.23
CA ASP A 430 37.45 -22.13 21.63
C ASP A 430 37.38 -22.01 20.11
N PHE A 431 37.23 -20.79 19.60
CA PHE A 431 37.09 -20.59 18.16
C PHE A 431 38.35 -21.07 17.42
N ALA A 432 39.52 -20.87 18.01
CA ALA A 432 40.77 -21.21 17.34
C ALA A 432 41.22 -22.64 17.60
N PHE A 433 40.90 -23.20 18.79
CA PHE A 433 41.17 -24.62 19.02
C PHE A 433 40.43 -25.49 18.02
N ARG A 434 39.18 -25.15 17.75
CA ARG A 434 38.40 -25.84 16.73
C ARG A 434 38.80 -25.44 15.32
N ASP A 435 39.68 -24.45 15.17
CA ASP A 435 40.21 -24.02 13.87
C ASP A 435 39.10 -23.60 12.93
N LEU A 436 38.10 -22.92 13.46
CA LEU A 436 36.95 -22.51 12.65
C LEU A 436 37.36 -21.43 11.68
N CYS A 437 37.02 -21.62 10.40
CA CYS A 437 37.29 -20.60 9.39
C CYS A 437 36.53 -19.32 9.72
N ILE A 438 37.22 -18.19 9.57
CA ILE A 438 36.70 -16.92 10.07
C ILE A 438 35.54 -16.43 9.21
N VAL A 439 34.62 -15.70 9.84
CA VAL A 439 33.50 -15.06 9.17
C VAL A 439 33.86 -13.60 8.91
N TYR A 440 33.52 -13.11 7.72
CA TYR A 440 33.71 -11.71 7.36
C TYR A 440 32.38 -11.15 6.89
N ARG A 441 31.92 -10.08 7.55
CA ARG A 441 30.66 -9.43 7.22
C ARG A 441 30.87 -7.93 7.17
N ASP A 442 30.27 -7.28 6.17
CA ASP A 442 30.37 -5.83 5.97
C ASP A 442 31.83 -5.38 5.82
N GLY A 443 32.68 -6.27 5.33
CA GLY A 443 34.09 -5.96 5.15
C GLY A 443 34.92 -5.98 6.42
N ASN A 444 34.32 -6.32 7.56
CA ASN A 444 35.04 -6.35 8.83
C ASN A 444 35.17 -7.78 9.34
N PRO A 445 36.34 -8.16 9.86
CA PRO A 445 36.48 -9.50 10.44
C PRO A 445 35.55 -9.69 11.63
N TYR A 446 34.94 -10.87 11.71
CA TYR A 446 33.99 -11.18 12.75
C TYR A 446 34.19 -12.62 13.20
N ALA A 447 33.49 -13.00 14.25
CA ALA A 447 33.55 -14.35 14.79
C ALA A 447 32.13 -14.76 15.19
N VAL A 448 32.03 -15.76 16.05
CA VAL A 448 30.73 -16.22 16.55
C VAL A 448 30.84 -16.46 18.05
N CYS A 449 29.80 -16.08 18.79
CA CYS A 449 29.71 -16.36 20.20
C CYS A 449 28.96 -17.67 20.43
N ASP A 450 29.11 -18.21 21.65
CA ASP A 450 28.57 -19.54 21.93
C ASP A 450 27.05 -19.57 21.88
N LYS A 451 26.39 -18.57 22.46
CA LYS A 451 24.94 -18.55 22.49
C LYS A 451 24.36 -18.53 21.07
N CYS A 452 24.91 -17.69 20.20
CA CYS A 452 24.48 -17.70 18.81
C CYS A 452 24.92 -18.97 18.10
N LEU A 453 26.06 -19.53 18.48
CA LEU A 453 26.54 -20.76 17.83
C LEU A 453 25.61 -21.93 18.10
N LYS A 454 25.14 -22.06 19.34
CA LYS A 454 24.25 -23.17 19.68
C LYS A 454 22.94 -23.09 18.89
N PHE A 455 22.37 -21.88 18.78
CA PHE A 455 21.09 -21.73 18.09
C PHE A 455 21.23 -22.02 16.60
N TYR A 456 22.21 -21.41 15.94
CA TYR A 456 22.35 -21.57 14.50
C TYR A 456 22.93 -22.92 14.10
N SER A 457 23.61 -23.61 15.01
CA SER A 457 24.03 -24.98 14.73
C SER A 457 22.88 -25.97 14.93
N LYS A 458 21.91 -25.63 15.77
CA LYS A 458 20.77 -26.52 16.00
C LYS A 458 19.92 -26.65 14.75
N ILE A 459 19.62 -25.53 14.09
CA ILE A 459 18.80 -25.54 12.88
C ILE A 459 19.67 -25.94 11.70
N SER A 460 19.99 -27.24 11.60
CA SER A 460 20.80 -27.72 10.50
C SER A 460 20.04 -27.71 9.18
N GLU A 461 18.74 -27.97 9.24
CA GLU A 461 17.84 -27.99 8.07
C GLU A 461 18.17 -29.14 7.12
N TYR A 462 19.27 -29.85 7.36
CA TYR A 462 19.66 -30.98 6.53
C TYR A 462 20.42 -32.02 7.34
N ARG A 463 21.70 -31.74 7.61
CA ARG A 463 22.61 -32.64 8.32
C ARG A 463 22.74 -34.00 7.62
N HIS A 464 22.41 -34.06 6.33
CA HIS A 464 22.48 -35.34 5.62
C HIS A 464 23.92 -35.73 5.30
N TYR A 465 24.71 -34.80 4.76
CA TYR A 465 26.09 -35.08 4.37
C TYR A 465 26.12 -36.28 3.40
N SER A 466 25.54 -36.01 2.22
CA SER A 466 25.14 -37.09 1.33
C SER A 466 26.33 -37.68 0.56
N TYR A 467 27.15 -36.83 -0.04
CA TYR A 467 28.28 -37.26 -0.86
C TYR A 467 27.83 -38.26 -1.94
N SER A 468 27.08 -37.73 -2.89
CA SER A 468 26.57 -38.54 -3.99
C SER A 468 27.68 -38.78 -5.01
N LEU A 469 27.90 -40.04 -5.37
CA LEU A 469 28.93 -40.40 -6.32
C LEU A 469 28.41 -41.52 -7.23
N TYR A 470 28.82 -41.49 -8.49
CA TYR A 470 28.40 -42.49 -9.45
C TYR A 470 29.11 -43.83 -9.18
N GLY A 471 28.55 -44.89 -9.75
CA GLY A 471 29.03 -46.23 -9.45
C GLY A 471 30.43 -46.50 -9.96
N THR A 472 30.73 -46.03 -11.17
CA THR A 472 32.06 -46.25 -11.73
C THR A 472 33.14 -45.57 -10.89
N THR A 473 32.87 -44.33 -10.45
CA THR A 473 33.81 -43.64 -9.58
C THR A 473 33.94 -44.32 -8.23
N LEU A 474 32.87 -44.98 -7.77
CA LEU A 474 32.92 -45.65 -6.47
C LEU A 474 33.88 -46.83 -6.51
N GLU A 475 33.90 -47.59 -7.63
CA GLU A 475 34.82 -48.71 -7.75
C GLU A 475 36.28 -48.23 -7.75
N GLN A 476 36.55 -47.08 -8.38
CA GLN A 476 37.90 -46.55 -8.43
C GLN A 476 38.35 -46.05 -7.07
N GLN A 477 37.41 -45.53 -6.26
CA GLN A 477 37.79 -44.88 -5.00
C GLN A 477 38.29 -45.90 -3.98
N TYR A 478 37.57 -47.02 -3.83
CA TYR A 478 37.90 -48.01 -2.82
C TYR A 478 38.59 -49.24 -3.41
N ASN A 479 38.88 -49.24 -4.72
CA ASN A 479 39.56 -50.36 -5.38
C ASN A 479 38.82 -51.68 -5.15
N LYS A 480 37.49 -51.63 -5.26
CA LYS A 480 36.63 -52.77 -5.01
C LYS A 480 35.47 -52.74 -6.00
N PRO A 481 35.08 -53.89 -6.54
CA PRO A 481 33.94 -53.92 -7.47
C PRO A 481 32.63 -53.65 -6.73
N LEU A 482 31.63 -53.22 -7.52
CA LEU A 482 30.33 -52.92 -6.94
C LEU A 482 29.68 -54.16 -6.34
N SER A 483 30.00 -55.34 -6.86
CA SER A 483 29.43 -56.58 -6.32
C SER A 483 29.99 -56.88 -4.94
N ASP A 484 31.28 -56.66 -4.74
CA ASP A 484 31.92 -56.91 -3.44
C ASP A 484 31.73 -55.76 -2.46
N LEU A 485 30.94 -54.75 -2.82
CA LEU A 485 30.69 -53.60 -1.96
C LEU A 485 29.21 -53.60 -1.59
N LEU A 486 28.93 -53.73 -0.29
CA LEU A 486 27.55 -53.83 0.19
C LEU A 486 26.83 -52.51 0.00
N ILE A 487 25.68 -52.56 -0.66
CA ILE A 487 24.83 -51.39 -0.88
C ILE A 487 23.41 -51.74 -0.43
N ARG A 488 22.83 -50.87 0.39
CA ARG A 488 21.49 -51.05 0.90
C ARG A 488 20.55 -50.07 0.20
N CYS A 489 19.34 -50.53 -0.10
CA CYS A 489 18.36 -49.63 -0.69
C CYS A 489 17.85 -48.66 0.38
N ILE A 490 17.60 -47.42 -0.03
CA ILE A 490 17.41 -46.35 0.95
C ILE A 490 16.16 -46.58 1.79
N ASN A 491 15.11 -47.13 1.19
CA ASN A 491 13.83 -47.32 1.88
C ASN A 491 13.67 -48.75 2.40
N CYS A 492 13.73 -49.74 1.50
CA CYS A 492 13.53 -51.13 1.91
C CYS A 492 14.67 -51.66 2.75
N GLN A 493 15.86 -51.05 2.66
CA GLN A 493 17.05 -51.50 3.37
C GLN A 493 17.41 -52.94 3.00
N LYS A 494 17.22 -53.27 1.73
CA LYS A 494 17.58 -54.58 1.18
C LYS A 494 18.92 -54.49 0.46
N PRO A 495 19.81 -55.46 0.69
CA PRO A 495 21.07 -55.50 -0.07
C PRO A 495 20.78 -55.56 -1.57
N LEU A 496 21.37 -54.61 -2.30
CA LEU A 496 21.07 -54.47 -3.71
C LEU A 496 21.55 -55.67 -4.51
N SER A 497 20.69 -56.14 -5.42
CA SER A 497 21.09 -57.18 -6.34
C SER A 497 22.10 -56.62 -7.35
N PRO A 498 22.96 -57.48 -7.90
CA PRO A 498 23.91 -57.00 -8.92
C PRO A 498 23.23 -56.37 -10.13
N GLU A 499 22.04 -56.88 -10.51
CA GLU A 499 21.31 -56.27 -11.61
C GLU A 499 20.74 -54.91 -11.22
N GLU A 500 20.33 -54.76 -9.96
CA GLU A 500 19.84 -53.47 -9.49
C GLU A 500 20.96 -52.44 -9.45
N LYS A 501 22.18 -52.86 -9.09
CA LYS A 501 23.32 -51.96 -9.15
C LYS A 501 23.59 -51.52 -10.58
N GLN A 502 23.41 -52.42 -11.55
CA GLN A 502 23.58 -52.06 -12.95
C GLN A 502 22.45 -51.15 -13.43
N ARG A 503 21.26 -51.25 -12.82
CA ARG A 503 20.16 -50.37 -13.21
C ARG A 503 20.50 -48.92 -12.90
N HIS A 504 21.14 -48.67 -11.77
CA HIS A 504 21.61 -47.32 -11.47
C HIS A 504 22.61 -46.83 -12.51
N LEU A 505 23.54 -47.71 -12.92
CA LEU A 505 24.52 -47.34 -13.93
C LEU A 505 23.87 -47.10 -15.27
N ASP A 506 22.90 -47.96 -15.64
CA ASP A 506 22.21 -47.77 -16.91
C ASP A 506 21.32 -46.54 -16.90
N LYS A 507 20.64 -46.29 -15.77
CA LYS A 507 19.83 -45.10 -15.62
C LYS A 507 20.65 -43.87 -15.27
N LYS A 508 21.97 -44.02 -15.10
CA LYS A 508 22.87 -42.92 -14.74
C LYS A 508 22.42 -42.25 -13.44
N GLN A 509 22.05 -43.06 -12.46
CA GLN A 509 21.67 -42.59 -11.14
C GLN A 509 22.84 -42.80 -10.18
N ARG A 510 23.21 -41.75 -9.46
CA ARG A 510 24.37 -41.78 -8.58
C ARG A 510 23.98 -42.32 -7.21
N PHE A 511 24.86 -43.17 -6.66
CA PHE A 511 24.65 -43.68 -5.31
C PHE A 511 24.97 -42.60 -4.28
N HIS A 512 24.45 -42.79 -3.07
CA HIS A 512 24.59 -41.81 -2.00
C HIS A 512 25.13 -42.48 -0.75
N ASN A 513 26.05 -41.81 -0.08
CA ASN A 513 26.69 -42.32 1.15
C ASN A 513 26.16 -41.52 2.34
N ILE A 514 25.09 -42.02 2.94
CA ILE A 514 24.44 -41.38 4.09
C ILE A 514 24.91 -42.08 5.36
N ARG A 515 25.44 -41.30 6.30
CA ARG A 515 25.90 -41.82 7.59
C ARG A 515 26.95 -42.93 7.41
N GLY A 516 27.84 -42.73 6.44
CA GLY A 516 28.87 -43.71 6.16
C GLY A 516 28.40 -44.97 5.46
N ARG A 517 27.19 -44.97 4.91
CA ARG A 517 26.62 -46.14 4.26
C ARG A 517 26.16 -45.75 2.85
N TRP A 518 26.65 -46.50 1.86
CA TRP A 518 26.25 -46.26 0.48
C TRP A 518 24.84 -46.78 0.23
N THR A 519 23.98 -45.94 -0.34
CA THR A 519 22.58 -46.26 -0.53
C THR A 519 22.19 -46.07 -2.00
N GLY A 520 21.36 -46.99 -2.49
CA GLY A 520 20.86 -46.91 -3.85
C GLY A 520 19.47 -47.50 -3.97
N ARG A 521 18.54 -46.76 -4.58
CA ARG A 521 17.15 -47.18 -4.63
C ARG A 521 17.00 -48.48 -5.42
N CYS A 522 16.16 -49.37 -4.88
CA CYS A 522 15.83 -50.61 -5.57
C CYS A 522 14.77 -50.36 -6.63
N MET A 523 14.58 -51.38 -7.49
CA MET A 523 13.62 -51.24 -8.58
C MET A 523 12.19 -51.06 -8.05
N SER A 524 11.85 -51.77 -6.97
CA SER A 524 10.49 -51.69 -6.44
C SER A 524 10.20 -50.32 -5.86
N CYS A 525 11.16 -49.74 -5.15
CA CYS A 525 10.96 -48.44 -4.51
C CYS A 525 11.03 -47.27 -5.50
N SER A 526 11.47 -47.51 -6.74
CA SER A 526 11.60 -46.43 -7.70
C SER A 526 10.24 -45.83 -8.05
N ARG A 527 9.23 -46.68 -8.23
CA ARG A 527 7.87 -46.23 -8.49
C ARG A 527 7.05 -46.28 -7.21
N SER A 528 5.83 -45.75 -7.29
CA SER A 528 4.94 -45.72 -6.13
C SER A 528 4.52 -47.14 -5.76
N SER A 529 4.63 -47.46 -4.48
CA SER A 529 4.27 -48.80 -4.00
C SER A 529 2.77 -48.95 -3.87
N ILE B 11 10.99 -43.35 27.95
CA ILE B 11 9.87 -42.65 28.57
C ILE B 11 9.00 -43.61 29.36
N GLU B 12 8.62 -43.19 30.57
CA GLU B 12 7.74 -44.01 31.40
C GLU B 12 6.38 -44.18 30.73
N GLU B 13 5.90 -45.43 30.72
CA GLU B 13 4.59 -45.76 30.16
C GLU B 13 3.56 -45.75 31.28
N GLY B 14 2.55 -44.89 31.16
CA GLY B 14 1.54 -44.75 32.18
C GLY B 14 1.32 -43.31 32.56
N LYS B 15 2.30 -42.70 33.23
CA LYS B 15 2.22 -41.29 33.57
C LYS B 15 2.43 -40.43 32.32
N LEU B 16 1.62 -39.38 32.20
CA LEU B 16 1.72 -38.45 31.07
C LEU B 16 2.43 -37.19 31.53
N VAL B 17 3.44 -36.79 30.78
CA VAL B 17 4.25 -35.60 31.09
C VAL B 17 3.78 -34.46 30.21
N ILE B 18 3.41 -33.34 30.84
CA ILE B 18 2.92 -32.16 30.13
C ILE B 18 3.79 -30.98 30.54
N TRP B 19 4.21 -30.19 29.55
CA TRP B 19 5.01 -28.99 29.77
C TRP B 19 4.23 -27.78 29.32
N ILE B 20 4.15 -26.76 30.19
CA ILE B 20 3.48 -25.51 29.90
C ILE B 20 4.29 -24.38 30.51
N ASN B 21 4.22 -23.20 29.89
CA ASN B 21 5.02 -22.07 30.33
C ASN B 21 4.47 -21.52 31.66
N GLY B 22 5.34 -20.76 32.35
CA GLY B 22 4.98 -20.27 33.67
C GLY B 22 3.91 -19.21 33.65
N ASP B 23 3.84 -18.41 32.58
CA ASP B 23 2.81 -17.39 32.49
C ASP B 23 1.42 -17.99 32.36
N LYS B 24 1.32 -19.19 31.79
CA LYS B 24 0.05 -19.87 31.68
C LYS B 24 -0.34 -20.51 33.01
N GLY B 25 -1.59 -20.96 33.09
CA GLY B 25 -2.10 -21.57 34.31
C GLY B 25 -1.72 -23.02 34.48
N TYR B 26 -0.56 -23.29 35.09
CA TYR B 26 -0.14 -24.66 35.30
C TYR B 26 -0.97 -25.35 36.37
N ASN B 27 -1.44 -24.61 37.37
CA ASN B 27 -2.26 -25.21 38.43
C ASN B 27 -3.61 -25.66 37.89
N GLY B 28 -4.21 -24.85 37.01
CA GLY B 28 -5.47 -25.24 36.42
C GLY B 28 -5.36 -26.46 35.53
N LEU B 29 -4.25 -26.58 34.79
CA LEU B 29 -4.02 -27.77 33.98
C LEU B 29 -3.84 -29.02 34.83
N ALA B 30 -3.23 -28.87 36.01
CA ALA B 30 -3.05 -30.02 36.89
C ALA B 30 -4.37 -30.48 37.50
N GLU B 31 -5.29 -29.56 37.76
CA GLU B 31 -6.57 -29.94 38.35
C GLU B 31 -7.41 -30.76 37.38
N VAL B 32 -7.39 -30.40 36.10
CA VAL B 32 -8.06 -31.22 35.09
C VAL B 32 -7.40 -32.59 35.01
N GLY B 33 -6.08 -32.65 35.25
CA GLY B 33 -5.40 -33.93 35.29
C GLY B 33 -5.75 -34.74 36.54
N LYS B 34 -6.01 -34.05 37.65
CA LYS B 34 -6.53 -34.73 38.83
C LYS B 34 -7.88 -35.39 38.53
N LYS B 35 -8.68 -34.74 37.69
CA LYS B 35 -9.94 -35.33 37.26
C LYS B 35 -9.70 -36.60 36.44
N PHE B 36 -8.66 -36.57 35.61
CA PHE B 36 -8.29 -37.76 34.85
C PHE B 36 -7.80 -38.88 35.75
N GLU B 37 -7.20 -38.53 36.89
CA GLU B 37 -6.68 -39.54 37.81
C GLU B 37 -7.81 -40.21 38.60
N LYS B 38 -8.85 -39.44 38.95
CA LYS B 38 -9.96 -40.02 39.69
C LYS B 38 -10.91 -40.77 38.78
N ASP B 39 -11.20 -40.23 37.59
CA ASP B 39 -12.18 -40.84 36.70
C ASP B 39 -11.62 -42.05 35.97
N THR B 40 -10.40 -41.95 35.45
CA THR B 40 -9.83 -43.00 34.62
C THR B 40 -8.66 -43.72 35.27
N GLY B 41 -8.12 -43.20 36.38
CA GLY B 41 -7.06 -43.88 37.08
C GLY B 41 -5.68 -43.64 36.53
N ILE B 42 -5.47 -42.56 35.78
CA ILE B 42 -4.18 -42.23 35.20
C ILE B 42 -3.77 -40.85 35.71
N LYS B 43 -2.68 -40.81 36.48
CA LYS B 43 -2.16 -39.57 37.03
C LYS B 43 -1.21 -38.92 36.03
N VAL B 44 -1.41 -37.62 35.79
CA VAL B 44 -0.55 -36.86 34.89
C VAL B 44 0.21 -35.84 35.72
N THR B 45 1.42 -35.52 35.27
CA THR B 45 2.30 -34.59 35.97
C THR B 45 2.63 -33.44 35.04
N VAL B 46 2.32 -32.22 35.48
CA VAL B 46 2.59 -31.01 34.70
C VAL B 46 3.75 -30.27 35.36
N GLU B 47 4.76 -29.95 34.56
CA GLU B 47 5.95 -29.24 35.02
C GLU B 47 6.13 -27.98 34.18
N HIS B 48 6.44 -26.87 34.84
CA HIS B 48 6.68 -25.61 34.16
C HIS B 48 8.19 -25.43 33.96
N PRO B 49 8.72 -25.65 32.77
CA PRO B 49 10.18 -25.58 32.59
C PRO B 49 10.63 -24.25 32.03
N ASP B 50 11.76 -23.74 32.53
CA ASP B 50 12.36 -22.55 31.96
C ASP B 50 12.96 -22.88 30.59
N LYS B 51 12.76 -21.96 29.64
CA LYS B 51 13.22 -22.14 28.26
C LYS B 51 12.63 -23.42 27.65
N LEU B 52 11.33 -23.64 27.88
CA LEU B 52 10.68 -24.82 27.35
C LEU B 52 10.65 -24.82 25.82
N GLU B 53 10.69 -23.63 25.21
CA GLU B 53 10.72 -23.55 23.74
C GLU B 53 12.00 -24.16 23.18
N GLU B 54 13.11 -24.03 23.91
CA GLU B 54 14.38 -24.58 23.48
C GLU B 54 14.58 -26.01 23.96
N LYS B 55 13.96 -26.38 25.08
CA LYS B 55 14.24 -27.69 25.69
C LYS B 55 13.62 -28.83 24.88
N PHE B 56 12.40 -28.64 24.38
CA PHE B 56 11.71 -29.72 23.70
C PHE B 56 12.43 -30.20 22.44
N PRO B 57 12.95 -29.33 21.55
CA PRO B 57 13.72 -29.86 20.42
C PRO B 57 14.95 -30.65 20.83
N GLN B 58 15.60 -30.27 21.94
CA GLN B 58 16.78 -30.99 22.39
C GLN B 58 16.42 -32.39 22.85
N VAL B 59 15.40 -32.51 23.70
CA VAL B 59 15.09 -33.80 24.31
C VAL B 59 14.35 -34.71 23.33
N ALA B 60 13.58 -34.16 22.39
CA ALA B 60 12.80 -34.99 21.48
C ALA B 60 13.69 -35.77 20.54
N ALA B 61 14.87 -35.24 20.20
CA ALA B 61 15.80 -35.99 19.36
C ALA B 61 16.29 -37.24 20.08
N THR B 62 16.51 -37.14 21.39
CA THR B 62 16.90 -38.30 22.18
C THR B 62 15.74 -39.24 22.45
N GLY B 63 14.51 -38.86 22.09
CA GLY B 63 13.34 -39.62 22.41
C GLY B 63 12.68 -39.24 23.73
N ASP B 64 13.41 -38.56 24.61
CA ASP B 64 12.87 -38.11 25.88
C ASP B 64 12.00 -36.87 25.67
N GLY B 65 11.31 -36.47 26.73
CA GLY B 65 10.50 -35.27 26.69
C GLY B 65 9.08 -35.48 27.14
N PRO B 66 8.28 -34.43 27.13
CA PRO B 66 6.88 -34.53 27.58
C PRO B 66 6.01 -35.20 26.54
N ASP B 67 4.97 -35.87 27.03
CA ASP B 67 3.98 -36.45 26.13
C ASP B 67 3.18 -35.35 25.43
N ILE B 68 2.84 -34.29 26.15
CA ILE B 68 2.11 -33.15 25.61
C ILE B 68 2.93 -31.89 25.85
N ILE B 69 3.08 -31.07 24.81
CA ILE B 69 3.79 -29.80 24.90
C ILE B 69 2.80 -28.69 24.59
N PHE B 70 2.81 -27.65 25.44
CA PHE B 70 1.93 -26.50 25.27
C PHE B 70 2.76 -25.29 24.89
N TRP B 71 2.50 -24.74 23.70
CA TRP B 71 3.22 -23.58 23.20
C TRP B 71 2.43 -22.99 22.05
N ALA B 72 2.79 -21.77 21.66
CA ALA B 72 2.18 -21.15 20.50
C ALA B 72 2.57 -21.90 19.23
N HIS B 73 1.75 -21.72 18.19
CA HIS B 73 1.89 -22.50 16.98
C HIS B 73 3.06 -22.07 16.10
N ASP B 74 3.83 -21.07 16.50
CA ASP B 74 4.92 -20.58 15.66
C ASP B 74 6.04 -21.61 15.55
N ARG B 75 6.46 -22.19 16.68
CA ARG B 75 7.55 -23.15 16.69
C ARG B 75 7.08 -24.59 16.47
N PHE B 76 5.77 -24.83 16.46
CA PHE B 76 5.28 -26.19 16.25
C PHE B 76 5.56 -26.68 14.84
N GLY B 77 5.53 -25.78 13.85
CA GLY B 77 5.82 -26.17 12.49
C GLY B 77 7.26 -26.64 12.32
N GLY B 78 8.20 -25.96 12.97
CA GLY B 78 9.58 -26.40 12.94
C GLY B 78 9.80 -27.72 13.65
N TYR B 79 9.02 -27.97 14.71
CA TYR B 79 9.09 -29.27 15.39
C TYR B 79 8.60 -30.38 14.48
N ALA B 80 7.52 -30.14 13.73
CA ALA B 80 6.96 -31.17 12.87
C ALA B 80 7.91 -31.52 11.72
N GLN B 81 8.58 -30.51 11.15
CA GLN B 81 9.54 -30.78 10.10
C GLN B 81 10.71 -31.61 10.62
N SER B 82 11.12 -31.36 11.86
CA SER B 82 12.18 -32.16 12.48
C SER B 82 11.70 -33.54 12.90
N GLY B 83 10.39 -33.80 12.86
CA GLY B 83 9.85 -35.07 13.28
C GLY B 83 9.59 -35.19 14.76
N LEU B 84 9.79 -34.12 15.53
CA LEU B 84 9.58 -34.19 16.98
C LEU B 84 8.12 -34.37 17.32
N LEU B 85 7.23 -33.63 16.65
CA LEU B 85 5.81 -33.76 16.88
C LEU B 85 5.25 -34.94 16.09
N ALA B 86 3.98 -35.26 16.35
CA ALA B 86 3.28 -36.33 15.66
C ALA B 86 1.92 -35.84 15.21
N GLU B 87 1.40 -36.50 14.17
CA GLU B 87 0.12 -36.12 13.61
C GLU B 87 -1.01 -36.47 14.57
N ILE B 88 -2.07 -35.66 14.54
CA ILE B 88 -3.23 -35.85 15.39
C ILE B 88 -4.49 -35.80 14.54
N THR B 89 -5.44 -36.68 14.83
CA THR B 89 -6.72 -36.73 14.12
C THR B 89 -7.83 -36.74 15.18
N PRO B 90 -8.69 -35.72 15.21
CA PRO B 90 -9.64 -35.61 16.33
C PRO B 90 -11.08 -35.93 15.95
N ASP B 91 -11.30 -36.48 14.75
CA ASP B 91 -12.65 -36.74 14.22
C ASP B 91 -13.37 -35.44 13.89
N LYS B 92 -14.26 -35.48 12.88
CA LYS B 92 -14.90 -34.26 12.39
C LYS B 92 -15.79 -33.62 13.44
N ALA B 93 -16.43 -34.43 14.29
CA ALA B 93 -17.33 -33.86 15.30
C ALA B 93 -16.58 -32.94 16.26
N PHE B 94 -15.39 -33.36 16.71
CA PHE B 94 -14.57 -32.49 17.53
C PHE B 94 -14.04 -31.29 16.75
N GLN B 95 -13.77 -31.49 15.45
CA GLN B 95 -13.35 -30.37 14.62
C GLN B 95 -14.44 -29.31 14.50
N ASP B 96 -15.70 -29.75 14.51
CA ASP B 96 -16.81 -28.79 14.49
C ASP B 96 -16.97 -28.09 15.83
N LYS B 97 -16.59 -28.75 16.92
CA LYS B 97 -16.75 -28.16 18.24
C LYS B 97 -15.82 -26.97 18.43
N LEU B 98 -14.60 -27.06 17.93
CA LEU B 98 -13.65 -25.96 18.01
C LEU B 98 -13.83 -25.02 16.82
N TYR B 99 -13.41 -23.78 17.00
CA TYR B 99 -13.53 -22.79 15.95
C TYR B 99 -12.62 -23.13 14.77
N PRO B 100 -13.04 -22.83 13.54
CA PRO B 100 -12.26 -23.27 12.37
C PRO B 100 -10.91 -22.57 12.25
N PHE B 101 -10.84 -21.27 12.52
CA PHE B 101 -9.57 -20.56 12.34
C PHE B 101 -8.51 -21.06 13.31
N THR B 102 -8.92 -21.62 14.45
CA THR B 102 -7.95 -22.19 15.38
C THR B 102 -7.31 -23.45 14.80
N TRP B 103 -8.08 -24.24 14.03
CA TRP B 103 -7.52 -25.41 13.37
C TRP B 103 -6.56 -25.01 12.25
N ASP B 104 -6.80 -23.85 11.62
CA ASP B 104 -5.91 -23.40 10.56
C ASP B 104 -4.53 -23.06 11.10
N ALA B 105 -4.43 -22.61 12.34
CA ALA B 105 -3.14 -22.27 12.91
C ALA B 105 -2.29 -23.50 13.21
N VAL B 106 -2.93 -24.63 13.49
CA VAL B 106 -2.21 -25.84 13.87
C VAL B 106 -2.06 -26.75 12.65
N ARG B 107 -2.36 -26.20 11.47
CA ARG B 107 -2.29 -26.96 10.22
C ARG B 107 -0.96 -26.69 9.54
N TYR B 108 -0.14 -27.74 9.42
CA TYR B 108 1.15 -27.66 8.75
C TYR B 108 1.26 -28.82 7.76
N ASN B 109 1.46 -28.49 6.48
CA ASN B 109 1.49 -29.48 5.39
C ASN B 109 0.22 -30.33 5.37
N GLY B 110 -0.93 -29.67 5.51
CA GLY B 110 -2.21 -30.38 5.63
C GLY B 110 -2.50 -31.13 6.91
N LYS B 111 -1.56 -31.95 7.37
CA LYS B 111 -1.78 -32.73 8.58
C LYS B 111 -1.83 -31.81 9.80
N LEU B 112 -2.83 -32.02 10.65
CA LEU B 112 -2.92 -31.28 11.90
C LEU B 112 -1.81 -31.75 12.84
N ILE B 113 -1.04 -30.79 13.36
CA ILE B 113 0.12 -31.11 14.19
C ILE B 113 -0.12 -30.90 15.68
N ALA B 114 -1.15 -30.14 16.06
CA ALA B 114 -1.41 -29.87 17.46
C ALA B 114 -2.90 -29.60 17.65
N TYR B 115 -3.31 -29.54 18.92
CA TYR B 115 -4.70 -29.27 19.27
C TYR B 115 -4.85 -27.81 19.68
N PRO B 116 -5.60 -27.00 18.94
CA PRO B 116 -5.77 -25.59 19.33
C PRO B 116 -6.56 -25.48 20.63
N ILE B 117 -6.09 -24.59 21.50
CA ILE B 117 -6.69 -24.38 22.82
C ILE B 117 -7.33 -23.01 22.94
N ALA B 118 -6.52 -21.95 22.81
CA ALA B 118 -7.01 -20.59 23.00
C ALA B 118 -6.27 -19.64 22.08
N VAL B 119 -6.90 -18.49 21.81
CA VAL B 119 -6.30 -17.43 21.00
C VAL B 119 -5.83 -16.33 21.94
N GLU B 120 -4.58 -15.90 21.76
CA GLU B 120 -3.96 -14.90 22.62
C GLU B 120 -3.38 -13.79 21.78
N ALA B 121 -3.53 -12.55 22.25
CA ALA B 121 -3.02 -11.38 21.56
C ALA B 121 -2.73 -10.29 22.58
N LEU B 122 -1.75 -9.45 22.27
CA LEU B 122 -1.36 -8.39 23.18
C LEU B 122 -2.39 -7.27 23.20
N SER B 123 -2.49 -6.59 24.34
CA SER B 123 -3.41 -5.47 24.51
C SER B 123 -2.83 -4.52 25.54
N LEU B 124 -3.26 -3.27 25.45
CA LEU B 124 -2.79 -2.24 26.37
C LEU B 124 -3.55 -2.35 27.69
N ILE B 125 -2.81 -2.34 28.80
CA ILE B 125 -3.37 -2.35 30.14
C ILE B 125 -3.00 -1.05 30.81
N TYR B 126 -4.01 -0.32 31.31
CA TYR B 126 -3.79 0.97 31.93
C TYR B 126 -4.54 1.07 33.24
N ASN B 127 -3.97 1.81 34.18
CA ASN B 127 -4.58 2.06 35.48
C ASN B 127 -5.48 3.28 35.37
N LYS B 128 -6.78 3.09 35.57
CA LYS B 128 -7.73 4.20 35.42
C LYS B 128 -7.51 5.26 36.48
N ASP B 129 -7.15 4.85 37.70
CA ASP B 129 -6.92 5.82 38.76
C ASP B 129 -5.72 6.71 38.46
N LEU B 130 -4.63 6.11 37.97
CA LEU B 130 -3.46 6.90 37.61
C LEU B 130 -3.70 7.70 36.33
N LEU B 131 -4.35 7.08 35.35
CA LEU B 131 -4.66 7.75 34.09
C LEU B 131 -6.06 7.37 33.64
N PRO B 132 -7.03 8.28 33.76
CA PRO B 132 -8.42 7.92 33.41
C PRO B 132 -8.61 7.62 31.93
N ASN B 133 -8.02 8.43 31.04
CA ASN B 133 -8.20 8.25 29.61
C ASN B 133 -6.88 7.84 28.97
N PRO B 134 -6.83 6.67 28.31
CA PRO B 134 -5.56 6.23 27.73
C PRO B 134 -5.19 7.07 26.52
N PRO B 135 -3.90 7.19 26.22
CA PRO B 135 -3.50 7.94 25.02
C PRO B 135 -3.90 7.22 23.75
N LYS B 136 -4.37 7.99 22.78
CA LYS B 136 -4.82 7.40 21.52
C LYS B 136 -3.67 7.07 20.59
N THR B 137 -2.58 7.85 20.63
CA THR B 137 -1.44 7.67 19.74
C THR B 137 -0.19 7.36 20.55
N TRP B 138 0.73 6.64 19.91
CA TRP B 138 2.03 6.38 20.53
C TRP B 138 2.83 7.66 20.72
N GLU B 139 2.66 8.64 19.82
CA GLU B 139 3.42 9.87 19.91
C GLU B 139 3.03 10.71 21.12
N GLU B 140 1.85 10.49 21.69
CA GLU B 140 1.46 11.20 22.90
C GLU B 140 2.14 10.65 24.15
N ILE B 141 2.71 9.44 24.07
CA ILE B 141 3.30 8.83 25.26
C ILE B 141 4.47 9.62 25.80
N PRO B 142 5.40 10.14 24.99
CA PRO B 142 6.48 10.97 25.55
C PRO B 142 5.99 12.12 26.43
N ALA B 143 4.95 12.83 26.00
CA ALA B 143 4.45 13.96 26.78
C ALA B 143 3.81 13.50 28.07
N LEU B 144 3.10 12.37 28.04
CA LEU B 144 2.46 11.86 29.24
C LEU B 144 3.49 11.44 30.29
N ASP B 145 4.62 10.89 29.84
CA ASP B 145 5.66 10.47 30.77
C ASP B 145 6.22 11.67 31.54
N LYS B 146 6.49 12.77 30.84
CA LYS B 146 7.02 13.96 31.50
C LYS B 146 6.06 14.47 32.57
N GLU B 147 4.76 14.51 32.27
CA GLU B 147 3.78 14.91 33.26
C GLU B 147 3.75 13.92 34.42
N LEU B 148 3.79 12.62 34.12
CA LEU B 148 3.76 11.61 35.17
C LEU B 148 5.07 11.56 35.93
N LYS B 149 6.18 11.92 35.28
CA LYS B 149 7.47 11.92 35.97
C LYS B 149 7.47 12.91 37.12
N ALA B 150 6.81 14.06 36.95
CA ALA B 150 6.70 15.02 38.04
C ALA B 150 5.92 14.45 39.21
N LYS B 151 4.94 13.59 38.94
CA LYS B 151 4.21 12.90 39.99
C LYS B 151 4.98 11.72 40.56
N GLY B 152 6.16 11.41 40.02
CA GLY B 152 6.93 10.27 40.46
C GLY B 152 6.58 8.96 39.81
N LYS B 153 5.73 8.98 38.78
CA LYS B 153 5.30 7.77 38.09
C LYS B 153 5.83 7.76 36.66
N SER B 154 5.84 6.56 36.07
CA SER B 154 6.23 6.38 34.68
C SER B 154 5.00 6.05 33.85
N ALA B 155 5.01 6.50 32.59
CA ALA B 155 3.84 6.32 31.74
C ALA B 155 3.68 4.87 31.30
N LEU B 156 4.72 4.29 30.70
CA LEU B 156 4.63 2.96 30.11
C LEU B 156 5.90 2.18 30.38
N MET B 157 5.74 0.92 30.81
CA MET B 157 6.85 -0.01 30.99
C MET B 157 6.39 -1.39 30.51
N PHE B 158 7.16 -1.99 29.61
CA PHE B 158 6.84 -3.32 29.11
C PHE B 158 8.12 -4.04 28.75
N ASN B 159 8.02 -5.35 28.59
CA ASN B 159 9.19 -6.19 28.35
C ASN B 159 9.84 -5.83 27.02
N LEU B 160 11.11 -5.42 27.10
CA LEU B 160 11.91 -5.16 25.91
C LEU B 160 12.86 -6.31 25.57
N GLN B 161 13.04 -7.25 26.49
CA GLN B 161 13.93 -8.39 26.23
C GLN B 161 13.32 -9.35 25.22
N GLU B 162 11.99 -9.48 25.22
CA GLU B 162 11.32 -10.38 24.27
C GLU B 162 10.72 -9.60 23.13
N PRO B 163 10.98 -10.00 21.88
CA PRO B 163 10.48 -9.22 20.73
C PRO B 163 8.97 -9.26 20.57
N TYR B 164 8.28 -10.16 21.26
CA TYR B 164 6.83 -10.27 21.12
C TYR B 164 6.14 -8.97 21.52
N PHE B 165 6.62 -8.33 22.59
CA PHE B 165 5.99 -7.11 23.09
C PHE B 165 6.36 -5.89 22.26
N THR B 166 7.50 -5.92 21.58
CA THR B 166 7.98 -4.78 20.81
C THR B 166 7.47 -4.79 19.37
N TRP B 167 6.90 -5.89 18.90
CA TRP B 167 6.51 -6.04 17.51
C TRP B 167 5.37 -5.11 17.07
N PRO B 168 4.32 -4.88 17.88
CA PRO B 168 3.24 -3.98 17.42
C PRO B 168 3.71 -2.63 16.91
N LEU B 169 4.71 -2.03 17.57
CA LEU B 169 5.23 -0.75 17.10
C LEU B 169 5.96 -0.90 15.76
N ILE B 170 6.60 -2.05 15.54
CA ILE B 170 7.42 -2.24 14.35
C ILE B 170 6.54 -2.38 13.10
N ALA B 171 5.42 -3.09 13.23
CA ALA B 171 4.60 -3.45 12.08
C ALA B 171 3.53 -2.42 11.74
N ALA B 172 3.55 -1.25 12.39
CA ALA B 172 2.53 -0.25 12.14
C ALA B 172 2.65 0.31 10.72
N ASP B 173 3.79 0.91 10.40
CA ASP B 173 4.04 1.46 9.08
C ASP B 173 4.66 0.46 8.12
N GLY B 174 4.76 -0.79 8.51
CA GLY B 174 5.36 -1.82 7.68
C GLY B 174 5.64 -3.09 8.47
N GLY B 175 6.92 -3.40 8.65
CA GLY B 175 7.34 -4.50 9.49
C GLY B 175 6.61 -5.80 9.27
N TYR B 176 6.78 -6.39 8.08
CA TYR B 176 6.15 -7.67 7.75
C TYR B 176 7.21 -8.76 7.84
N ALA B 177 7.02 -9.70 8.77
CA ALA B 177 7.95 -10.80 8.91
C ALA B 177 8.05 -11.61 7.63
N PHE B 178 6.91 -11.87 6.99
CA PHE B 178 6.87 -12.59 5.73
C PHE B 178 5.74 -12.03 4.89
N LYS B 179 5.73 -12.37 3.60
CA LYS B 179 4.77 -11.78 2.68
C LYS B 179 3.39 -12.41 2.83
N TYR B 180 2.56 -12.32 1.78
CA TYR B 180 1.19 -12.79 1.87
C TYR B 180 1.14 -14.29 2.13
N GLU B 181 0.03 -14.74 2.73
CA GLU B 181 -0.05 -16.09 3.26
C GLU B 181 0.12 -17.13 2.17
N ASN B 182 -0.48 -16.92 1.00
CA ASN B 182 -0.30 -17.85 -0.11
C ASN B 182 1.16 -17.93 -0.53
N GLY B 183 1.84 -16.79 -0.58
CA GLY B 183 3.26 -16.76 -0.89
C GLY B 183 4.11 -17.16 0.30
N LYS B 184 3.74 -16.67 1.48
CA LYS B 184 4.46 -16.93 2.74
C LYS B 184 5.90 -16.49 2.53
N TYR B 185 6.90 -17.36 2.70
CA TYR B 185 8.29 -17.01 2.43
C TYR B 185 8.48 -16.83 0.94
N ASP B 186 8.67 -15.59 0.50
CA ASP B 186 8.96 -15.28 -0.89
C ASP B 186 10.45 -15.25 -1.18
N ILE B 187 11.26 -15.91 -0.35
CA ILE B 187 12.72 -15.95 -0.45
C ILE B 187 13.29 -14.56 -0.26
N LYS B 188 13.86 -14.31 0.92
CA LYS B 188 14.48 -13.02 1.27
C LYS B 188 13.49 -11.86 1.15
N ASP B 189 12.21 -12.13 1.44
CA ASP B 189 11.20 -11.09 1.49
C ASP B 189 10.90 -10.68 2.93
N VAL B 190 11.86 -10.86 3.83
CA VAL B 190 11.67 -10.48 5.22
C VAL B 190 11.68 -8.96 5.33
N GLY B 191 10.61 -8.41 5.90
CA GLY B 191 10.47 -6.97 6.01
C GLY B 191 10.87 -6.44 7.38
N VAL B 192 12.12 -6.65 7.76
CA VAL B 192 12.66 -6.05 8.98
C VAL B 192 13.54 -4.84 8.69
N ASP B 193 14.06 -4.72 7.47
CA ASP B 193 14.85 -3.56 7.07
C ASP B 193 14.02 -2.51 6.36
N ASN B 194 12.70 -2.69 6.27
CA ASN B 194 11.85 -1.72 5.61
C ASN B 194 11.70 -0.47 6.49
N ALA B 195 11.17 0.59 5.86
CA ALA B 195 11.08 1.88 6.55
C ALA B 195 10.12 1.83 7.73
N GLY B 196 9.01 1.09 7.59
CA GLY B 196 8.07 0.99 8.70
C GLY B 196 8.67 0.31 9.91
N ALA B 197 9.48 -0.74 9.69
CA ALA B 197 10.16 -1.38 10.80
C ALA B 197 11.23 -0.48 11.40
N LYS B 198 11.93 0.28 10.54
CA LYS B 198 12.95 1.18 11.03
C LYS B 198 12.35 2.32 11.86
N ALA B 199 11.17 2.81 11.46
CA ALA B 199 10.55 3.91 12.19
C ALA B 199 10.06 3.46 13.56
N GLY B 200 9.49 2.26 13.64
CA GLY B 200 9.00 1.78 14.92
C GLY B 200 10.10 1.55 15.93
N LEU B 201 11.24 0.99 15.48
CA LEU B 201 12.37 0.79 16.37
C LEU B 201 12.99 2.12 16.78
N THR B 202 13.04 3.09 15.86
CA THR B 202 13.59 4.40 16.19
C THR B 202 12.75 5.09 17.24
N PHE B 203 11.42 4.92 17.19
CA PHE B 203 10.56 5.49 18.22
C PHE B 203 10.83 4.85 19.58
N LEU B 204 11.06 3.53 19.59
CA LEU B 204 11.37 2.85 20.84
C LEU B 204 12.72 3.29 21.40
N VAL B 205 13.72 3.44 20.53
CA VAL B 205 15.02 3.92 20.98
C VAL B 205 14.92 5.35 21.49
N ASP B 206 14.14 6.19 20.80
CA ASP B 206 13.96 7.56 21.24
C ASP B 206 13.25 7.62 22.60
N LEU B 207 12.35 6.68 22.86
CA LEU B 207 11.70 6.63 24.18
C LEU B 207 12.72 6.31 25.27
N ILE B 208 13.68 5.44 24.97
CA ILE B 208 14.70 5.08 25.96
C ILE B 208 15.72 6.21 26.11
N LYS B 209 16.15 6.79 24.99
CA LYS B 209 17.16 7.84 25.06
C LYS B 209 16.62 9.11 25.71
N ASN B 210 15.31 9.37 25.58
CA ASN B 210 14.66 10.48 26.26
C ASN B 210 14.13 10.09 27.63
N LYS B 211 14.78 9.13 28.29
CA LYS B 211 14.53 8.72 29.68
C LYS B 211 13.07 8.37 29.97
N HIS B 212 12.26 8.17 28.92
CA HIS B 212 10.88 7.71 29.15
C HIS B 212 10.85 6.24 29.54
N MET B 213 11.72 5.42 28.97
CA MET B 213 11.78 4.00 29.26
C MET B 213 13.23 3.57 29.46
N ASN B 214 13.39 2.36 29.99
CA ASN B 214 14.71 1.80 30.26
C ASN B 214 14.88 0.50 29.49
N ALA B 215 16.08 0.30 28.94
CA ALA B 215 16.33 -0.90 28.14
C ALA B 215 16.40 -2.15 28.99
N ASP B 216 16.82 -2.03 30.25
CA ASP B 216 16.93 -3.19 31.13
C ASP B 216 15.58 -3.74 31.59
N THR B 217 14.48 -3.14 31.15
CA THR B 217 13.16 -3.57 31.58
C THR B 217 12.85 -4.97 31.06
N ASP B 218 12.31 -5.81 31.94
CA ASP B 218 11.91 -7.16 31.57
C ASP B 218 10.47 -7.42 32.01
N TYR B 219 10.02 -8.68 31.88
CA TYR B 219 8.63 -9.00 32.19
C TYR B 219 8.33 -8.81 33.67
N SER B 220 9.20 -9.35 34.54
CA SER B 220 8.94 -9.27 35.97
C SER B 220 9.02 -7.82 36.47
N ILE B 221 9.94 -7.03 35.93
CA ILE B 221 10.08 -5.64 36.36
C ILE B 221 8.84 -4.84 35.94
N ALA B 222 8.36 -5.05 34.71
CA ALA B 222 7.20 -4.29 34.23
C ALA B 222 5.93 -4.71 34.94
N GLU B 223 5.80 -6.00 35.24
CA GLU B 223 4.59 -6.47 35.92
C GLU B 223 4.47 -5.90 37.33
N ALA B 224 5.58 -5.88 38.06
CA ALA B 224 5.54 -5.37 39.44
C ALA B 224 5.24 -3.88 39.47
N ALA B 225 5.78 -3.12 38.51
CA ALA B 225 5.55 -1.68 38.51
C ALA B 225 4.08 -1.34 38.33
N PHE B 226 3.40 -2.04 37.42
CA PHE B 226 1.97 -1.77 37.21
C PHE B 226 1.14 -2.21 38.41
N ASN B 227 1.49 -3.35 39.01
CA ASN B 227 0.73 -3.84 40.15
C ASN B 227 0.91 -2.94 41.37
N LYS B 228 2.12 -2.41 41.58
CA LYS B 228 2.37 -1.50 42.68
C LYS B 228 1.96 -0.07 42.35
N GLY B 229 1.41 0.18 41.16
CA GLY B 229 1.00 1.51 40.77
C GLY B 229 2.12 2.44 40.34
N GLU B 230 3.32 1.91 40.10
CA GLU B 230 4.45 2.74 39.73
C GLU B 230 4.35 3.19 38.27
N THR B 231 3.96 2.30 37.38
CA THR B 231 3.76 2.65 35.98
C THR B 231 2.26 2.65 35.65
N ALA B 232 1.87 3.54 34.75
CA ALA B 232 0.46 3.70 34.42
C ALA B 232 -0.02 2.74 33.34
N MET B 233 0.86 2.39 32.39
CA MET B 233 0.49 1.53 31.28
C MET B 233 1.51 0.42 31.11
N THR B 234 1.04 -0.70 30.57
CA THR B 234 1.91 -1.82 30.23
C THR B 234 1.24 -2.62 29.12
N ILE B 235 2.06 -3.32 28.34
CA ILE B 235 1.59 -4.12 27.22
C ILE B 235 1.75 -5.58 27.62
N ASN B 236 0.64 -6.24 27.91
CA ASN B 236 0.67 -7.65 28.31
C ASN B 236 -0.58 -8.34 27.79
N GLY B 237 -0.54 -9.67 27.83
CA GLY B 237 -1.64 -10.48 27.33
C GLY B 237 -2.64 -10.82 28.42
N PRO B 238 -3.57 -11.72 28.10
CA PRO B 238 -4.58 -12.11 29.09
C PRO B 238 -4.01 -12.85 30.30
N TRP B 239 -2.86 -13.51 30.16
CA TRP B 239 -2.33 -14.32 31.25
C TRP B 239 -2.00 -13.48 32.48
N ALA B 240 -1.61 -12.23 32.29
CA ALA B 240 -1.21 -11.39 33.41
C ALA B 240 -2.40 -10.78 34.15
N TRP B 241 -3.63 -10.97 33.67
CA TRP B 241 -4.78 -10.33 34.30
C TRP B 241 -4.99 -10.84 35.71
N SER B 242 -4.72 -12.13 35.95
CA SER B 242 -4.96 -12.70 37.27
C SER B 242 -4.05 -12.07 38.33
N ASN B 243 -2.76 -11.89 38.01
CA ASN B 243 -1.85 -11.25 38.95
C ASN B 243 -2.21 -9.79 39.14
N ILE B 244 -2.60 -9.10 38.06
CA ILE B 244 -3.04 -7.71 38.19
C ILE B 244 -4.32 -7.63 39.00
N ASP B 245 -5.23 -8.61 38.82
CA ASP B 245 -6.45 -8.63 39.60
C ASP B 245 -6.18 -8.88 41.08
N THR B 246 -5.11 -9.61 41.40
CA THR B 246 -4.75 -9.82 42.79
C THR B 246 -4.43 -8.50 43.47
N SER B 247 -3.69 -7.63 42.81
CA SER B 247 -3.47 -6.29 43.31
C SER B 247 -4.74 -5.46 43.15
N LYS B 248 -4.98 -4.55 44.09
CA LYS B 248 -6.19 -3.74 44.09
C LYS B 248 -5.98 -2.57 43.13
N VAL B 249 -6.10 -2.87 41.84
CA VAL B 249 -5.83 -1.92 40.77
C VAL B 249 -7.01 -1.91 39.80
N ASN B 250 -7.43 -0.70 39.41
CA ASN B 250 -8.49 -0.54 38.40
C ASN B 250 -7.88 -0.68 37.00
N TYR B 251 -7.56 -1.92 36.65
CA TYR B 251 -6.92 -2.20 35.38
C TYR B 251 -7.94 -2.20 34.25
N GLY B 252 -7.55 -1.64 33.11
CA GLY B 252 -8.42 -1.60 31.95
C GLY B 252 -7.72 -2.06 30.68
N VAL B 253 -8.37 -2.94 29.93
CA VAL B 253 -7.82 -3.48 28.69
C VAL B 253 -8.39 -2.68 27.52
N THR B 254 -7.51 -2.13 26.70
CA THR B 254 -7.92 -1.30 25.58
C THR B 254 -7.01 -1.57 24.39
N VAL B 255 -7.35 -0.94 23.26
CA VAL B 255 -6.59 -1.12 22.03
C VAL B 255 -5.25 -0.41 22.13
N LEU B 256 -4.23 -1.00 21.51
CA LEU B 256 -2.90 -0.41 21.52
C LEU B 256 -2.91 0.91 20.74
N PRO B 257 -2.07 1.87 21.13
CA PRO B 257 -2.08 3.18 20.47
C PRO B 257 -1.65 3.10 19.01
N THR B 258 -1.96 4.18 18.29
CA THR B 258 -1.63 4.28 16.88
C THR B 258 -0.25 4.88 16.70
N PHE B 259 0.46 4.40 15.68
CA PHE B 259 1.80 4.89 15.36
C PHE B 259 1.82 5.32 13.91
N LYS B 260 2.18 6.58 13.67
CA LYS B 260 2.20 7.15 12.31
C LYS B 260 0.84 7.03 11.64
N GLY B 261 -0.22 7.24 12.43
CA GLY B 261 -1.56 7.12 11.90
C GLY B 261 -2.00 5.71 11.57
N GLN B 262 -1.17 4.71 11.85
CA GLN B 262 -1.46 3.33 11.54
C GLN B 262 -1.60 2.52 12.82
N PRO B 263 -2.63 1.67 12.92
CA PRO B 263 -2.85 0.92 14.16
C PRO B 263 -1.74 -0.10 14.38
N SER B 264 -1.41 -0.30 15.66
CA SER B 264 -0.41 -1.29 16.03
C SER B 264 -0.90 -2.69 15.69
N LYS B 265 -0.02 -3.51 15.14
CA LYS B 265 -0.36 -4.85 14.68
C LYS B 265 0.32 -5.89 15.57
N PRO B 266 -0.34 -6.35 16.63
CA PRO B 266 0.25 -7.42 17.45
C PRO B 266 0.20 -8.75 16.72
N PHE B 267 1.25 -9.55 16.91
CA PHE B 267 1.25 -10.91 16.38
C PHE B 267 0.30 -11.77 17.21
N VAL B 268 -0.68 -12.38 16.55
CA VAL B 268 -1.71 -13.16 17.23
C VAL B 268 -1.21 -14.59 17.38
N GLY B 269 -1.31 -15.12 18.60
CA GLY B 269 -0.90 -16.48 18.87
C GLY B 269 -2.04 -17.38 19.31
N VAL B 270 -1.87 -18.68 19.16
CA VAL B 270 -2.87 -19.66 19.57
C VAL B 270 -2.18 -20.72 20.40
N LEU B 271 -2.58 -20.83 21.67
CA LEU B 271 -2.06 -21.90 22.52
C LEU B 271 -2.49 -23.25 21.98
N SER B 272 -1.51 -24.14 21.80
CA SER B 272 -1.77 -25.44 21.19
C SER B 272 -1.03 -26.51 21.95
N ALA B 273 -1.51 -27.75 21.80
CA ALA B 273 -0.95 -28.91 22.48
C ALA B 273 -0.56 -29.95 21.45
N GLY B 274 0.72 -30.30 21.41
CA GLY B 274 1.20 -31.32 20.50
C GLY B 274 1.65 -32.58 21.22
N ILE B 275 1.75 -33.68 20.49
CA ILE B 275 2.13 -34.97 21.05
C ILE B 275 3.54 -35.31 20.56
N ASN B 276 4.39 -35.77 21.48
CA ASN B 276 5.72 -36.20 21.11
C ASN B 276 5.64 -37.47 20.27
N ALA B 277 6.53 -37.59 19.29
CA ALA B 277 6.51 -38.75 18.41
C ALA B 277 6.78 -40.04 19.19
N ALA B 278 7.66 -39.99 20.18
CA ALA B 278 7.98 -41.15 21.00
C ALA B 278 7.19 -41.11 22.31
N SER B 279 5.88 -41.10 22.18
CA SER B 279 4.98 -41.09 23.33
C SER B 279 4.18 -42.38 23.37
N PRO B 280 4.27 -43.16 24.45
CA PRO B 280 3.50 -44.41 24.49
C PRO B 280 2.01 -44.18 24.62
N ASN B 281 1.58 -43.25 25.46
CA ASN B 281 0.17 -43.00 25.71
C ASN B 281 -0.38 -41.91 24.78
N LYS B 282 -0.36 -42.22 23.48
CA LYS B 282 -0.92 -41.29 22.50
C LYS B 282 -2.43 -41.19 22.63
N GLU B 283 -3.11 -42.33 22.80
CA GLU B 283 -4.56 -42.30 22.95
C GLU B 283 -4.97 -41.68 24.29
N LEU B 284 -4.19 -41.91 25.34
CA LEU B 284 -4.49 -41.30 26.63
C LEU B 284 -4.35 -39.78 26.56
N ALA B 285 -3.36 -39.30 25.79
CA ALA B 285 -3.19 -37.86 25.65
C ALA B 285 -4.33 -37.24 24.86
N LYS B 286 -4.81 -37.93 23.82
CA LYS B 286 -5.92 -37.41 23.03
C LYS B 286 -7.18 -37.29 23.86
N GLU B 287 -7.48 -38.31 24.67
CA GLU B 287 -8.70 -38.28 25.48
C GLU B 287 -8.65 -37.17 26.52
N PHE B 288 -7.49 -36.96 27.14
CA PHE B 288 -7.38 -35.90 28.14
C PHE B 288 -7.57 -34.52 27.51
N LEU B 289 -7.00 -34.31 26.33
CA LEU B 289 -7.14 -33.01 25.68
C LEU B 289 -8.53 -32.82 25.09
N GLU B 290 -9.07 -33.85 24.43
CA GLU B 290 -10.34 -33.71 23.73
C GLU B 290 -11.52 -33.74 24.69
N ASN B 291 -11.52 -34.68 25.65
CA ASN B 291 -12.70 -34.91 26.48
C ASN B 291 -12.58 -34.40 27.90
N TYR B 292 -11.42 -33.90 28.31
CA TYR B 292 -11.24 -33.40 29.67
C TYR B 292 -10.79 -31.94 29.69
N LEU B 293 -9.65 -31.62 29.07
CA LEU B 293 -9.16 -30.24 29.09
C LEU B 293 -10.06 -29.34 28.25
N LEU B 294 -10.36 -29.75 27.02
CA LEU B 294 -11.17 -28.92 26.12
C LEU B 294 -12.66 -29.10 26.39
N THR B 295 -13.05 -28.94 27.65
CA THR B 295 -14.44 -28.88 28.06
C THR B 295 -14.70 -27.55 28.76
N ASP B 296 -15.97 -27.24 28.97
CA ASP B 296 -16.30 -26.00 29.67
C ASP B 296 -15.78 -26.00 31.09
N GLU B 297 -15.74 -27.16 31.74
CA GLU B 297 -15.19 -27.25 33.08
C GLU B 297 -13.67 -27.31 33.06
N GLY B 298 -13.09 -28.01 32.09
CA GLY B 298 -11.64 -28.11 32.01
C GLY B 298 -10.99 -26.80 31.65
N LEU B 299 -11.54 -26.11 30.64
CA LEU B 299 -10.99 -24.81 30.26
C LEU B 299 -11.22 -23.77 31.34
N GLU B 300 -12.31 -23.89 32.11
CA GLU B 300 -12.57 -22.95 33.19
C GLU B 300 -11.51 -23.06 34.28
N ALA B 301 -11.05 -24.28 34.56
CA ALA B 301 -10.04 -24.47 35.59
C ALA B 301 -8.72 -23.80 35.22
N VAL B 302 -8.31 -23.91 33.95
CA VAL B 302 -7.09 -23.26 33.51
C VAL B 302 -7.26 -21.75 33.47
N ASN B 303 -8.43 -21.28 33.04
CA ASN B 303 -8.67 -19.84 32.99
C ASN B 303 -8.74 -19.23 34.39
N LYS B 304 -9.13 -20.01 35.40
CA LYS B 304 -9.18 -19.49 36.76
C LYS B 304 -7.79 -19.16 37.28
N ASP B 305 -6.82 -20.05 37.04
CA ASP B 305 -5.45 -19.78 37.47
C ASP B 305 -4.83 -18.63 36.69
N LYS B 306 -4.89 -18.71 35.36
CA LYS B 306 -4.38 -17.66 34.48
C LYS B 306 -5.37 -17.54 33.32
N PRO B 307 -5.89 -16.34 33.04
CA PRO B 307 -6.85 -16.19 31.95
C PRO B 307 -6.27 -16.64 30.61
N LEU B 308 -7.06 -17.39 29.87
CA LEU B 308 -6.64 -17.95 28.60
C LEU B 308 -7.04 -17.09 27.40
N GLY B 309 -7.84 -16.05 27.62
CA GLY B 309 -8.34 -15.27 26.50
C GLY B 309 -9.45 -16.00 25.77
N ALA B 310 -9.62 -15.63 24.50
CA ALA B 310 -10.58 -16.33 23.66
C ALA B 310 -10.09 -17.74 23.36
N VAL B 311 -10.91 -18.74 23.68
CA VAL B 311 -10.53 -20.13 23.51
C VAL B 311 -11.28 -20.71 22.32
N ALA B 312 -10.83 -21.89 21.88
CA ALA B 312 -11.30 -22.47 20.62
C ALA B 312 -12.66 -23.17 20.74
N LEU B 313 -13.04 -23.62 21.93
CA LEU B 313 -14.31 -24.30 22.09
C LEU B 313 -15.47 -23.32 21.94
N LYS B 314 -16.54 -23.77 21.30
CA LYS B 314 -17.71 -22.91 21.08
C LYS B 314 -18.54 -22.73 22.35
N SER B 315 -18.29 -23.50 23.41
CA SER B 315 -18.89 -23.17 24.69
C SER B 315 -18.42 -21.83 25.22
N TYR B 316 -17.28 -21.36 24.72
CA TYR B 316 -16.75 -20.03 25.09
C TYR B 316 -17.67 -18.91 24.65
N GLU B 317 -18.40 -19.09 23.55
CA GLU B 317 -19.22 -18.01 23.02
C GLU B 317 -20.23 -17.53 24.07
N GLU B 318 -20.34 -16.20 24.19
CA GLU B 318 -21.17 -15.54 25.19
C GLU B 318 -20.65 -15.74 26.61
N GLU B 319 -20.02 -16.87 26.88
CA GLU B 319 -19.59 -17.18 28.25
C GLU B 319 -18.47 -16.27 28.70
N LEU B 320 -17.41 -16.14 27.89
CA LEU B 320 -16.34 -15.18 28.14
C LEU B 320 -16.35 -14.01 27.17
N ALA B 321 -17.03 -14.12 26.04
CA ALA B 321 -17.03 -13.05 25.06
C ALA B 321 -17.70 -11.78 25.57
N LYS B 322 -18.61 -11.90 26.55
CA LYS B 322 -19.25 -10.73 27.11
C LYS B 322 -18.28 -9.85 27.91
N ASP B 323 -17.17 -10.42 28.38
CA ASP B 323 -16.23 -9.65 29.16
C ASP B 323 -15.59 -8.56 28.30
N PRO B 324 -15.59 -7.30 28.75
CA PRO B 324 -15.04 -6.23 27.90
C PRO B 324 -13.57 -6.39 27.57
N ARG B 325 -12.78 -6.96 28.50
CA ARG B 325 -11.37 -7.19 28.22
C ARG B 325 -11.19 -8.13 27.04
N ILE B 326 -12.08 -9.14 26.93
CA ILE B 326 -11.96 -10.11 25.85
C ILE B 326 -12.23 -9.47 24.51
N ALA B 327 -13.21 -8.57 24.44
CA ALA B 327 -13.50 -7.87 23.19
C ALA B 327 -12.33 -6.99 22.77
N ALA B 328 -11.67 -6.36 23.74
CA ALA B 328 -10.50 -5.54 23.42
C ALA B 328 -9.33 -6.40 22.94
N THR B 329 -9.20 -7.61 23.49
CA THR B 329 -8.14 -8.51 23.03
C THR B 329 -8.38 -8.93 21.59
N MET B 330 -9.63 -9.21 21.22
CA MET B 330 -9.93 -9.61 19.86
C MET B 330 -9.77 -8.45 18.88
N GLU B 331 -10.13 -7.24 19.32
CA GLU B 331 -9.96 -6.06 18.46
C GLU B 331 -8.48 -5.83 18.15
N ASN B 332 -7.61 -6.03 19.14
CA ASN B 332 -6.18 -5.96 18.87
C ASN B 332 -5.72 -7.11 17.99
N ALA B 333 -6.39 -8.26 18.08
CA ALA B 333 -6.02 -9.41 17.27
C ALA B 333 -6.47 -9.23 15.82
N GLN B 334 -7.64 -8.63 15.62
CA GLN B 334 -8.12 -8.44 14.25
C GLN B 334 -7.32 -7.37 13.52
N LYS B 335 -6.77 -6.39 14.24
CA LYS B 335 -5.89 -5.42 13.61
C LYS B 335 -4.54 -6.04 13.28
N GLY B 336 -4.02 -6.90 14.15
CA GLY B 336 -2.81 -7.63 13.88
C GLY B 336 -3.06 -8.82 12.97
N GLU B 337 -1.98 -9.53 12.68
CA GLU B 337 -2.01 -10.69 11.80
C GLU B 337 -1.65 -11.94 12.60
N ILE B 338 -2.28 -13.05 12.25
CA ILE B 338 -1.99 -14.32 12.91
C ILE B 338 -0.55 -14.72 12.62
N MET B 339 0.13 -15.23 13.66
CA MET B 339 1.56 -15.51 13.47
C MET B 339 1.75 -16.78 12.65
N PRO B 340 2.74 -16.80 11.76
CA PRO B 340 2.94 -17.95 10.89
C PRO B 340 3.39 -19.19 11.67
N ASN B 341 3.30 -20.33 11.00
CA ASN B 341 3.69 -21.62 11.56
C ASN B 341 4.88 -22.23 10.82
N ILE B 342 5.54 -21.46 9.96
CA ILE B 342 6.64 -21.96 9.15
C ILE B 342 7.86 -22.19 10.03
N PRO B 343 8.79 -23.08 9.65
CA PRO B 343 9.95 -23.35 10.50
C PRO B 343 10.87 -22.15 10.67
N GLN B 344 10.91 -21.23 9.71
CA GLN B 344 11.83 -20.11 9.77
C GLN B 344 11.46 -19.09 10.84
N MET B 345 10.33 -19.27 11.52
CA MET B 345 9.90 -18.29 12.52
C MET B 345 10.85 -18.25 13.72
N SER B 346 11.47 -19.39 14.05
CA SER B 346 12.38 -19.43 15.20
C SER B 346 13.57 -18.51 14.98
N ALA B 347 14.16 -18.54 13.77
CA ALA B 347 15.28 -17.65 13.48
C ALA B 347 14.83 -16.20 13.39
N PHE B 348 13.59 -15.95 12.96
CA PHE B 348 13.09 -14.59 12.89
C PHE B 348 12.94 -13.99 14.28
N TRP B 349 12.45 -14.77 15.24
CA TRP B 349 12.32 -14.27 16.60
C TRP B 349 13.69 -13.98 17.22
N TYR B 350 14.67 -14.83 16.94
CA TYR B 350 16.02 -14.61 17.47
C TYR B 350 16.66 -13.36 16.88
N ALA B 351 16.43 -13.11 15.59
CA ALA B 351 17.02 -11.94 14.95
C ALA B 351 16.40 -10.65 15.47
N VAL B 352 15.08 -10.61 15.62
CA VAL B 352 14.43 -9.41 16.10
C VAL B 352 14.78 -9.16 17.56
N ARG B 353 14.86 -10.22 18.36
CA ARG B 353 15.29 -10.08 19.75
C ARG B 353 16.70 -9.51 19.83
N THR B 354 17.62 -10.05 19.02
CA THR B 354 18.98 -9.54 19.01
C THR B 354 19.03 -8.09 18.55
N ALA B 355 18.28 -7.75 17.49
CA ALA B 355 18.28 -6.38 17.00
C ALA B 355 17.68 -5.42 18.01
N VAL B 356 16.56 -5.78 18.63
CA VAL B 356 15.91 -4.90 19.59
C VAL B 356 16.80 -4.67 20.79
N ILE B 357 17.43 -5.74 21.30
CA ILE B 357 18.35 -5.59 22.43
C ILE B 357 19.55 -4.75 22.03
N ASN B 358 20.08 -4.98 20.82
CA ASN B 358 21.19 -4.16 20.33
C ASN B 358 20.75 -2.72 20.09
N ALA B 359 19.55 -2.53 19.52
CA ALA B 359 19.06 -1.17 19.26
C ALA B 359 18.81 -0.41 20.56
N ALA B 360 18.39 -1.09 21.62
CA ALA B 360 18.08 -0.41 22.87
C ALA B 360 19.35 0.04 23.58
N SER B 361 20.47 -0.64 23.34
CA SER B 361 21.75 -0.36 23.96
C SER B 361 22.69 0.30 22.94
N GLY B 362 23.98 0.04 23.07
CA GLY B 362 24.95 0.51 22.12
C GLY B 362 25.01 -0.38 20.89
N ARG B 363 25.94 -0.05 19.99
CA ARG B 363 26.06 -0.74 18.70
C ARG B 363 24.73 -0.70 17.95
N GLN B 364 24.07 0.46 18.02
CA GLN B 364 22.67 0.60 17.66
C GLN B 364 22.51 1.70 16.62
N THR B 365 22.94 1.41 15.38
CA THR B 365 22.59 2.31 14.29
C THR B 365 21.13 2.16 13.88
N VAL B 366 20.40 1.25 14.51
CA VAL B 366 19.00 0.95 14.22
C VAL B 366 18.89 0.38 12.81
N ASP B 367 19.42 1.12 11.82
CA ASP B 367 19.52 0.59 10.47
C ASP B 367 20.45 -0.62 10.43
N GLU B 368 21.54 -0.57 11.21
CA GLU B 368 22.47 -1.69 11.25
C GLU B 368 21.88 -2.89 11.99
N ALA B 369 21.19 -2.64 13.11
CA ALA B 369 20.61 -3.73 13.88
C ALA B 369 19.57 -4.48 13.07
N LEU B 370 18.75 -3.76 12.31
CA LEU B 370 17.76 -4.41 11.47
C LEU B 370 18.38 -5.01 10.21
N LYS B 371 19.52 -4.47 9.76
CA LYS B 371 20.19 -5.02 8.60
C LYS B 371 20.72 -6.42 8.89
N ASP B 372 21.41 -6.59 10.02
CA ASP B 372 21.91 -7.91 10.38
C ASP B 372 20.77 -8.89 10.67
N ALA B 373 19.64 -8.38 11.18
CA ALA B 373 18.48 -9.24 11.40
C ALA B 373 17.93 -9.76 10.09
N GLN B 374 17.96 -8.94 9.03
CA GLN B 374 17.51 -9.41 7.72
C GLN B 374 18.41 -10.50 7.18
N THR B 375 19.73 -10.34 7.36
CA THR B 375 20.66 -11.37 6.89
C THR B 375 20.59 -12.62 7.74
N ASN B 376 20.30 -12.48 9.04
CA ASN B 376 20.20 -13.65 9.91
C ASN B 376 18.93 -14.43 9.64
N SER B 377 17.83 -13.73 9.33
CA SER B 377 16.57 -14.42 9.05
C SER B 377 16.66 -15.22 7.75
N SER B 378 17.35 -14.70 6.75
CA SER B 378 17.57 -15.44 5.52
C SER B 378 18.53 -16.60 5.76
N SER B 379 18.49 -17.58 4.84
CA SER B 379 19.26 -18.80 4.99
C SER B 379 20.72 -18.55 4.58
N GLU B 380 21.63 -18.67 5.54
CA GLU B 380 23.06 -18.55 5.27
C GLU B 380 23.83 -19.12 6.43
N ASN B 381 25.04 -19.59 6.14
CA ASN B 381 25.94 -20.13 7.15
C ASN B 381 27.37 -20.09 6.60
N LEU B 382 28.32 -19.85 7.49
CA LEU B 382 29.73 -19.83 7.13
C LEU B 382 30.45 -21.12 7.50
N TYR B 383 29.71 -22.14 7.93
CA TYR B 383 30.25 -23.48 8.19
C TYR B 383 31.33 -23.44 9.26
N PHE B 384 31.00 -22.78 10.38
CA PHE B 384 31.81 -22.83 11.58
C PHE B 384 31.38 -23.93 12.54
N GLN B 385 30.68 -24.95 12.03
CA GLN B 385 30.21 -26.05 12.85
C GLN B 385 31.35 -27.01 13.17
N GLY B 386 31.16 -27.80 14.23
CA GLY B 386 32.15 -28.79 14.62
C GLY B 386 32.04 -30.06 13.82
N MET B 387 31.62 -31.14 14.46
CA MET B 387 31.44 -32.43 13.79
C MET B 387 30.59 -33.37 14.63
N ARG B 394 28.97 -33.04 10.78
CA ARG B 394 29.31 -32.58 9.45
C ARG B 394 30.77 -32.14 9.39
N PRO B 395 31.57 -32.82 8.57
CA PRO B 395 33.00 -32.51 8.51
C PRO B 395 33.25 -31.09 8.01
N ARG B 396 34.29 -30.46 8.56
CA ARG B 396 34.64 -29.10 8.20
C ARG B 396 35.88 -29.02 7.34
N LYS B 397 36.81 -29.97 7.45
CA LYS B 397 38.02 -29.99 6.66
C LYS B 397 38.06 -31.27 5.81
N LEU B 398 38.97 -31.26 4.85
CA LEU B 398 39.09 -32.36 3.89
C LEU B 398 39.56 -33.67 4.53
N PRO B 399 40.58 -33.65 5.41
CA PRO B 399 40.99 -34.93 6.04
C PRO B 399 39.86 -35.61 6.80
N GLN B 400 39.01 -34.84 7.49
CA GLN B 400 37.89 -35.44 8.21
C GLN B 400 36.86 -36.02 7.25
N LEU B 401 36.65 -35.36 6.11
CA LEU B 401 35.74 -35.88 5.11
C LEU B 401 36.22 -37.22 4.56
N CYS B 402 37.54 -37.33 4.33
CA CYS B 402 38.09 -38.59 3.83
C CYS B 402 37.99 -39.70 4.86
N THR B 403 38.14 -39.36 6.15
CA THR B 403 38.10 -40.37 7.19
C THR B 403 36.69 -40.92 7.37
N GLU B 404 35.67 -40.05 7.34
CA GLU B 404 34.30 -40.50 7.52
C GLU B 404 33.82 -41.36 6.34
N LEU B 405 34.30 -41.06 5.13
CA LEU B 405 33.94 -41.85 3.96
C LEU B 405 34.85 -43.05 3.74
N GLN B 406 35.81 -43.27 4.64
CA GLN B 406 36.71 -44.42 4.58
C GLN B 406 37.48 -44.45 3.25
N THR B 407 37.90 -43.28 2.79
CA THR B 407 38.68 -43.17 1.56
C THR B 407 39.90 -42.29 1.84
N THR B 408 40.95 -42.50 1.04
CA THR B 408 42.12 -41.65 1.13
C THR B 408 41.92 -40.38 0.30
N ILE B 409 42.69 -39.35 0.64
CA ILE B 409 42.60 -38.11 -0.11
C ILE B 409 43.20 -38.30 -1.50
N HIS B 410 44.10 -39.27 -1.66
CA HIS B 410 44.66 -39.56 -2.98
C HIS B 410 43.61 -40.10 -3.94
N ASP B 411 42.57 -40.75 -3.42
CA ASP B 411 41.56 -41.39 -4.24
C ASP B 411 40.19 -40.75 -4.11
N ILE B 412 40.02 -39.76 -3.24
CA ILE B 412 38.70 -39.16 -3.05
C ILE B 412 38.34 -38.32 -4.27
N ILE B 413 37.06 -38.31 -4.62
CA ILE B 413 36.54 -37.57 -5.76
C ILE B 413 35.73 -36.40 -5.23
N LEU B 414 36.09 -35.20 -5.64
CA LEU B 414 35.43 -33.98 -5.17
C LEU B 414 34.99 -33.13 -6.35
N GLU B 415 34.08 -32.21 -6.08
CA GLU B 415 33.50 -31.35 -7.11
C GLU B 415 33.51 -29.91 -6.63
N CYS B 416 33.77 -28.99 -7.57
CA CYS B 416 33.72 -27.57 -7.27
C CYS B 416 32.28 -27.12 -7.06
N VAL B 417 32.10 -26.14 -6.17
CA VAL B 417 30.74 -25.69 -5.83
C VAL B 417 30.15 -24.84 -6.96
N TYR B 418 30.98 -24.04 -7.63
CA TYR B 418 30.45 -23.13 -8.64
C TYR B 418 30.21 -23.83 -9.98
N CYS B 419 31.21 -24.57 -10.47
CA CYS B 419 31.14 -25.17 -11.79
C CYS B 419 30.76 -26.65 -11.78
N LYS B 420 30.77 -27.29 -10.61
CA LYS B 420 30.44 -28.70 -10.44
C LYS B 420 31.37 -29.64 -11.21
N GLN B 421 32.45 -29.12 -11.77
CA GLN B 421 33.43 -29.96 -12.45
C GLN B 421 34.24 -30.74 -11.42
N GLN B 422 34.63 -31.96 -11.79
CA GLN B 422 35.37 -32.82 -10.88
C GLN B 422 36.76 -32.23 -10.64
N LEU B 423 37.18 -32.22 -9.37
CA LEU B 423 38.47 -31.65 -9.02
C LEU B 423 39.61 -32.53 -9.51
N LEU B 424 40.65 -31.90 -10.05
CA LEU B 424 41.86 -32.62 -10.38
C LEU B 424 42.60 -33.02 -9.10
N ARG B 425 43.46 -34.02 -9.23
CA ARG B 425 44.15 -34.54 -8.05
C ARG B 425 45.03 -33.48 -7.41
N ARG B 426 45.67 -32.63 -8.23
CA ARG B 426 46.45 -31.54 -7.68
C ARG B 426 45.55 -30.52 -7.00
N GLU B 427 44.35 -30.30 -7.54
CA GLU B 427 43.42 -29.33 -6.95
C GLU B 427 42.87 -29.85 -5.63
N VAL B 428 42.65 -31.16 -5.53
CA VAL B 428 42.23 -31.74 -4.26
C VAL B 428 43.34 -31.59 -3.22
N TYR B 429 44.59 -31.80 -3.64
CA TYR B 429 45.72 -31.67 -2.73
C TYR B 429 45.86 -30.23 -2.23
N ASP B 430 45.82 -29.27 -3.15
CA ASP B 430 45.95 -27.86 -2.77
C ASP B 430 44.85 -27.43 -1.80
N PHE B 431 43.67 -28.05 -1.90
CA PHE B 431 42.58 -27.71 -0.99
C PHE B 431 42.90 -28.11 0.46
N ALA B 432 43.68 -29.18 0.64
CA ALA B 432 44.02 -29.66 1.98
C ALA B 432 45.21 -28.94 2.58
N PHE B 433 46.25 -28.69 1.78
CA PHE B 433 47.42 -27.97 2.28
C PHE B 433 47.04 -26.58 2.77
N ARG B 434 46.18 -25.89 2.03
CA ARG B 434 45.70 -24.58 2.44
C ARG B 434 44.70 -24.64 3.58
N ASP B 435 44.28 -25.85 3.98
CA ASP B 435 43.32 -26.04 5.06
C ASP B 435 42.02 -25.27 4.80
N LEU B 436 41.57 -25.30 3.55
CA LEU B 436 40.33 -24.63 3.18
C LEU B 436 39.13 -25.40 3.71
N CYS B 437 38.18 -24.67 4.30
CA CYS B 437 36.98 -25.30 4.84
C CYS B 437 36.03 -25.72 3.71
N ILE B 438 35.36 -26.84 3.93
CA ILE B 438 34.44 -27.41 2.94
C ILE B 438 33.15 -26.60 2.92
N VAL B 439 32.58 -26.42 1.73
CA VAL B 439 31.32 -25.72 1.53
C VAL B 439 30.26 -26.76 1.21
N TYR B 440 29.11 -26.68 1.89
CA TYR B 440 28.03 -27.64 1.74
C TYR B 440 26.85 -26.97 1.04
N ARG B 441 26.46 -27.50 -0.11
CA ARG B 441 25.29 -27.05 -0.84
C ARG B 441 24.34 -28.22 -1.04
N ASP B 442 23.07 -28.03 -0.68
CA ASP B 442 22.05 -29.07 -0.79
C ASP B 442 22.44 -30.32 0.01
N GLY B 443 23.14 -30.13 1.12
CA GLY B 443 23.60 -31.23 1.93
C GLY B 443 24.72 -32.06 1.34
N ASN B 444 25.38 -31.57 0.30
CA ASN B 444 26.45 -32.29 -0.37
C ASN B 444 27.77 -31.55 -0.20
N PRO B 445 28.83 -32.25 0.21
CA PRO B 445 30.13 -31.57 0.33
C PRO B 445 30.65 -31.15 -1.03
N TYR B 446 31.26 -29.96 -1.06
CA TYR B 446 31.82 -29.40 -2.28
C TYR B 446 33.11 -28.66 -1.96
N ALA B 447 33.97 -28.56 -2.97
CA ALA B 447 35.20 -27.78 -2.84
C ALA B 447 35.24 -26.70 -3.91
N VAL B 448 36.43 -26.39 -4.42
CA VAL B 448 36.58 -25.35 -5.43
C VAL B 448 37.77 -25.71 -6.32
N CYS B 449 37.65 -25.35 -7.60
CA CYS B 449 38.72 -25.55 -8.57
C CYS B 449 39.53 -24.27 -8.74
N ASP B 450 40.71 -24.41 -9.35
CA ASP B 450 41.64 -23.30 -9.44
C ASP B 450 41.06 -22.14 -10.25
N LYS B 451 40.36 -22.45 -11.35
CA LYS B 451 39.79 -21.38 -12.17
C LYS B 451 38.73 -20.61 -11.40
N CYS B 452 37.81 -21.33 -10.74
CA CYS B 452 36.80 -20.66 -9.94
C CYS B 452 37.40 -19.98 -8.72
N LEU B 453 38.47 -20.57 -8.15
CA LEU B 453 39.11 -19.96 -7.00
C LEU B 453 39.78 -18.64 -7.36
N LYS B 454 40.40 -18.57 -8.54
CA LYS B 454 41.05 -17.34 -8.96
C LYS B 454 40.04 -16.25 -9.30
N PHE B 455 38.92 -16.63 -9.93
CA PHE B 455 37.93 -15.65 -10.35
C PHE B 455 37.26 -14.98 -9.15
N TYR B 456 36.81 -15.79 -8.19
CA TYR B 456 36.09 -15.25 -7.05
C TYR B 456 37.01 -14.63 -6.00
N LYS B 458 38.31 -14.92 -6.05
CA LYS B 458 39.23 -14.28 -5.13
C LYS B 458 39.54 -12.84 -5.53
N ILE B 459 39.47 -12.54 -6.83
CA ILE B 459 39.85 -11.23 -7.33
C ILE B 459 38.60 -10.36 -7.51
N SER B 460 37.45 -10.89 -7.12
CA SER B 460 36.20 -10.13 -7.29
C SER B 460 36.17 -8.91 -6.37
N GLU B 461 36.53 -9.10 -5.09
CA GLU B 461 36.52 -8.02 -4.12
C GLU B 461 37.87 -7.96 -3.43
N TYR B 462 38.47 -6.76 -3.41
CA TYR B 462 39.78 -6.55 -2.80
C TYR B 462 39.71 -5.44 -1.75
N ARG B 463 38.58 -5.32 -1.06
CA ARG B 463 38.44 -4.26 -0.06
C ARG B 463 39.32 -4.50 1.17
N HIS B 464 39.82 -5.73 1.35
CA HIS B 464 40.70 -6.10 2.46
C HIS B 464 40.01 -6.00 3.81
N TYR B 465 40.61 -6.61 4.83
CA TYR B 465 40.02 -6.63 6.16
C TYR B 465 40.09 -5.24 6.79
N SER B 466 39.02 -4.88 7.50
CA SER B 466 38.93 -3.60 8.20
C SER B 466 38.60 -3.88 9.66
N TYR B 467 39.61 -3.86 10.52
CA TYR B 467 39.45 -4.15 11.94
C TYR B 467 39.16 -2.85 12.67
N SER B 468 37.90 -2.62 13.01
CA SER B 468 37.46 -1.39 13.64
C SER B 468 37.21 -1.63 15.12
N LEU B 469 37.89 -0.86 15.97
CA LEU B 469 37.75 -0.97 17.42
C LEU B 469 37.68 0.42 18.02
N TYR B 470 36.92 0.53 19.12
CA TYR B 470 36.89 1.78 19.86
C TYR B 470 38.23 2.01 20.56
N GLY B 471 38.45 3.26 20.99
CA GLY B 471 39.71 3.60 21.63
C GLY B 471 39.94 2.87 22.93
N THR B 472 38.87 2.60 23.69
CA THR B 472 39.02 1.89 24.95
C THR B 472 39.43 0.43 24.71
N THR B 473 38.78 -0.24 23.76
CA THR B 473 39.15 -1.61 23.43
C THR B 473 40.53 -1.66 22.78
N LEU B 474 40.88 -0.64 21.99
CA LEU B 474 42.20 -0.59 21.39
C LEU B 474 43.29 -0.50 22.45
N GLU B 475 43.05 0.29 23.50
CA GLU B 475 44.01 0.41 24.59
C GLU B 475 44.15 -0.91 25.35
N GLN B 476 43.04 -1.64 25.52
CA GLN B 476 43.08 -2.90 26.24
C GLN B 476 43.85 -3.96 25.44
N GLN B 477 43.62 -4.00 24.13
CA GLN B 477 44.20 -5.06 23.29
C GLN B 477 45.73 -5.00 23.30
N TYR B 478 46.29 -3.80 23.13
CA TYR B 478 47.73 -3.64 23.04
C TYR B 478 48.36 -3.27 24.37
N ASN B 479 47.57 -3.14 25.44
CA ASN B 479 48.07 -2.90 26.79
C ASN B 479 48.92 -1.63 26.84
N LYS B 480 48.53 -0.62 26.07
CA LYS B 480 49.24 0.64 25.98
C LYS B 480 48.24 1.77 25.87
N PRO B 481 48.60 2.97 26.34
CA PRO B 481 47.71 4.12 26.17
C PRO B 481 47.63 4.57 24.73
N LEU B 482 46.55 5.29 24.41
CA LEU B 482 46.36 5.78 23.06
C LEU B 482 47.44 6.75 22.65
N SER B 483 47.95 7.55 23.60
CA SER B 483 49.01 8.50 23.28
C SER B 483 50.29 7.78 22.87
N ASP B 484 50.67 6.73 23.61
CA ASP B 484 51.86 5.97 23.25
C ASP B 484 51.65 5.14 21.99
N LEU B 485 50.41 4.72 21.73
CA LEU B 485 50.11 3.99 20.52
C LEU B 485 50.15 4.92 19.31
N LEU B 486 50.58 4.37 18.17
CA LEU B 486 50.78 5.14 16.95
C LEU B 486 49.57 4.99 16.04
N ILE B 487 48.90 6.11 15.77
CA ILE B 487 47.75 6.15 14.86
C ILE B 487 47.99 7.28 13.86
N ARG B 488 47.68 7.02 12.60
CA ARG B 488 47.86 7.99 11.52
C ARG B 488 46.53 8.28 10.86
N CYS B 489 46.30 9.54 10.52
CA CYS B 489 45.13 9.90 9.74
C CYS B 489 45.26 9.29 8.34
N ILE B 490 44.18 8.68 7.86
CA ILE B 490 44.25 7.91 6.62
C ILE B 490 44.61 8.81 5.44
N ASN B 491 44.03 10.02 5.39
CA ASN B 491 44.37 10.94 4.31
C ASN B 491 45.65 11.71 4.62
N CYS B 492 45.85 12.11 5.88
CA CYS B 492 47.01 12.93 6.21
C CYS B 492 48.29 12.10 6.27
N GLN B 493 48.19 10.82 6.64
CA GLN B 493 49.34 9.94 6.79
C GLN B 493 50.34 10.49 7.80
N LYS B 494 49.86 11.29 8.77
CA LYS B 494 50.69 11.89 9.78
C LYS B 494 50.22 11.47 11.17
N PRO B 495 51.14 11.26 12.10
CA PRO B 495 50.74 10.82 13.45
C PRO B 495 49.73 11.76 14.08
N LEU B 496 48.72 11.17 14.73
CA LEU B 496 47.67 11.95 15.36
C LEU B 496 48.13 12.46 16.73
N SER B 497 47.58 13.62 17.10
CA SER B 497 47.88 14.21 18.39
C SER B 497 47.11 13.48 19.50
N PRO B 498 47.61 13.53 20.73
CA PRO B 498 46.85 12.93 21.85
C PRO B 498 45.48 13.53 22.03
N GLU B 499 45.32 14.83 21.76
CA GLU B 499 43.99 15.44 21.83
C GLU B 499 43.09 14.93 20.71
N GLU B 500 43.67 14.64 19.54
CA GLU B 500 42.88 14.14 18.43
C GLU B 500 42.35 12.74 18.71
N LYS B 501 43.20 11.87 19.30
CA LYS B 501 42.75 10.54 19.66
C LYS B 501 41.66 10.60 20.73
N GLN B 502 41.77 11.56 21.65
CA GLN B 502 40.75 11.71 22.67
C GLN B 502 39.43 12.21 22.08
N ARG B 503 39.49 12.94 20.96
CA ARG B 503 38.27 13.40 20.31
C ARG B 503 37.44 12.23 19.80
N HIS B 504 38.10 11.19 19.29
CA HIS B 504 37.38 9.98 18.89
C HIS B 504 36.67 9.35 20.08
N LEU B 505 37.35 9.28 21.22
CA LEU B 505 36.76 8.69 22.42
C LEU B 505 35.58 9.51 22.91
N ASP B 506 35.70 10.84 22.88
CA ASP B 506 34.61 11.69 23.32
C ASP B 506 33.44 11.63 22.34
N LYS B 507 33.73 11.58 21.05
CA LYS B 507 32.70 11.51 20.03
C LYS B 507 32.23 10.09 19.76
N LYS B 508 32.80 9.09 20.46
CA LYS B 508 32.40 7.69 20.34
C LYS B 508 32.54 7.20 18.90
N GLN B 509 33.68 7.53 18.29
CA GLN B 509 34.01 7.13 16.94
C GLN B 509 35.15 6.11 16.95
N ARG B 510 35.03 5.09 16.13
CA ARG B 510 35.97 3.97 16.17
C ARG B 510 37.23 4.26 15.36
N PHE B 511 38.28 3.52 15.69
CA PHE B 511 39.52 3.51 14.93
C PHE B 511 39.54 2.29 14.02
N HIS B 512 40.15 2.45 12.85
CA HIS B 512 40.14 1.41 11.82
C HIS B 512 41.56 0.99 11.49
N ASN B 513 41.76 -0.31 11.33
CA ASN B 513 43.05 -0.89 10.94
C ASN B 513 42.98 -1.26 9.47
N ILE B 514 43.72 -0.52 8.64
CA ILE B 514 43.80 -0.75 7.20
C ILE B 514 45.24 -1.07 6.85
N ARG B 515 45.44 -2.22 6.19
CA ARG B 515 46.78 -2.66 5.78
C ARG B 515 47.72 -2.78 6.97
N GLY B 516 47.20 -3.26 8.10
CA GLY B 516 48.00 -3.41 9.29
C GLY B 516 48.35 -2.11 9.99
N ARG B 517 47.78 -0.99 9.58
CA ARG B 517 48.06 0.31 10.18
C ARG B 517 46.75 0.89 10.71
N TRP B 518 46.79 1.39 11.94
CA TRP B 518 45.61 1.98 12.55
C TRP B 518 45.38 3.38 11.99
N THR B 519 44.11 3.71 11.74
CA THR B 519 43.75 4.96 11.07
C THR B 519 42.76 5.75 11.92
N GLY B 520 42.59 7.01 11.55
CA GLY B 520 41.63 7.88 12.19
C GLY B 520 41.43 9.12 11.34
N ARG B 521 40.57 10.00 11.84
CA ARG B 521 40.28 11.27 11.17
C ARG B 521 40.85 12.42 11.98
N CYS B 522 41.75 13.19 11.38
CA CYS B 522 42.34 14.33 12.04
C CYS B 522 41.33 15.46 12.18
N MET B 523 41.71 16.48 12.96
CA MET B 523 40.83 17.63 13.17
C MET B 523 40.52 18.35 11.87
N SER B 524 41.52 18.48 11.01
CA SER B 524 41.29 19.13 9.71
C SER B 524 40.31 18.31 8.86
N CYS B 525 40.42 17.00 8.92
CA CYS B 525 39.51 16.11 8.19
C CYS B 525 38.27 15.76 8.99
N SER B 526 38.19 16.16 10.27
CA SER B 526 37.03 15.83 11.08
C SER B 526 35.77 16.51 10.56
N ARG B 527 35.86 17.81 10.31
CA ARG B 527 34.73 18.53 9.73
C ARG B 527 34.57 18.16 8.26
N SER B 528 33.40 18.47 7.72
CA SER B 528 33.12 18.18 6.31
C SER B 528 34.03 19.02 5.42
N SER B 529 34.87 18.34 4.63
CA SER B 529 35.81 19.03 3.77
C SER B 529 36.15 18.19 2.54
N LYS C 10 -52.49 -13.99 -8.31
CA LYS C 10 -51.09 -13.59 -8.43
C LYS C 10 -50.23 -14.75 -8.93
N ILE C 11 -49.14 -15.03 -8.20
CA ILE C 11 -48.27 -16.14 -8.56
C ILE C 11 -49.00 -17.45 -8.32
N GLU C 12 -48.94 -18.34 -9.30
CA GLU C 12 -49.69 -19.59 -9.26
C GLU C 12 -49.07 -20.56 -8.26
N GLU C 13 -49.86 -21.57 -7.88
CA GLU C 13 -49.43 -22.61 -6.97
C GLU C 13 -49.46 -23.95 -7.70
N GLY C 14 -48.67 -24.89 -7.19
CA GLY C 14 -48.50 -26.18 -7.82
C GLY C 14 -47.44 -26.23 -8.90
N LYS C 15 -46.78 -25.10 -9.18
CA LYS C 15 -45.73 -25.04 -10.18
C LYS C 15 -44.63 -24.12 -9.68
N LEU C 16 -43.42 -24.34 -10.20
CA LEU C 16 -42.26 -23.53 -9.85
C LEU C 16 -41.79 -22.78 -11.09
N VAL C 17 -41.61 -21.47 -10.96
CA VAL C 17 -41.14 -20.62 -12.05
C VAL C 17 -39.69 -20.24 -11.73
N ILE C 18 -38.79 -20.53 -12.67
CA ILE C 18 -37.37 -20.30 -12.50
C ILE C 18 -36.90 -19.31 -13.56
N TRP C 19 -36.11 -18.33 -13.14
CA TRP C 19 -35.55 -17.32 -14.03
C TRP C 19 -34.03 -17.41 -14.00
N ILE C 20 -33.42 -17.50 -15.18
CA ILE C 20 -31.97 -17.56 -15.33
C ILE C 20 -31.59 -16.78 -16.57
N ASN C 21 -30.34 -16.30 -16.60
CA ASN C 21 -29.89 -15.47 -17.70
C ASN C 21 -29.71 -16.32 -18.97
N GLY C 22 -29.75 -15.64 -20.11
CA GLY C 22 -29.64 -16.34 -21.39
C GLY C 22 -28.28 -16.96 -21.62
N ASP C 23 -27.22 -16.33 -21.11
CA ASP C 23 -25.89 -16.91 -21.28
C ASP C 23 -25.75 -18.22 -20.52
N LYS C 24 -26.44 -18.36 -19.40
CA LYS C 24 -26.43 -19.62 -18.66
C LYS C 24 -27.21 -20.69 -19.43
N GLY C 25 -26.92 -21.95 -19.09
CA GLY C 25 -27.58 -23.06 -19.75
C GLY C 25 -28.98 -23.32 -19.23
N TYR C 26 -29.98 -22.68 -19.84
CA TYR C 26 -31.36 -22.85 -19.37
C TYR C 26 -31.92 -24.21 -19.76
N ASN C 27 -31.43 -24.79 -20.86
CA ASN C 27 -31.92 -26.10 -21.26
C ASN C 27 -31.56 -27.17 -20.25
N GLY C 28 -30.33 -27.12 -19.71
CA GLY C 28 -29.93 -28.08 -18.70
C GLY C 28 -30.75 -27.98 -17.42
N LEU C 29 -31.06 -26.75 -17.01
CA LEU C 29 -31.93 -26.56 -15.85
C LEU C 29 -33.35 -27.07 -16.11
N ALA C 30 -33.82 -26.93 -17.36
CA ALA C 30 -35.15 -27.41 -17.69
C ALA C 30 -35.22 -28.93 -17.65
N GLU C 31 -34.13 -29.60 -18.04
CA GLU C 31 -34.11 -31.06 -17.98
C GLU C 31 -34.18 -31.56 -16.55
N VAL C 32 -33.51 -30.88 -15.62
CA VAL C 32 -33.61 -31.23 -14.21
C VAL C 32 -35.05 -31.06 -13.74
N GLY C 33 -35.74 -30.04 -14.25
CA GLY C 33 -37.13 -29.84 -13.90
C GLY C 33 -38.05 -30.89 -14.49
N LYS C 34 -37.73 -31.38 -15.70
CA LYS C 34 -38.50 -32.47 -16.27
C LYS C 34 -38.38 -33.73 -15.42
N LYS C 35 -37.19 -33.97 -14.85
CA LYS C 35 -37.03 -35.07 -13.91
C LYS C 35 -37.84 -34.83 -12.65
N PHE C 36 -37.83 -33.59 -12.15
CA PHE C 36 -38.65 -33.24 -11.00
C PHE C 36 -40.14 -33.37 -11.31
N GLU C 37 -40.52 -33.21 -12.58
CA GLU C 37 -41.92 -33.33 -12.97
C GLU C 37 -42.40 -34.77 -12.86
N LYS C 38 -41.56 -35.72 -13.25
CA LYS C 38 -41.94 -37.13 -13.16
C LYS C 38 -41.81 -37.67 -11.74
N ASP C 39 -40.85 -37.14 -10.98
CA ASP C 39 -40.61 -37.66 -9.63
C ASP C 39 -41.61 -37.10 -8.62
N THR C 40 -41.87 -35.79 -8.67
CA THR C 40 -42.77 -35.15 -7.72
C THR C 40 -44.15 -34.87 -8.29
N GLY C 41 -44.32 -34.88 -9.61
CA GLY C 41 -45.60 -34.69 -10.23
C GLY C 41 -45.92 -33.26 -10.64
N ILE C 42 -44.99 -32.33 -10.48
CA ILE C 42 -45.22 -30.92 -10.76
C ILE C 42 -44.27 -30.50 -11.87
N LYS C 43 -44.83 -30.20 -13.05
CA LYS C 43 -44.04 -29.62 -14.12
C LYS C 43 -43.63 -28.21 -13.76
N VAL C 44 -42.37 -27.87 -14.07
CA VAL C 44 -41.82 -26.56 -13.78
C VAL C 44 -41.29 -25.96 -15.07
N THR C 45 -41.42 -24.65 -15.21
CA THR C 45 -41.04 -23.94 -16.42
C THR C 45 -39.88 -22.99 -16.11
N VAL C 46 -38.81 -23.10 -16.88
CA VAL C 46 -37.63 -22.26 -16.74
C VAL C 46 -37.60 -21.28 -17.91
N GLU C 47 -37.40 -20.00 -17.61
CA GLU C 47 -37.41 -18.95 -18.61
C GLU C 47 -36.07 -18.19 -18.58
N HIS C 48 -35.75 -17.54 -19.69
CA HIS C 48 -34.55 -16.74 -19.85
C HIS C 48 -34.96 -15.33 -20.24
N PRO C 49 -35.41 -14.51 -19.28
CA PRO C 49 -35.88 -13.16 -19.63
C PRO C 49 -34.72 -12.23 -19.91
N ASP C 50 -34.94 -11.31 -20.84
CA ASP C 50 -33.99 -10.24 -21.11
C ASP C 50 -34.06 -9.20 -20.01
N LYS C 51 -32.88 -8.74 -19.56
CA LYS C 51 -32.79 -7.77 -18.47
C LYS C 51 -33.51 -8.26 -17.22
N LEU C 52 -33.32 -9.54 -16.89
CA LEU C 52 -34.03 -10.14 -15.77
C LEU C 52 -33.60 -9.53 -14.43
N GLU C 53 -32.35 -9.06 -14.34
CA GLU C 53 -31.90 -8.42 -13.11
C GLU C 53 -32.66 -7.12 -12.85
N GLU C 54 -33.13 -6.45 -13.91
CA GLU C 54 -33.96 -5.27 -13.78
C GLU C 54 -35.44 -5.60 -13.69
N LYS C 55 -35.86 -6.70 -14.30
CA LYS C 55 -37.28 -7.05 -14.35
C LYS C 55 -37.77 -7.68 -13.05
N PHE C 56 -36.91 -8.42 -12.35
CA PHE C 56 -37.35 -9.12 -11.16
C PHE C 56 -37.81 -8.19 -10.03
N PRO C 57 -37.08 -7.11 -9.69
CA PRO C 57 -37.54 -6.28 -8.56
C PRO C 57 -38.88 -5.62 -8.81
N GLN C 58 -39.15 -5.15 -10.04
CA GLN C 58 -40.40 -4.43 -10.29
C GLN C 58 -41.61 -5.36 -10.27
N VAL C 59 -41.43 -6.62 -10.70
CA VAL C 59 -42.57 -7.53 -10.71
C VAL C 59 -42.78 -8.14 -9.33
N ALA C 60 -41.71 -8.28 -8.53
CA ALA C 60 -41.82 -8.95 -7.25
C ALA C 60 -42.73 -8.18 -6.29
N ALA C 61 -42.68 -6.85 -6.34
CA ALA C 61 -43.57 -6.05 -5.50
C ALA C 61 -45.03 -6.26 -5.87
N THR C 62 -45.32 -6.48 -7.15
CA THR C 62 -46.69 -6.75 -7.57
C THR C 62 -47.15 -8.14 -7.10
N GLY C 63 -46.20 -9.05 -6.88
CA GLY C 63 -46.49 -10.43 -6.57
C GLY C 63 -46.28 -11.37 -7.76
N ASP C 64 -46.40 -10.85 -8.97
CA ASP C 64 -46.10 -11.63 -10.16
C ASP C 64 -44.60 -11.84 -10.30
N GLY C 65 -44.22 -12.99 -10.85
CA GLY C 65 -42.82 -13.26 -11.09
C GLY C 65 -42.44 -14.70 -10.81
N PRO C 66 -41.14 -14.99 -10.83
CA PRO C 66 -40.67 -16.36 -10.68
C PRO C 66 -40.61 -16.80 -9.23
N ASP C 67 -40.77 -18.11 -9.03
CA ASP C 67 -40.55 -18.69 -7.71
C ASP C 67 -39.07 -18.71 -7.36
N ILE C 68 -38.21 -18.99 -8.34
CA ILE C 68 -36.77 -19.01 -8.16
C ILE C 68 -36.13 -18.08 -9.18
N ILE C 69 -35.14 -17.31 -8.73
CA ILE C 69 -34.36 -16.43 -9.59
C ILE C 69 -32.89 -16.78 -9.44
N PHE C 70 -32.18 -16.81 -10.57
CA PHE C 70 -30.77 -17.16 -10.61
C PHE C 70 -29.96 -15.96 -11.08
N TRP C 71 -29.01 -15.52 -10.24
CA TRP C 71 -28.15 -14.40 -10.56
C TRP C 71 -26.98 -14.43 -9.59
N ALA C 72 -26.05 -13.49 -9.78
CA ALA C 72 -24.94 -13.35 -8.84
C ALA C 72 -25.43 -12.78 -7.51
N HIS C 73 -24.62 -12.98 -6.47
CA HIS C 73 -25.04 -12.61 -5.12
C HIS C 73 -25.02 -11.11 -4.87
N ASP C 74 -24.41 -10.32 -5.77
CA ASP C 74 -24.35 -8.87 -5.55
C ASP C 74 -25.73 -8.23 -5.65
N ARG C 75 -26.54 -8.69 -6.62
CA ARG C 75 -27.90 -8.17 -6.75
C ARG C 75 -28.83 -8.74 -5.69
N PHE C 76 -28.56 -9.96 -5.21
CA PHE C 76 -29.44 -10.60 -4.25
C PHE C 76 -29.46 -9.86 -2.92
N GLY C 77 -28.34 -9.25 -2.52
CA GLY C 77 -28.32 -8.49 -1.28
C GLY C 77 -29.25 -7.29 -1.32
N GLY C 78 -29.34 -6.64 -2.49
CA GLY C 78 -30.30 -5.56 -2.63
C GLY C 78 -31.73 -6.05 -2.61
N TYR C 79 -31.98 -7.24 -3.16
CA TYR C 79 -33.31 -7.82 -3.10
C TYR C 79 -33.69 -8.15 -1.66
N ALA C 80 -32.72 -8.59 -0.86
CA ALA C 80 -33.00 -8.96 0.53
C ALA C 80 -33.40 -7.74 1.36
N GLN C 81 -32.72 -6.61 1.15
CA GLN C 81 -33.10 -5.39 1.84
C GLN C 81 -34.50 -4.94 1.43
N SER C 82 -34.85 -5.12 0.16
CA SER C 82 -36.19 -4.80 -0.30
C SER C 82 -37.25 -5.75 0.23
N GLY C 83 -36.84 -6.92 0.73
CA GLY C 83 -37.77 -7.91 1.19
C GLY C 83 -38.35 -8.81 0.11
N LEU C 84 -37.90 -8.64 -1.14
CA LEU C 84 -38.38 -9.47 -2.25
C LEU C 84 -37.68 -10.82 -2.25
N LEU C 85 -37.35 -11.32 -1.06
CA LEU C 85 -36.55 -12.52 -0.92
C LEU C 85 -36.97 -13.25 0.36
N ALA C 86 -36.93 -14.57 0.31
CA ALA C 86 -37.31 -15.42 1.43
C ALA C 86 -36.10 -16.13 2.01
N GLU C 87 -36.15 -16.37 3.32
CA GLU C 87 -35.04 -16.99 4.02
C GLU C 87 -34.92 -18.46 3.61
N ILE C 88 -33.77 -19.05 3.95
CA ILE C 88 -33.43 -20.42 3.57
C ILE C 88 -33.34 -21.26 4.83
N THR C 89 -33.99 -22.42 4.81
CA THR C 89 -34.12 -23.28 6.00
C THR C 89 -33.03 -24.34 6.16
N PRO C 90 -32.37 -24.83 5.10
CA PRO C 90 -31.26 -25.77 5.30
C PRO C 90 -30.26 -25.29 6.35
N ASP C 91 -29.94 -26.19 7.28
CA ASP C 91 -29.04 -25.86 8.38
C ASP C 91 -27.66 -26.47 8.17
N LYS C 92 -27.07 -27.00 9.26
CA LYS C 92 -25.69 -27.46 9.21
C LYS C 92 -25.49 -28.65 8.28
N ALA C 93 -26.49 -29.53 8.17
CA ALA C 93 -26.34 -30.71 7.33
C ALA C 93 -26.10 -30.33 5.88
N PHE C 94 -26.92 -29.44 5.33
CA PHE C 94 -26.70 -28.98 3.96
C PHE C 94 -25.61 -27.93 3.88
N GLN C 95 -25.36 -27.19 4.96
CA GLN C 95 -24.33 -26.16 4.95
C GLN C 95 -22.94 -26.78 4.80
N ASP C 96 -22.72 -27.95 5.42
CA ASP C 96 -21.42 -28.59 5.34
C ASP C 96 -21.18 -29.21 3.97
N LYS C 97 -22.24 -29.67 3.30
CA LYS C 97 -22.09 -30.29 1.99
C LYS C 97 -21.55 -29.28 0.97
N LEU C 98 -22.13 -28.09 0.95
CA LEU C 98 -21.61 -27.04 0.08
C LEU C 98 -20.40 -26.37 0.72
N TYR C 99 -19.59 -25.73 -0.10
CA TYR C 99 -18.35 -25.16 0.39
C TYR C 99 -18.64 -23.97 1.31
N PRO C 100 -17.82 -23.78 2.36
CA PRO C 100 -18.14 -22.76 3.37
C PRO C 100 -18.09 -21.34 2.82
N PHE C 101 -17.10 -21.01 2.00
CA PHE C 101 -16.99 -19.63 1.51
C PHE C 101 -18.15 -19.25 0.61
N THR C 102 -18.76 -20.24 -0.05
CA THR C 102 -19.92 -19.95 -0.89
C THR C 102 -21.14 -19.59 -0.05
N TRP C 103 -21.27 -20.16 1.15
CA TRP C 103 -22.33 -19.74 2.05
C TRP C 103 -22.08 -18.35 2.62
N ASP C 104 -20.81 -17.95 2.74
CA ASP C 104 -20.49 -16.63 3.28
C ASP C 104 -20.94 -15.52 2.35
N ALA C 105 -20.98 -15.77 1.04
CA ALA C 105 -21.36 -14.75 0.08
C ALA C 105 -22.86 -14.50 0.06
N VAL C 106 -23.66 -15.51 0.42
CA VAL C 106 -25.11 -15.40 0.36
C VAL C 106 -25.71 -15.03 1.72
N ARG C 107 -24.89 -14.54 2.65
CA ARG C 107 -25.37 -14.12 3.96
C ARG C 107 -25.42 -12.61 4.02
N TYR C 108 -26.61 -12.07 4.28
CA TYR C 108 -26.83 -10.63 4.40
C TYR C 108 -27.56 -10.35 5.69
N ASN C 109 -27.01 -9.42 6.49
CA ASN C 109 -27.59 -9.02 7.77
C ASN C 109 -27.73 -10.21 8.72
N GLY C 110 -26.79 -11.15 8.64
CA GLY C 110 -26.79 -12.29 9.54
C GLY C 110 -27.75 -13.40 9.20
N LYS C 111 -28.40 -13.35 8.03
CA LYS C 111 -29.33 -14.38 7.61
C LYS C 111 -29.06 -14.75 6.15
N LEU C 112 -29.07 -16.05 5.87
CA LEU C 112 -28.82 -16.53 4.53
C LEU C 112 -29.93 -16.09 3.59
N ILE C 113 -29.55 -15.69 2.37
CA ILE C 113 -30.51 -15.14 1.41
C ILE C 113 -30.60 -15.93 0.12
N ALA C 114 -29.70 -16.86 -0.14
CA ALA C 114 -29.72 -17.58 -1.41
C ALA C 114 -28.98 -18.90 -1.29
N TYR C 115 -29.16 -19.75 -2.31
CA TYR C 115 -28.46 -21.01 -2.41
C TYR C 115 -27.18 -20.82 -3.23
N PRO C 116 -26.00 -21.07 -2.67
CA PRO C 116 -24.77 -20.91 -3.46
C PRO C 116 -24.61 -22.04 -4.48
N ILE C 117 -25.06 -21.79 -5.72
CA ILE C 117 -25.04 -22.84 -6.72
C ILE C 117 -23.62 -23.08 -7.25
N ALA C 118 -22.96 -22.02 -7.72
CA ALA C 118 -21.64 -22.15 -8.30
C ALA C 118 -20.88 -20.85 -8.15
N VAL C 119 -19.59 -20.89 -8.46
CA VAL C 119 -18.70 -19.74 -8.41
C VAL C 119 -18.17 -19.48 -9.82
N GLU C 120 -18.24 -18.22 -10.25
CA GLU C 120 -17.84 -17.84 -11.59
C GLU C 120 -16.83 -16.71 -11.53
N ALA C 121 -15.89 -16.73 -12.47
CA ALA C 121 -14.85 -15.70 -12.55
C ALA C 121 -14.37 -15.59 -13.98
N LEU C 122 -13.88 -14.41 -14.34
CA LEU C 122 -13.45 -14.14 -15.70
C LEU C 122 -12.05 -14.70 -15.96
N SER C 123 -11.74 -14.92 -17.23
CA SER C 123 -10.46 -15.46 -17.64
C SER C 123 -10.20 -15.06 -19.08
N LEU C 124 -8.96 -15.27 -19.52
CA LEU C 124 -8.54 -14.96 -20.88
C LEU C 124 -8.58 -16.23 -21.73
N ILE C 125 -9.26 -16.14 -22.87
CA ILE C 125 -9.37 -17.24 -23.82
C ILE C 125 -8.57 -16.86 -25.06
N TYR C 126 -7.71 -17.77 -25.51
CA TYR C 126 -6.83 -17.51 -26.65
C TYR C 126 -6.90 -18.66 -27.64
N ASN C 127 -6.82 -18.33 -28.92
CA ASN C 127 -6.77 -19.32 -29.98
C ASN C 127 -5.33 -19.80 -30.11
N LYS C 128 -5.10 -21.08 -29.79
CA LYS C 128 -3.73 -21.61 -29.79
C LYS C 128 -3.13 -21.60 -31.18
N ASP C 129 -3.96 -21.79 -32.22
CA ASP C 129 -3.42 -21.79 -33.58
C ASP C 129 -3.07 -20.38 -34.04
N LEU C 130 -3.92 -19.41 -33.71
CA LEU C 130 -3.62 -18.03 -34.08
C LEU C 130 -2.52 -17.44 -33.20
N LEU C 131 -2.57 -17.71 -31.90
CA LEU C 131 -1.59 -17.21 -30.95
C LEU C 131 -1.12 -18.37 -30.08
N PRO C 132 0.03 -18.98 -30.41
CA PRO C 132 0.46 -20.18 -29.66
C PRO C 132 0.73 -19.91 -28.20
N ASN C 133 1.37 -18.79 -27.87
CA ASN C 133 1.71 -18.49 -26.48
C ASN C 133 0.95 -17.26 -26.02
N PRO C 134 0.22 -17.34 -24.89
CA PRO C 134 -0.59 -16.21 -24.47
C PRO C 134 0.28 -15.07 -23.96
N PRO C 135 -0.13 -13.82 -24.19
CA PRO C 135 0.61 -12.70 -23.63
C PRO C 135 0.49 -12.63 -22.12
N LYS C 136 1.58 -12.20 -21.48
CA LYS C 136 1.61 -12.10 -20.03
C LYS C 136 1.28 -10.70 -19.50
N THR C 137 1.31 -9.68 -20.36
CA THR C 137 1.01 -8.33 -19.92
C THR C 137 0.12 -7.65 -20.94
N TRP C 138 -0.64 -6.65 -20.47
CA TRP C 138 -1.58 -5.93 -21.33
C TRP C 138 -0.86 -5.11 -22.39
N GLU C 139 0.34 -4.61 -22.09
CA GLU C 139 1.03 -3.71 -23.00
C GLU C 139 1.57 -4.41 -24.24
N GLU C 140 1.69 -5.75 -24.21
CA GLU C 140 2.09 -6.47 -25.41
C GLU C 140 0.99 -6.45 -26.47
N ILE C 141 -0.27 -6.32 -26.03
CA ILE C 141 -1.39 -6.46 -26.96
C ILE C 141 -1.39 -5.38 -28.04
N PRO C 142 -1.12 -4.10 -27.75
CA PRO C 142 -1.07 -3.10 -28.84
C PRO C 142 -0.11 -3.47 -29.95
N ALA C 143 1.12 -3.87 -29.62
CA ALA C 143 2.08 -4.28 -30.63
C ALA C 143 1.67 -5.58 -31.30
N LEU C 144 1.03 -6.48 -30.55
CA LEU C 144 0.59 -7.75 -31.12
C LEU C 144 -0.53 -7.53 -32.14
N ASP C 145 -1.38 -6.54 -31.92
CA ASP C 145 -2.50 -6.31 -32.84
C ASP C 145 -2.00 -5.90 -34.22
N LYS C 146 -0.99 -5.02 -34.28
CA LYS C 146 -0.48 -4.57 -35.57
C LYS C 146 0.11 -5.72 -36.36
N GLU C 147 0.78 -6.66 -35.69
CA GLU C 147 1.29 -7.84 -36.38
C GLU C 147 0.15 -8.72 -36.86
N LEU C 148 -0.86 -8.93 -36.02
CA LEU C 148 -2.00 -9.75 -36.40
C LEU C 148 -2.90 -9.06 -37.40
N LYS C 149 -2.86 -7.73 -37.47
CA LYS C 149 -3.68 -7.01 -38.44
C LYS C 149 -3.26 -7.33 -39.87
N ALA C 150 -1.96 -7.57 -40.09
CA ALA C 150 -1.49 -7.95 -41.41
C ALA C 150 -2.06 -9.31 -41.82
N LYS C 151 -2.16 -10.24 -40.86
CA LYS C 151 -2.81 -11.51 -41.12
C LYS C 151 -4.32 -11.40 -41.27
N GLY C 152 -4.89 -10.22 -40.98
CA GLY C 152 -6.31 -10.02 -41.07
C GLY C 152 -7.10 -10.39 -39.83
N LYS C 153 -6.43 -10.62 -38.70
CA LYS C 153 -7.08 -11.04 -37.47
C LYS C 153 -6.84 -10.01 -36.38
N SER C 154 -7.86 -9.78 -35.55
CA SER C 154 -7.72 -8.88 -34.42
C SER C 154 -7.04 -9.62 -33.26
N ALA C 155 -6.36 -8.84 -32.41
CA ALA C 155 -5.65 -9.43 -31.29
C ALA C 155 -6.60 -9.77 -30.14
N LEU C 156 -7.44 -8.83 -29.74
CA LEU C 156 -8.32 -9.01 -28.60
C LEU C 156 -9.67 -8.35 -28.88
N MET C 157 -10.74 -9.06 -28.54
CA MET C 157 -12.09 -8.52 -28.63
C MET C 157 -12.90 -9.04 -27.46
N PHE C 158 -13.46 -8.12 -26.66
CA PHE C 158 -14.28 -8.49 -25.52
C PHE C 158 -15.33 -7.41 -25.30
N ASN C 159 -16.37 -7.77 -24.56
CA ASN C 159 -17.53 -6.90 -24.37
C ASN C 159 -17.12 -5.62 -23.67
N LEU C 160 -17.38 -4.48 -24.32
CA LEU C 160 -17.15 -3.17 -23.72
C LEU C 160 -18.43 -2.51 -23.21
N GLN C 161 -19.60 -2.99 -23.65
CA GLN C 161 -20.85 -2.41 -23.18
C GLN C 161 -21.14 -2.77 -21.74
N GLU C 162 -20.64 -3.92 -21.27
CA GLU C 162 -20.89 -4.28 -19.89
C GLU C 162 -19.63 -4.07 -19.04
N PRO C 163 -19.79 -3.48 -17.86
CA PRO C 163 -18.60 -3.15 -17.04
C PRO C 163 -17.92 -4.35 -16.41
N TYR C 164 -18.62 -5.48 -16.31
CA TYR C 164 -18.03 -6.66 -15.66
C TYR C 164 -16.78 -7.13 -16.39
N PHE C 165 -16.77 -7.03 -17.71
CA PHE C 165 -15.61 -7.46 -18.48
C PHE C 165 -14.46 -6.46 -18.40
N THR C 166 -14.76 -5.18 -18.29
CA THR C 166 -13.74 -4.14 -18.27
C THR C 166 -13.17 -3.89 -16.87
N TRP C 167 -13.80 -4.43 -15.82
CA TRP C 167 -13.33 -4.16 -14.47
C TRP C 167 -11.93 -4.69 -14.19
N PRO C 168 -11.56 -5.92 -14.57
CA PRO C 168 -10.22 -6.42 -14.19
C PRO C 168 -9.07 -5.49 -14.56
N LEU C 169 -9.17 -4.80 -15.70
CA LEU C 169 -8.15 -3.82 -16.05
C LEU C 169 -8.22 -2.60 -15.15
N ILE C 170 -9.42 -2.24 -14.69
CA ILE C 170 -9.58 -1.03 -13.89
C ILE C 170 -8.98 -1.21 -12.51
N ALA C 171 -9.25 -2.34 -11.86
CA ALA C 171 -8.83 -2.59 -10.49
C ALA C 171 -7.43 -3.21 -10.39
N ALA C 172 -6.71 -3.31 -11.51
CA ALA C 172 -5.38 -3.93 -11.47
C ALA C 172 -4.40 -3.09 -10.66
N ASP C 173 -4.29 -1.80 -10.98
CA ASP C 173 -3.41 -0.89 -10.26
C ASP C 173 -4.13 -0.11 -9.18
N GLY C 174 -5.41 -0.37 -8.95
CA GLY C 174 -6.19 0.32 -7.94
C GLY C 174 -7.61 -0.17 -7.90
N GLY C 175 -8.56 0.71 -8.19
CA GLY C 175 -9.96 0.35 -8.28
C GLY C 175 -10.50 -0.33 -7.04
N TYR C 176 -10.53 0.39 -5.92
CA TYR C 176 -11.02 -0.20 -4.68
C TYR C 176 -12.52 -0.49 -4.75
N ALA C 177 -13.24 0.25 -5.59
CA ALA C 177 -14.70 0.15 -5.70
C ALA C 177 -15.37 0.40 -4.36
N PHE C 178 -16.59 -0.09 -4.19
CA PHE C 178 -17.32 0.12 -2.93
C PHE C 178 -16.65 -0.61 -1.77
N LYS C 179 -15.94 -1.71 -2.05
CA LYS C 179 -15.32 -2.49 -0.99
C LYS C 179 -14.25 -1.68 -0.27
N TYR C 180 -14.32 -1.67 1.05
CA TYR C 180 -13.41 -0.91 1.90
C TYR C 180 -13.65 -1.40 3.33
N GLU C 181 -12.75 -1.04 4.24
CA GLU C 181 -12.85 -1.40 5.65
C GLU C 181 -12.74 -2.91 5.86
N ASN C 182 -12.86 -3.37 7.11
CA ASN C 182 -12.70 -4.78 7.46
C ASN C 182 -13.99 -5.30 8.08
N GLY C 183 -14.41 -6.49 7.64
CA GLY C 183 -15.67 -7.08 8.05
C GLY C 183 -16.91 -6.26 7.71
N LYS C 184 -16.75 -5.15 6.99
CA LYS C 184 -17.83 -4.26 6.64
C LYS C 184 -17.38 -3.45 5.42
N TYR C 185 -18.32 -2.74 4.79
CA TYR C 185 -17.98 -1.88 3.67
C TYR C 185 -18.43 -0.46 3.94
N ASP C 186 -17.52 0.50 3.76
CA ASP C 186 -17.84 1.91 3.92
C ASP C 186 -18.34 2.46 2.59
N ILE C 187 -19.61 2.90 2.57
CA ILE C 187 -20.20 3.41 1.34
C ILE C 187 -19.61 4.75 0.93
N LYS C 188 -19.01 5.48 1.88
CA LYS C 188 -18.45 6.80 1.55
C LYS C 188 -17.21 6.66 0.68
N ASP C 189 -16.36 5.69 0.97
CA ASP C 189 -15.10 5.50 0.24
C ASP C 189 -15.35 4.51 -0.91
N VAL C 190 -15.38 5.04 -2.13
CA VAL C 190 -15.52 4.21 -3.33
C VAL C 190 -14.29 4.45 -4.20
N GLY C 191 -13.61 3.37 -4.55
CA GLY C 191 -12.38 3.48 -5.32
C GLY C 191 -12.57 3.45 -6.82
N VAL C 192 -13.25 4.48 -7.35
CA VAL C 192 -13.39 4.63 -8.79
C VAL C 192 -12.63 5.83 -9.32
N ASP C 193 -12.30 6.80 -8.47
CA ASP C 193 -11.47 7.94 -8.85
C ASP C 193 -9.99 7.70 -8.57
N ASN C 194 -9.62 6.49 -8.12
CA ASN C 194 -8.23 6.20 -7.81
C ASN C 194 -7.36 6.28 -9.05
N ALA C 195 -6.09 6.62 -8.85
CA ALA C 195 -5.18 6.76 -9.98
C ALA C 195 -4.98 5.43 -10.70
N GLY C 196 -4.98 4.32 -9.97
CA GLY C 196 -4.88 3.03 -10.62
C GLY C 196 -6.08 2.72 -11.50
N ALA C 197 -7.27 3.13 -11.06
CA ALA C 197 -8.45 2.96 -11.90
C ALA C 197 -8.39 3.84 -13.13
N LYS C 198 -7.85 5.05 -12.99
CA LYS C 198 -7.72 5.94 -14.13
C LYS C 198 -6.70 5.41 -15.13
N ALA C 199 -5.62 4.80 -14.64
CA ALA C 199 -4.59 4.27 -15.53
C ALA C 199 -5.09 3.05 -16.29
N GLY C 200 -5.90 2.22 -15.64
CA GLY C 200 -6.45 1.06 -16.33
C GLY C 200 -7.42 1.45 -17.43
N LEU C 201 -8.36 2.34 -17.12
CA LEU C 201 -9.32 2.79 -18.13
C LEU C 201 -8.64 3.57 -19.24
N THR C 202 -7.57 4.31 -18.91
CA THR C 202 -6.86 5.06 -19.94
C THR C 202 -6.24 4.12 -20.96
N PHE C 203 -5.72 2.98 -20.51
CA PHE C 203 -5.19 1.99 -21.45
C PHE C 203 -6.28 1.45 -22.36
N LEU C 204 -7.47 1.21 -21.80
CA LEU C 204 -8.59 0.75 -22.62
C LEU C 204 -8.98 1.79 -23.66
N VAL C 205 -9.05 3.07 -23.24
CA VAL C 205 -9.37 4.13 -24.19
C VAL C 205 -8.27 4.28 -25.22
N ASP C 206 -7.01 4.20 -24.79
CA ASP C 206 -5.89 4.26 -25.72
C ASP C 206 -5.90 3.06 -26.67
N LEU C 207 -6.36 1.90 -26.20
CA LEU C 207 -6.52 0.75 -27.08
C LEU C 207 -7.54 1.05 -28.17
N ILE C 208 -8.61 1.77 -27.83
CA ILE C 208 -9.63 2.11 -28.81
C ILE C 208 -9.15 3.24 -29.72
N LYS C 209 -8.42 4.21 -29.16
CA LYS C 209 -7.95 5.33 -29.96
C LYS C 209 -6.94 4.88 -31.01
N ASN C 210 -6.09 3.92 -30.66
CA ASN C 210 -5.14 3.34 -31.62
C ASN C 210 -5.78 2.29 -32.51
N LYS C 211 -7.10 2.16 -32.48
CA LYS C 211 -7.88 1.26 -33.33
C LYS C 211 -7.56 -0.21 -33.09
N HIS C 212 -7.02 -0.54 -31.92
CA HIS C 212 -6.86 -1.95 -31.56
C HIS C 212 -8.17 -2.59 -31.16
N MET C 213 -9.11 -1.79 -30.64
CA MET C 213 -10.43 -2.28 -30.27
C MET C 213 -11.46 -1.24 -30.68
N ASN C 214 -12.72 -1.68 -30.75
CA ASN C 214 -13.84 -0.80 -31.08
C ASN C 214 -14.77 -0.71 -29.88
N ALA C 215 -15.27 0.49 -29.61
CA ALA C 215 -16.08 0.72 -28.42
C ALA C 215 -17.45 0.07 -28.54
N ASP C 216 -17.99 -0.06 -29.75
CA ASP C 216 -19.32 -0.61 -29.95
C ASP C 216 -19.40 -2.12 -29.79
N THR C 217 -18.27 -2.79 -29.56
CA THR C 217 -18.29 -4.24 -29.45
C THR C 217 -19.05 -4.68 -28.20
N ASP C 218 -19.86 -5.72 -28.36
CA ASP C 218 -20.64 -6.32 -27.28
C ASP C 218 -20.31 -7.80 -27.16
N TYR C 219 -21.10 -8.51 -26.36
CA TYR C 219 -20.87 -9.93 -26.13
C TYR C 219 -21.03 -10.73 -27.41
N SER C 220 -22.04 -10.41 -28.21
CA SER C 220 -22.30 -11.17 -29.43
C SER C 220 -21.21 -10.94 -30.47
N ILE C 221 -20.76 -9.69 -30.61
CA ILE C 221 -19.74 -9.39 -31.61
C ILE C 221 -18.41 -10.02 -31.22
N ALA C 222 -18.08 -10.02 -29.93
CA ALA C 222 -16.80 -10.59 -29.49
C ALA C 222 -16.82 -12.12 -29.57
N GLU C 223 -17.93 -12.74 -29.15
CA GLU C 223 -18.01 -14.20 -29.19
C GLU C 223 -18.01 -14.72 -30.61
N ALA C 224 -18.63 -13.99 -31.54
CA ALA C 224 -18.66 -14.43 -32.93
C ALA C 224 -17.28 -14.42 -33.55
N ALA C 225 -16.51 -13.35 -33.31
CA ALA C 225 -15.19 -13.23 -33.93
C ALA C 225 -14.23 -14.31 -33.43
N PHE C 226 -14.28 -14.61 -32.12
CA PHE C 226 -13.38 -15.61 -31.57
C PHE C 226 -13.75 -17.02 -32.05
N ASN C 227 -15.04 -17.32 -32.10
CA ASN C 227 -15.47 -18.65 -32.56
C ASN C 227 -15.27 -18.80 -34.06
N LYS C 228 -15.46 -17.73 -34.82
CA LYS C 228 -15.21 -17.76 -36.26
C LYS C 228 -13.73 -17.63 -36.60
N GLY C 229 -12.86 -17.46 -35.61
CA GLY C 229 -11.44 -17.36 -35.85
C GLY C 229 -10.94 -15.99 -36.25
N GLU C 230 -11.76 -14.95 -36.08
CA GLU C 230 -11.35 -13.61 -36.50
C GLU C 230 -10.48 -12.92 -35.46
N THR C 231 -10.60 -13.30 -34.19
CA THR C 231 -9.87 -12.64 -33.11
C THR C 231 -9.11 -13.67 -32.30
N ALA C 232 -7.87 -13.35 -31.95
CA ALA C 232 -7.00 -14.31 -31.28
C ALA C 232 -7.33 -14.48 -29.81
N MET C 233 -7.73 -13.40 -29.14
CA MET C 233 -7.97 -13.43 -27.70
C MET C 233 -9.34 -12.84 -27.37
N THR C 234 -9.96 -13.38 -26.33
CA THR C 234 -11.20 -12.84 -25.81
C THR C 234 -11.24 -13.06 -24.30
N ILE C 235 -11.99 -12.21 -23.62
CA ILE C 235 -12.14 -12.28 -22.16
C ILE C 235 -13.58 -12.67 -21.87
N ASN C 236 -13.76 -13.87 -21.31
CA ASN C 236 -15.10 -14.39 -21.06
C ASN C 236 -15.02 -15.39 -19.91
N GLY C 237 -16.19 -15.76 -19.39
CA GLY C 237 -16.29 -16.69 -18.30
C GLY C 237 -16.46 -18.12 -18.79
N PRO C 238 -16.81 -19.03 -17.87
CA PRO C 238 -16.96 -20.44 -18.24
C PRO C 238 -18.11 -20.70 -19.20
N TRP C 239 -19.13 -19.83 -19.23
CA TRP C 239 -20.33 -20.12 -20.00
C TRP C 239 -20.05 -20.18 -21.50
N ALA C 240 -19.06 -19.42 -21.97
CA ALA C 240 -18.75 -19.37 -23.39
C ALA C 240 -18.02 -20.61 -23.90
N TRP C 241 -17.48 -21.44 -23.00
CA TRP C 241 -16.66 -22.57 -23.43
C TRP C 241 -17.46 -23.55 -24.28
N SER C 242 -18.74 -23.74 -23.97
CA SER C 242 -19.55 -24.72 -24.69
C SER C 242 -19.71 -24.31 -26.15
N ASN C 243 -20.00 -23.03 -26.40
CA ASN C 243 -20.14 -22.56 -27.77
C ASN C 243 -18.80 -22.56 -28.49
N ILE C 244 -17.72 -22.22 -27.77
CA ILE C 244 -16.38 -22.28 -28.37
C ILE C 244 -16.00 -23.72 -28.68
N ASP C 245 -16.38 -24.66 -27.81
CA ASP C 245 -16.07 -26.06 -28.06
C ASP C 245 -16.84 -26.59 -29.25
N THR C 246 -18.07 -26.10 -29.48
CA THR C 246 -18.83 -26.52 -30.65
C THR C 246 -18.14 -26.09 -31.94
N SER C 247 -17.59 -24.88 -31.96
CA SER C 247 -16.79 -24.44 -33.10
C SER C 247 -15.43 -25.14 -33.08
N LYS C 248 -14.91 -25.40 -34.27
CA LYS C 248 -13.65 -26.14 -34.42
C LYS C 248 -12.48 -25.17 -34.33
N VAL C 249 -12.17 -24.77 -33.10
CA VAL C 249 -11.05 -23.87 -32.83
C VAL C 249 -10.33 -24.35 -31.58
N ASN C 250 -9.01 -24.49 -31.66
CA ASN C 250 -8.21 -24.85 -30.50
C ASN C 250 -8.15 -23.66 -29.55
N TYR C 251 -8.76 -23.82 -28.37
CA TYR C 251 -8.87 -22.72 -27.43
C TYR C 251 -8.32 -23.15 -26.07
N GLY C 252 -7.76 -22.19 -25.36
CA GLY C 252 -7.24 -22.43 -24.02
C GLY C 252 -7.58 -21.29 -23.10
N VAL C 253 -7.69 -21.61 -21.81
CA VAL C 253 -8.02 -20.64 -20.78
C VAL C 253 -6.80 -20.47 -19.88
N THR C 254 -6.38 -19.22 -19.70
CA THR C 254 -5.19 -18.90 -18.94
C THR C 254 -5.44 -17.69 -18.05
N VAL C 255 -4.44 -17.31 -17.27
CA VAL C 255 -4.55 -16.17 -16.38
C VAL C 255 -4.61 -14.89 -17.20
N LEU C 256 -5.45 -13.95 -16.76
CA LEU C 256 -5.58 -12.68 -17.45
C LEU C 256 -4.26 -11.91 -17.38
N PRO C 257 -3.95 -11.12 -18.42
CA PRO C 257 -2.66 -10.45 -18.47
C PRO C 257 -2.49 -9.43 -17.35
N THR C 258 -1.23 -9.20 -16.98
CA THR C 258 -0.91 -8.22 -15.95
C THR C 258 -0.88 -6.81 -16.54
N PHE C 259 -1.24 -5.83 -15.72
CA PHE C 259 -1.23 -4.43 -16.11
C PHE C 259 -0.29 -3.67 -15.18
N LYS C 260 0.70 -2.98 -15.76
CA LYS C 260 1.69 -2.22 -15.01
C LYS C 260 2.39 -3.10 -13.98
N GLY C 261 2.65 -4.35 -14.35
CA GLY C 261 3.26 -5.30 -13.44
C GLY C 261 2.39 -5.72 -12.27
N GLN C 262 1.08 -5.49 -12.36
CA GLN C 262 0.18 -5.83 -11.27
C GLN C 262 -0.87 -6.84 -11.75
N PRO C 263 -1.32 -7.72 -10.87
CA PRO C 263 -2.28 -8.74 -11.29
C PRO C 263 -3.65 -8.12 -11.59
N SER C 264 -4.25 -8.59 -12.67
CA SER C 264 -5.61 -8.18 -13.01
C SER C 264 -6.59 -8.83 -12.05
N LYS C 265 -7.50 -8.02 -11.49
CA LYS C 265 -8.39 -8.46 -10.43
C LYS C 265 -9.84 -8.46 -10.91
N PRO C 266 -10.41 -9.59 -11.29
CA PRO C 266 -11.83 -9.64 -11.62
C PRO C 266 -12.68 -9.74 -10.35
N PHE C 267 -13.93 -9.29 -10.47
CA PHE C 267 -14.89 -9.45 -9.40
C PHE C 267 -15.44 -10.87 -9.45
N VAL C 268 -15.07 -11.69 -8.46
CA VAL C 268 -15.56 -13.06 -8.39
C VAL C 268 -17.04 -13.04 -8.09
N GLY C 269 -17.81 -13.84 -8.83
CA GLY C 269 -19.25 -13.91 -8.64
C GLY C 269 -19.68 -15.32 -8.27
N VAL C 270 -20.76 -15.39 -7.51
CA VAL C 270 -21.33 -16.66 -7.06
C VAL C 270 -22.74 -16.75 -7.62
N LEU C 271 -22.94 -17.65 -8.58
CA LEU C 271 -24.28 -17.92 -9.08
C LEU C 271 -25.13 -18.50 -7.95
N SER C 272 -26.25 -17.84 -7.67
CA SER C 272 -27.08 -18.19 -6.52
C SER C 272 -28.53 -18.38 -6.94
N ALA C 273 -29.27 -19.10 -6.11
CA ALA C 273 -30.70 -19.33 -6.31
C ALA C 273 -31.47 -18.65 -5.18
N GLY C 274 -32.39 -17.78 -5.54
CA GLY C 274 -33.18 -17.04 -4.56
C GLY C 274 -34.64 -17.42 -4.65
N ILE C 275 -35.31 -17.38 -3.50
CA ILE C 275 -36.74 -17.69 -3.39
C ILE C 275 -37.49 -16.39 -3.22
N ASN C 276 -38.45 -16.14 -4.11
CA ASN C 276 -39.29 -14.95 -3.97
C ASN C 276 -40.10 -15.03 -2.68
N ALA C 277 -40.21 -13.88 -2.01
CA ALA C 277 -40.94 -13.85 -0.74
C ALA C 277 -42.40 -14.21 -0.94
N ALA C 278 -43.02 -13.73 -2.02
CA ALA C 278 -44.40 -14.05 -2.34
C ALA C 278 -44.43 -15.32 -3.19
N SER C 279 -44.22 -16.44 -2.51
CA SER C 279 -44.19 -17.76 -3.16
C SER C 279 -45.10 -18.72 -2.41
N PRO C 280 -46.24 -19.11 -3.00
CA PRO C 280 -47.04 -20.16 -2.37
C PRO C 280 -46.32 -21.50 -2.35
N ASN C 281 -45.43 -21.74 -3.31
CA ASN C 281 -44.61 -22.94 -3.38
C ASN C 281 -43.21 -22.70 -2.86
N LYS C 282 -43.07 -21.93 -1.77
CA LYS C 282 -41.76 -21.59 -1.25
C LYS C 282 -41.01 -22.84 -0.80
N GLU C 283 -41.66 -23.69 -0.01
CA GLU C 283 -41.01 -24.93 0.42
C GLU C 283 -40.86 -25.92 -0.73
N LEU C 284 -41.78 -25.91 -1.69
CA LEU C 284 -41.69 -26.81 -2.82
C LEU C 284 -40.47 -26.51 -3.68
N ALA C 285 -40.26 -25.23 -4.01
CA ALA C 285 -39.07 -24.84 -4.76
C ALA C 285 -37.82 -25.01 -3.92
N LYS C 286 -37.94 -24.85 -2.60
CA LYS C 286 -36.78 -25.02 -1.73
C LYS C 286 -36.28 -26.47 -1.74
N GLU C 287 -37.21 -27.43 -1.70
CA GLU C 287 -36.82 -28.83 -1.75
C GLU C 287 -36.19 -29.20 -3.09
N PHE C 288 -36.66 -28.59 -4.18
CA PHE C 288 -36.08 -28.87 -5.49
C PHE C 288 -34.62 -28.43 -5.55
N LEU C 289 -34.31 -27.28 -4.97
CA LEU C 289 -32.92 -26.82 -4.92
C LEU C 289 -32.14 -27.57 -3.85
N GLU C 290 -32.79 -27.97 -2.76
CA GLU C 290 -32.09 -28.60 -1.65
C GLU C 290 -31.66 -30.03 -1.99
N ASN C 291 -32.54 -30.79 -2.62
CA ASN C 291 -32.28 -32.20 -2.87
C ASN C 291 -32.12 -32.49 -4.35
N LEU C 294 -29.04 -29.12 -6.50
CA LEU C 294 -27.70 -29.07 -5.92
C LEU C 294 -27.17 -30.47 -5.65
N THR C 295 -27.11 -31.28 -6.70
CA THR C 295 -26.57 -32.63 -6.61
C THR C 295 -25.67 -32.88 -7.82
N ASP C 296 -24.82 -33.89 -7.71
CA ASP C 296 -23.90 -34.20 -8.80
C ASP C 296 -24.63 -34.44 -10.11
N GLU C 297 -25.81 -35.07 -10.05
CA GLU C 297 -26.57 -35.34 -11.27
C GLU C 297 -27.21 -34.06 -11.82
N GLY C 298 -27.71 -33.19 -10.94
CA GLY C 298 -28.41 -32.01 -11.41
C GLY C 298 -27.48 -30.96 -11.96
N LEU C 299 -26.40 -30.65 -11.22
CA LEU C 299 -25.49 -29.60 -11.64
C LEU C 299 -24.70 -30.00 -12.89
N GLU C 300 -24.44 -31.30 -13.07
CA GLU C 300 -23.69 -31.74 -14.24
C GLU C 300 -24.50 -31.55 -15.53
N ALA C 301 -25.81 -31.79 -15.47
CA ALA C 301 -26.64 -31.64 -16.66
C ALA C 301 -26.66 -30.21 -17.14
N VAL C 302 -26.71 -29.24 -16.21
CA VAL C 302 -26.66 -27.84 -16.60
C VAL C 302 -25.27 -27.49 -17.12
N ASN C 303 -24.23 -28.10 -16.55
CA ASN C 303 -22.87 -27.83 -17.00
C ASN C 303 -22.63 -28.35 -18.41
N LYS C 304 -23.33 -29.43 -18.80
CA LYS C 304 -23.16 -29.97 -20.15
C LYS C 304 -23.68 -28.99 -21.20
N ASP C 305 -24.83 -28.37 -20.94
CA ASP C 305 -25.36 -27.39 -21.87
C ASP C 305 -24.47 -26.15 -21.94
N LYS C 306 -24.15 -25.57 -20.78
CA LYS C 306 -23.27 -24.42 -20.68
C LYS C 306 -22.49 -24.60 -19.38
N PRO C 307 -21.15 -24.51 -19.41
CA PRO C 307 -20.37 -24.74 -18.20
C PRO C 307 -20.73 -23.74 -17.10
N LEU C 308 -20.97 -24.27 -15.91
CA LEU C 308 -21.36 -23.47 -14.76
C LEU C 308 -20.17 -22.97 -13.95
N GLY C 309 -18.95 -23.35 -14.32
CA GLY C 309 -17.79 -22.99 -13.53
C GLY C 309 -17.57 -23.96 -12.39
N ALA C 310 -16.95 -23.46 -11.32
CA ALA C 310 -16.67 -24.25 -10.14
C ALA C 310 -17.91 -24.23 -9.23
N VAL C 311 -18.60 -25.37 -9.14
CA VAL C 311 -19.75 -25.49 -8.26
C VAL C 311 -19.28 -25.62 -6.82
N ALA C 312 -20.21 -25.82 -5.89
CA ALA C 312 -19.91 -25.83 -4.46
C ALA C 312 -20.48 -27.10 -3.83
N LEU C 313 -19.79 -28.22 -4.05
CA LEU C 313 -20.16 -29.50 -3.46
C LEU C 313 -19.06 -30.51 -3.79
N LYS C 314 -19.35 -31.79 -3.56
CA LYS C 314 -18.37 -32.85 -3.82
C LYS C 314 -18.00 -32.93 -5.29
N SER C 315 -18.94 -32.60 -6.20
CA SER C 315 -18.68 -32.76 -7.62
C SER C 315 -17.56 -31.86 -8.09
N TYR C 316 -17.48 -30.64 -7.56
CA TYR C 316 -16.37 -29.75 -7.90
C TYR C 316 -15.05 -30.32 -7.40
N GLU C 317 -15.07 -30.95 -6.21
CA GLU C 317 -13.83 -31.44 -5.62
C GLU C 317 -13.19 -32.52 -6.48
N GLU C 318 -14.00 -33.35 -7.14
CA GLU C 318 -13.46 -34.49 -7.86
C GLU C 318 -13.37 -34.23 -9.36
N GLU C 319 -14.48 -34.42 -10.08
CA GLU C 319 -14.44 -34.42 -11.54
C GLU C 319 -14.10 -33.03 -12.09
N LEU C 320 -14.68 -31.98 -11.50
CA LEU C 320 -14.51 -30.64 -12.08
C LEU C 320 -13.11 -30.10 -11.85
N ALA C 321 -12.48 -30.46 -10.72
CA ALA C 321 -11.15 -29.94 -10.42
C ALA C 321 -10.09 -30.43 -11.39
N LYS C 322 -10.31 -31.57 -12.05
CA LYS C 322 -9.32 -32.11 -12.97
C LYS C 322 -9.14 -31.20 -14.19
N ASP C 323 -10.16 -30.42 -14.53
CA ASP C 323 -10.08 -29.58 -15.71
C ASP C 323 -9.09 -28.44 -15.48
N PRO C 324 -8.10 -28.25 -16.35
CA PRO C 324 -7.15 -27.14 -16.16
C PRO C 324 -7.81 -25.77 -16.27
N ARG C 325 -8.84 -25.64 -17.09
CA ARG C 325 -9.50 -24.35 -17.26
C ARG C 325 -10.20 -23.91 -15.98
N ILE C 326 -10.76 -24.86 -15.24
CA ILE C 326 -11.41 -24.52 -13.97
C ILE C 326 -10.38 -24.00 -12.97
N ALA C 327 -9.21 -24.62 -12.92
CA ALA C 327 -8.16 -24.15 -12.03
C ALA C 327 -7.66 -22.77 -12.42
N ALA C 328 -7.59 -22.49 -13.73
CA ALA C 328 -7.20 -21.17 -14.19
C ALA C 328 -8.24 -20.13 -13.78
N THR C 329 -9.52 -20.50 -13.82
CA THR C 329 -10.57 -19.60 -13.36
C THR C 329 -10.43 -19.34 -11.86
N MET C 330 -10.08 -20.38 -11.09
CA MET C 330 -9.85 -20.20 -9.67
C MET C 330 -8.59 -19.38 -9.39
N GLU C 331 -7.58 -19.50 -10.26
CA GLU C 331 -6.37 -18.69 -10.10
C GLU C 331 -6.67 -17.22 -10.25
N ASN C 332 -7.45 -16.85 -11.27
CA ASN C 332 -7.87 -15.47 -11.43
C ASN C 332 -8.77 -15.01 -10.30
N ALA C 333 -9.54 -15.94 -9.71
CA ALA C 333 -10.40 -15.57 -8.59
C ALA C 333 -9.58 -15.24 -7.35
N GLN C 334 -8.46 -15.94 -7.15
CA GLN C 334 -7.59 -15.63 -6.01
C GLN C 334 -6.96 -14.26 -6.16
N LYS C 335 -6.55 -13.89 -7.37
CA LYS C 335 -6.01 -12.56 -7.60
C LYS C 335 -7.08 -11.50 -7.43
N GLY C 336 -8.31 -11.80 -7.84
CA GLY C 336 -9.42 -10.89 -7.67
C GLY C 336 -10.03 -10.96 -6.29
N GLU C 337 -11.05 -10.14 -6.08
CA GLU C 337 -11.76 -10.08 -4.81
C GLU C 337 -13.23 -10.39 -5.05
N ILE C 338 -13.84 -11.13 -4.11
CA ILE C 338 -15.25 -11.47 -4.23
C ILE C 338 -16.09 -10.20 -4.18
N MET C 339 -17.11 -10.13 -5.03
CA MET C 339 -17.90 -8.92 -5.12
C MET C 339 -18.81 -8.78 -3.91
N PRO C 340 -19.01 -7.57 -3.41
CA PRO C 340 -19.84 -7.37 -2.23
C PRO C 340 -21.31 -7.67 -2.50
N ASN C 341 -22.03 -7.95 -1.42
CA ASN C 341 -23.45 -8.23 -1.46
C ASN C 341 -24.30 -7.03 -1.05
N ILE C 342 -23.67 -5.88 -0.83
CA ILE C 342 -24.36 -4.69 -0.36
C ILE C 342 -25.38 -4.23 -1.40
N PRO C 343 -26.54 -3.70 -0.97
CA PRO C 343 -27.52 -3.21 -1.94
C PRO C 343 -27.00 -2.10 -2.83
N GLN C 344 -26.00 -1.34 -2.38
CA GLN C 344 -25.45 -0.24 -3.15
C GLN C 344 -24.70 -0.68 -4.40
N MET C 345 -24.55 -1.99 -4.62
CA MET C 345 -23.77 -2.47 -5.75
C MET C 345 -24.43 -2.15 -7.09
N SER C 346 -25.78 -2.06 -7.11
CA SER C 346 -26.47 -1.79 -8.36
C SER C 346 -26.10 -0.41 -8.91
N ALA C 347 -26.04 0.59 -8.03
CA ALA C 347 -25.62 1.93 -8.47
C ALA C 347 -24.15 1.94 -8.89
N PHE C 348 -23.33 1.07 -8.29
CA PHE C 348 -21.92 1.00 -8.67
C PHE C 348 -21.76 0.48 -10.09
N TRP C 349 -22.46 -0.62 -10.42
CA TRP C 349 -22.36 -1.18 -11.75
C TRP C 349 -22.92 -0.24 -12.80
N TYR C 350 -24.01 0.46 -12.48
CA TYR C 350 -24.60 1.40 -13.42
C TYR C 350 -23.67 2.59 -13.66
N ALA C 351 -23.05 3.11 -12.61
CA ALA C 351 -22.16 4.25 -12.76
C ALA C 351 -20.89 3.87 -13.52
N VAL C 352 -20.36 2.67 -13.26
CA VAL C 352 -19.16 2.24 -13.95
C VAL C 352 -19.46 1.95 -15.42
N ARG C 353 -20.64 1.38 -15.69
CA ARG C 353 -21.02 1.11 -17.08
C ARG C 353 -21.09 2.40 -17.89
N THR C 354 -21.79 3.41 -17.34
CA THR C 354 -21.89 4.69 -18.04
C THR C 354 -20.54 5.36 -18.19
N ALA C 355 -19.65 5.17 -17.21
CA ALA C 355 -18.32 5.78 -17.28
C ALA C 355 -17.47 5.12 -18.37
N VAL C 356 -17.54 3.79 -18.48
CA VAL C 356 -16.72 3.09 -19.45
C VAL C 356 -17.16 3.42 -20.87
N ILE C 357 -18.47 3.52 -21.11
CA ILE C 357 -18.97 3.81 -22.44
C ILE C 357 -18.63 5.23 -22.86
N ASN C 358 -18.82 6.19 -21.95
CA ASN C 358 -18.55 7.59 -22.28
C ASN C 358 -17.05 7.84 -22.43
N ALA C 359 -16.23 7.17 -21.62
CA ALA C 359 -14.79 7.33 -21.75
C ALA C 359 -14.27 6.68 -23.02
N ALA C 360 -14.90 5.58 -23.46
CA ALA C 360 -14.46 4.91 -24.69
C ALA C 360 -14.64 5.82 -25.90
N SER C 361 -15.74 6.56 -25.95
CA SER C 361 -16.00 7.50 -27.04
C SER C 361 -17.06 8.48 -26.58
N GLY C 362 -16.88 9.74 -26.95
CA GLY C 362 -17.83 10.78 -26.60
C GLY C 362 -17.32 11.74 -25.56
N ARG C 363 -17.78 11.60 -24.32
CA ARG C 363 -17.29 12.46 -23.24
C ARG C 363 -15.79 12.31 -23.05
N GLN C 364 -15.28 11.09 -23.21
CA GLN C 364 -13.85 10.77 -23.02
C GLN C 364 -13.47 11.28 -21.63
N THR C 365 -12.33 11.96 -21.48
CA THR C 365 -11.89 12.51 -20.20
C THR C 365 -12.06 11.51 -19.07
N VAL C 366 -11.22 10.46 -19.08
CA VAL C 366 -11.36 9.37 -18.12
C VAL C 366 -11.40 9.90 -16.69
N ASP C 367 -10.68 10.99 -16.41
CA ASP C 367 -10.78 11.63 -15.11
C ASP C 367 -12.18 12.15 -14.84
N GLU C 368 -12.79 12.80 -15.83
CA GLU C 368 -14.14 13.33 -15.67
C GLU C 368 -15.16 12.19 -15.57
N ALA C 369 -15.04 11.19 -16.45
CA ALA C 369 -16.01 10.10 -16.47
C ALA C 369 -15.99 9.32 -15.16
N LEU C 370 -14.80 9.06 -14.63
CA LEU C 370 -14.71 8.38 -13.33
C LEU C 370 -15.11 9.31 -12.20
N LYS C 371 -14.90 10.61 -12.34
CA LYS C 371 -15.35 11.56 -11.33
C LYS C 371 -16.87 11.57 -11.23
N ASP C 372 -17.55 11.65 -12.38
CA ASP C 372 -19.01 11.59 -12.37
C ASP C 372 -19.50 10.25 -11.85
N ALA C 373 -18.78 9.17 -12.16
CA ALA C 373 -19.14 7.85 -11.63
C ALA C 373 -18.99 7.81 -10.12
N GLN C 374 -17.97 8.50 -9.59
CA GLN C 374 -17.79 8.54 -8.14
C GLN C 374 -18.94 9.28 -7.46
N THR C 375 -19.41 10.37 -8.07
CA THR C 375 -20.49 11.15 -7.46
C THR C 375 -21.83 10.43 -7.59
N ASN C 376 -22.06 9.73 -8.71
CA ASN C 376 -23.32 9.05 -8.96
C ASN C 376 -23.39 7.64 -8.40
N SER C 377 -22.30 7.14 -7.82
CA SER C 377 -22.30 5.83 -7.17
C SER C 377 -22.29 5.91 -5.66
N SER C 378 -21.45 6.78 -5.08
CA SER C 378 -21.33 6.91 -3.64
C SER C 378 -22.66 7.31 -3.01
N SER C 379 -23.05 8.56 -3.17
CA SER C 379 -24.30 9.07 -2.60
C SER C 379 -25.51 8.42 -3.26
N GLY C 386 -34.71 16.92 -6.53
CA GLY C 386 -34.99 17.84 -7.61
C GLY C 386 -35.81 17.23 -8.72
N MET C 387 -35.69 15.91 -8.89
CA MET C 387 -36.39 15.18 -9.95
C MET C 387 -37.00 13.91 -9.38
N PHE C 388 -38.30 13.93 -9.12
CA PHE C 388 -39.05 12.71 -8.83
C PHE C 388 -40.52 12.99 -9.09
N GLN C 389 -41.29 11.91 -9.17
CA GLN C 389 -42.71 12.01 -9.50
C GLN C 389 -43.51 12.43 -8.28
N ASP C 390 -44.39 13.41 -8.46
CA ASP C 390 -45.20 13.97 -7.38
C ASP C 390 -46.41 13.11 -6.99
N PRO C 391 -47.08 12.40 -7.90
CA PRO C 391 -48.26 11.60 -7.45
C PRO C 391 -47.91 10.57 -6.40
N GLN C 392 -46.85 9.77 -6.63
CA GLN C 392 -46.36 8.84 -5.65
C GLN C 392 -45.02 9.36 -5.10
N GLU C 393 -44.22 8.46 -4.53
CA GLU C 393 -42.88 8.79 -4.03
C GLU C 393 -43.02 9.90 -3.00
N ARG C 394 -42.35 11.04 -3.16
CA ARG C 394 -42.42 12.17 -2.25
C ARG C 394 -42.84 13.41 -3.00
N PRO C 395 -43.65 14.29 -2.39
CA PRO C 395 -44.11 15.49 -3.09
C PRO C 395 -42.96 16.36 -3.56
N ARG C 396 -43.11 16.91 -4.77
CA ARG C 396 -42.04 17.69 -5.38
C ARG C 396 -41.97 19.10 -4.79
N LYS C 397 -43.12 19.75 -4.62
CA LYS C 397 -43.18 21.12 -4.14
C LYS C 397 -44.11 21.20 -2.94
N LEU C 398 -44.19 22.38 -2.34
CA LEU C 398 -44.98 22.56 -1.13
C LEU C 398 -46.48 22.36 -1.33
N PRO C 399 -47.11 22.83 -2.41
CA PRO C 399 -48.56 22.59 -2.55
C PRO C 399 -48.96 21.13 -2.51
N GLN C 400 -48.17 20.25 -3.13
CA GLN C 400 -48.49 18.82 -3.10
C GLN C 400 -48.37 18.25 -1.69
N LEU C 401 -47.33 18.64 -0.96
CA LEU C 401 -47.18 18.18 0.41
C LEU C 401 -48.34 18.64 1.29
N CYS C 402 -48.84 19.86 1.05
CA CYS C 402 -49.97 20.36 1.82
C CYS C 402 -51.22 19.54 1.56
N THR C 403 -51.42 19.09 0.32
CA THR C 403 -52.61 18.32 -0.01
C THR C 403 -52.54 16.91 0.57
N GLU C 404 -51.38 16.26 0.47
CA GLU C 404 -51.25 14.90 0.99
C GLU C 404 -51.38 14.87 2.51
N LEU C 405 -50.80 15.85 3.20
CA LEU C 405 -50.95 15.95 4.64
C LEU C 405 -52.29 16.56 5.06
N GLN C 406 -53.10 17.00 4.09
CA GLN C 406 -54.44 17.56 4.36
C GLN C 406 -54.39 18.77 5.28
N THR C 407 -53.29 19.53 5.22
CA THR C 407 -53.14 20.77 5.96
C THR C 407 -52.92 21.91 4.98
N THR C 408 -53.62 23.02 5.19
CA THR C 408 -53.43 24.17 4.33
C THR C 408 -52.03 24.74 4.50
N ILE C 409 -51.56 25.44 3.46
CA ILE C 409 -50.24 26.06 3.51
C ILE C 409 -50.18 27.10 4.62
N HIS C 410 -51.32 27.71 4.93
CA HIS C 410 -51.37 28.72 5.99
C HIS C 410 -51.21 28.13 7.38
N ASP C 411 -51.51 26.84 7.55
CA ASP C 411 -51.38 26.17 8.83
C ASP C 411 -50.26 25.13 8.86
N ILE C 412 -49.56 24.92 7.74
CA ILE C 412 -48.51 23.92 7.71
C ILE C 412 -47.32 24.39 8.53
N ILE C 413 -46.58 23.42 9.07
CA ILE C 413 -45.37 23.68 9.86
C ILE C 413 -44.19 23.05 9.14
N LEU C 414 -43.16 23.85 8.88
CA LEU C 414 -41.98 23.41 8.16
C LEU C 414 -40.74 23.72 8.96
N GLU C 415 -39.66 22.99 8.66
CA GLU C 415 -38.38 23.16 9.32
C GLU C 415 -37.28 23.34 8.29
N CYS C 416 -36.36 24.25 8.56
CA CYS C 416 -35.26 24.51 7.64
C CYS C 416 -34.27 23.35 7.68
N VAL C 417 -33.75 22.97 6.50
CA VAL C 417 -32.87 21.81 6.44
C VAL C 417 -31.55 22.09 7.15
N TYR C 418 -31.06 23.33 7.08
CA TYR C 418 -29.77 23.65 7.67
C TYR C 418 -29.86 23.84 9.18
N CYS C 419 -30.84 24.63 9.63
CA CYS C 419 -30.91 25.03 11.04
C CYS C 419 -32.00 24.31 11.83
N LYS C 420 -32.93 23.64 11.17
CA LYS C 420 -34.05 22.93 11.80
C LYS C 420 -34.95 23.85 12.60
N GLN C 421 -34.80 25.15 12.48
CA GLN C 421 -35.71 26.08 13.13
C GLN C 421 -37.03 26.12 12.37
N GLN C 422 -38.13 26.26 13.11
CA GLN C 422 -39.45 26.28 12.49
C GLN C 422 -39.59 27.52 11.62
N LEU C 423 -39.99 27.32 10.38
CA LEU C 423 -40.15 28.43 9.44
C LEU C 423 -41.25 29.37 9.89
N LEU C 424 -41.00 30.67 9.74
CA LEU C 424 -42.05 31.65 9.96
C LEU C 424 -43.10 31.53 8.87
N ARG C 425 -44.31 32.02 9.18
CA ARG C 425 -45.41 31.90 8.22
C ARG C 425 -45.10 32.65 6.93
N ARG C 426 -44.40 33.78 7.03
CA ARG C 426 -43.98 34.50 5.84
C ARG C 426 -42.96 33.70 5.04
N GLU C 427 -42.03 33.04 5.73
CA GLU C 427 -41.03 32.22 5.06
C GLU C 427 -41.68 31.02 4.38
N VAL C 428 -42.74 30.47 4.97
CA VAL C 428 -43.48 29.40 4.31
C VAL C 428 -44.15 29.93 3.04
N TYR C 429 -44.68 31.15 3.11
CA TYR C 429 -45.27 31.77 1.92
C TYR C 429 -44.21 32.06 0.87
N ASP C 430 -43.02 32.51 1.29
CA ASP C 430 -41.97 32.82 0.32
C ASP C 430 -41.49 31.57 -0.39
N PHE C 431 -41.41 30.45 0.32
CA PHE C 431 -40.94 29.21 -0.31
C PHE C 431 -41.88 28.76 -1.42
N ALA C 432 -43.19 28.93 -1.23
CA ALA C 432 -44.15 28.47 -2.22
C ALA C 432 -44.15 29.37 -3.46
N PHE C 433 -43.84 30.65 -3.30
CA PHE C 433 -43.93 31.56 -4.43
C PHE C 433 -42.72 31.46 -5.34
N ARG C 434 -41.54 31.27 -4.77
CA ARG C 434 -40.36 30.99 -5.56
C ARG C 434 -40.42 29.63 -6.25
N ASP C 435 -41.49 28.87 -6.01
CA ASP C 435 -41.67 27.54 -6.59
C ASP C 435 -40.46 26.65 -6.33
N LEU C 436 -39.88 26.82 -5.14
CA LEU C 436 -38.69 26.07 -4.78
C LEU C 436 -39.03 24.61 -4.56
N CYS C 437 -38.17 23.73 -5.07
CA CYS C 437 -38.37 22.30 -4.92
C CYS C 437 -38.00 21.85 -3.51
N ILE C 438 -38.86 21.02 -2.92
CA ILE C 438 -38.67 20.59 -1.54
C ILE C 438 -37.49 19.64 -1.44
N VAL C 439 -36.69 19.79 -0.39
CA VAL C 439 -35.55 18.93 -0.13
C VAL C 439 -35.92 17.95 0.96
N TYR C 440 -35.59 16.68 0.76
CA TYR C 440 -35.86 15.62 1.73
C TYR C 440 -34.55 15.06 2.26
N ARG C 441 -34.38 15.10 3.57
CA ARG C 441 -33.23 14.54 4.25
C ARG C 441 -33.70 13.53 5.29
N ASP C 442 -33.11 12.33 5.25
CA ASP C 442 -33.51 11.22 6.12
C ASP C 442 -34.99 10.89 5.95
N GLY C 443 -35.50 11.04 4.74
CA GLY C 443 -36.90 10.76 4.48
C GLY C 443 -37.88 11.69 5.16
N ASN C 444 -37.50 12.95 5.36
CA ASN C 444 -38.35 13.93 6.03
C ASN C 444 -38.39 15.20 5.18
N PRO C 445 -39.57 15.79 4.97
CA PRO C 445 -39.64 17.04 4.22
C PRO C 445 -38.98 18.18 4.96
N TYR C 446 -38.24 19.01 4.23
CA TYR C 446 -37.52 20.13 4.80
C TYR C 446 -37.56 21.31 3.82
N ALA C 447 -37.47 22.51 4.38
CA ALA C 447 -37.40 23.72 3.56
C ALA C 447 -36.15 24.51 3.92
N VAL C 448 -36.17 25.82 3.70
CA VAL C 448 -35.04 26.68 4.01
C VAL C 448 -35.57 27.98 4.61
N CYS C 449 -34.89 28.46 5.65
CA CYS C 449 -35.21 29.74 6.25
C CYS C 449 -34.47 30.86 5.53
N ASP C 450 -34.93 32.09 5.75
CA ASP C 450 -34.37 33.22 5.02
C ASP C 450 -32.92 33.46 5.39
N LYS C 451 -32.55 33.26 6.67
CA LYS C 451 -31.17 33.47 7.08
C LYS C 451 -30.24 32.48 6.40
N CYS C 452 -30.61 31.20 6.39
CA CYS C 452 -29.79 30.20 5.72
C CYS C 452 -29.82 30.38 4.20
N LEU C 453 -30.98 30.74 3.65
CA LEU C 453 -31.08 30.95 2.22
C LEU C 453 -30.18 32.09 1.75
N LYS C 454 -30.12 33.17 2.53
CA LYS C 454 -29.26 34.29 2.16
C LYS C 454 -27.79 33.95 2.32
N PHE C 455 -27.43 33.27 3.41
CA PHE C 455 -26.02 32.96 3.66
C PHE C 455 -25.49 31.96 2.65
N TYR C 456 -26.22 30.86 2.43
CA TYR C 456 -25.73 29.82 1.53
C TYR C 456 -25.78 30.24 0.07
N SER C 457 -26.60 31.23 -0.29
CA SER C 457 -26.59 31.74 -1.66
C SER C 457 -25.39 32.63 -1.92
N LYS C 458 -24.91 33.35 -0.91
CA LYS C 458 -23.75 34.22 -1.09
C LYS C 458 -22.48 33.40 -1.26
N ILE C 459 -22.36 32.30 -0.55
CA ILE C 459 -21.15 31.48 -0.61
C ILE C 459 -21.15 30.64 -1.89
N SER C 460 -19.97 30.12 -2.24
CA SER C 460 -19.79 29.24 -3.38
C SER C 460 -20.22 29.92 -4.68
N GLU C 461 -19.59 31.06 -4.97
CA GLU C 461 -19.85 31.80 -6.20
C GLU C 461 -18.84 31.37 -7.26
N TYR C 462 -19.31 30.63 -8.25
CA TYR C 462 -18.50 30.16 -9.37
C TYR C 462 -19.20 30.51 -10.68
N ARG C 463 -19.66 31.76 -10.76
CA ARG C 463 -20.50 32.27 -11.85
C ARG C 463 -21.87 31.58 -11.83
N HIS C 464 -22.89 32.25 -12.37
CA HIS C 464 -24.24 31.71 -12.31
C HIS C 464 -24.35 30.39 -13.08
N TYR C 465 -23.96 30.41 -14.35
CA TYR C 465 -23.90 29.20 -15.15
C TYR C 465 -23.05 29.47 -16.39
N SER C 466 -22.75 28.41 -17.13
CA SER C 466 -21.91 28.49 -18.31
C SER C 466 -22.61 27.97 -19.57
N TYR C 467 -23.23 26.79 -19.50
CA TYR C 467 -23.88 26.16 -20.63
C TYR C 467 -22.91 26.00 -21.80
N SER C 468 -21.85 25.24 -21.56
CA SER C 468 -20.86 24.95 -22.59
C SER C 468 -21.42 23.91 -23.56
N LEU C 469 -21.29 24.18 -24.86
CA LEU C 469 -21.81 23.29 -25.88
C LEU C 469 -20.81 23.21 -27.02
N TYR C 470 -20.75 22.03 -27.65
CA TYR C 470 -19.82 21.81 -28.75
C TYR C 470 -20.21 22.65 -29.96
N GLY C 471 -19.21 22.98 -30.78
CA GLY C 471 -19.46 23.78 -31.96
C GLY C 471 -20.35 23.09 -32.98
N THR C 472 -20.25 21.76 -33.07
CA THR C 472 -21.11 21.02 -33.99
C THR C 472 -22.58 21.09 -33.56
N THR C 473 -22.82 21.07 -32.25
CA THR C 473 -24.19 21.18 -31.76
C THR C 473 -24.76 22.57 -32.01
N LEU C 474 -23.92 23.61 -31.95
CA LEU C 474 -24.39 24.96 -32.21
C LEU C 474 -24.85 25.12 -33.66
N GLU C 475 -24.15 24.48 -34.59
CA GLU C 475 -24.57 24.52 -36.00
C GLU C 475 -25.92 23.83 -36.18
N GLN C 476 -26.16 22.76 -35.42
CA GLN C 476 -27.44 22.06 -35.48
C GLN C 476 -28.53 22.82 -34.74
N GLN C 477 -28.18 23.54 -33.67
CA GLN C 477 -29.17 24.25 -32.88
C GLN C 477 -29.74 25.44 -33.65
N TYR C 478 -28.88 26.23 -34.26
CA TYR C 478 -29.29 27.45 -34.96
C TYR C 478 -29.31 27.30 -36.47
N ASN C 479 -29.18 26.07 -36.98
CA ASN C 479 -29.20 25.77 -38.41
C ASN C 479 -28.04 26.41 -39.17
N LYS C 480 -27.70 27.64 -38.83
CA LYS C 480 -26.60 28.33 -39.52
C LYS C 480 -25.28 27.65 -39.20
N PRO C 481 -24.39 27.48 -40.19
CA PRO C 481 -23.06 26.97 -39.91
C PRO C 481 -22.19 28.02 -39.22
N LEU C 482 -20.99 27.59 -38.81
CA LEU C 482 -20.10 28.49 -38.10
C LEU C 482 -19.67 29.66 -38.98
N SER C 483 -19.66 29.48 -40.30
CA SER C 483 -19.36 30.58 -41.20
C SER C 483 -20.41 31.68 -41.09
N ASP C 484 -21.69 31.30 -41.03
CA ASP C 484 -22.74 32.28 -40.82
C ASP C 484 -22.77 32.78 -39.39
N LEU C 485 -22.43 31.92 -38.43
CA LEU C 485 -22.49 32.29 -37.02
C LEU C 485 -21.37 33.27 -36.67
N LEU C 486 -21.63 34.09 -35.66
CA LEU C 486 -20.66 35.07 -35.18
C LEU C 486 -20.48 34.89 -33.68
N ILE C 487 -19.23 34.80 -33.25
CA ILE C 487 -18.88 34.55 -31.86
C ILE C 487 -17.90 35.63 -31.39
N ARG C 488 -17.94 35.94 -30.10
CA ARG C 488 -17.16 37.03 -29.53
C ARG C 488 -16.09 36.47 -28.59
N CYS C 489 -15.04 37.25 -28.38
CA CYS C 489 -13.91 36.80 -27.59
C CYS C 489 -14.27 36.74 -26.12
N ILE C 490 -13.62 35.83 -25.40
CA ILE C 490 -14.02 35.53 -24.02
C ILE C 490 -13.70 36.68 -23.08
N ASN C 491 -12.56 37.35 -23.30
CA ASN C 491 -12.14 38.44 -22.42
C ASN C 491 -11.76 39.72 -23.15
N CYS C 492 -11.37 39.64 -24.42
CA CYS C 492 -11.00 40.83 -25.18
C CYS C 492 -12.21 41.47 -25.86
N GLN C 493 -13.33 40.76 -25.96
CA GLN C 493 -14.55 41.24 -26.60
C GLN C 493 -14.28 41.63 -28.06
N LYS C 494 -13.60 40.75 -28.77
CA LYS C 494 -13.30 40.92 -30.19
C LYS C 494 -14.00 39.85 -31.01
N PRO C 495 -14.61 40.21 -32.13
CA PRO C 495 -15.29 39.20 -32.96
C PRO C 495 -14.32 38.14 -33.43
N LEU C 496 -14.71 36.88 -33.25
CA LEU C 496 -13.85 35.76 -33.64
C LEU C 496 -13.76 35.65 -35.16
N SER C 497 -12.53 35.46 -35.64
CA SER C 497 -12.33 35.14 -37.04
C SER C 497 -12.85 33.74 -37.34
N PRO C 498 -13.31 33.49 -38.57
CA PRO C 498 -13.71 32.12 -38.92
C PRO C 498 -12.61 31.10 -38.76
N GLU C 499 -11.34 31.52 -38.87
CA GLU C 499 -10.24 30.60 -38.67
C GLU C 499 -10.12 30.21 -37.20
N GLU C 500 -10.41 31.14 -36.29
CA GLU C 500 -10.39 30.82 -34.87
C GLU C 500 -11.48 29.82 -34.51
N LYS C 501 -12.63 29.88 -35.19
CA LYS C 501 -13.69 28.91 -34.95
C LYS C 501 -13.26 27.51 -35.36
N GLN C 502 -12.49 27.40 -36.45
CA GLN C 502 -12.01 26.10 -36.89
C GLN C 502 -11.04 25.48 -35.89
N ARG C 503 -10.26 26.31 -35.19
CA ARG C 503 -9.38 25.78 -34.15
C ARG C 503 -10.18 25.12 -33.04
N HIS C 504 -11.31 25.72 -32.66
CA HIS C 504 -12.13 25.15 -31.59
C HIS C 504 -12.64 23.77 -31.97
N LEU C 505 -13.09 23.60 -33.22
CA LEU C 505 -13.56 22.30 -33.67
C LEU C 505 -12.42 21.29 -33.72
N ASP C 506 -11.25 21.71 -34.20
CA ASP C 506 -10.12 20.80 -34.28
C ASP C 506 -9.60 20.44 -32.89
N LYS C 507 -9.64 21.39 -31.96
CA LYS C 507 -9.18 21.16 -30.60
C LYS C 507 -10.29 20.65 -29.68
N LYS C 508 -11.48 20.40 -30.23
CA LYS C 508 -12.62 19.87 -29.46
C LYS C 508 -12.97 20.78 -28.28
N GLN C 509 -13.09 22.07 -28.57
CA GLN C 509 -13.38 23.08 -27.56
C GLN C 509 -14.84 23.50 -27.66
N ARG C 510 -15.51 23.58 -26.52
CA ARG C 510 -16.92 23.93 -26.46
C ARG C 510 -17.07 25.42 -26.16
N PHE C 511 -17.87 26.10 -26.96
CA PHE C 511 -18.14 27.52 -26.73
C PHE C 511 -19.08 27.69 -25.53
N HIS C 512 -19.11 28.90 -25.00
CA HIS C 512 -19.90 29.23 -23.83
C HIS C 512 -20.86 30.38 -24.14
N ASN C 513 -22.06 30.31 -23.58
CA ASN C 513 -23.11 31.30 -23.83
C ASN C 513 -23.28 32.15 -22.59
N ILE C 514 -23.20 33.47 -22.76
CA ILE C 514 -23.34 34.43 -21.67
C ILE C 514 -24.27 35.54 -22.13
N ARG C 515 -25.36 35.75 -21.39
CA ARG C 515 -26.31 36.83 -21.67
C ARG C 515 -26.93 36.64 -23.06
N GLY C 516 -27.13 35.38 -23.44
CA GLY C 516 -27.64 35.08 -24.77
C GLY C 516 -26.65 35.30 -25.89
N ARG C 517 -25.39 35.54 -25.56
CA ARG C 517 -24.34 35.76 -26.55
C ARG C 517 -23.34 34.60 -26.43
N TRP C 518 -23.30 33.77 -27.47
CA TRP C 518 -22.34 32.67 -27.48
C TRP C 518 -20.92 33.22 -27.62
N THR C 519 -20.05 32.83 -26.70
CA THR C 519 -18.69 33.34 -26.67
C THR C 519 -17.66 32.21 -26.67
N CYS C 522 -11.06 34.35 -28.69
CA CYS C 522 -10.22 34.76 -29.80
C CYS C 522 -8.77 34.31 -29.59
N MET C 523 -7.99 34.34 -30.67
CA MET C 523 -6.62 33.83 -30.62
C MET C 523 -5.76 34.58 -29.61
N SER C 524 -6.01 35.89 -29.45
CA SER C 524 -5.20 36.68 -28.54
C SER C 524 -5.29 36.17 -27.11
N CYS C 525 -6.47 35.72 -26.70
CA CYS C 525 -6.68 35.15 -25.37
C CYS C 525 -6.78 33.63 -25.40
N SER C 526 -6.76 33.01 -26.58
CA SER C 526 -6.88 31.55 -26.65
C SER C 526 -5.67 30.87 -26.02
N ARG C 527 -4.48 31.42 -26.20
CA ARG C 527 -3.27 30.88 -25.62
C ARG C 527 -2.76 31.84 -24.55
N SER C 528 -2.44 31.31 -23.38
CA SER C 528 -1.98 32.13 -22.26
C SER C 528 -0.60 32.73 -22.55
N ILE D 11 -18.08 55.83 -1.48
CA ILE D 11 -16.74 55.97 -0.95
C ILE D 11 -16.34 57.44 -0.87
N GLU D 12 -15.67 57.81 0.23
CA GLU D 12 -15.30 59.19 0.50
C GLU D 12 -13.79 59.32 0.51
N GLU D 13 -13.28 60.24 -0.31
CA GLU D 13 -11.85 60.54 -0.33
C GLU D 13 -11.54 61.67 0.65
N GLY D 14 -10.29 61.69 1.11
CA GLY D 14 -9.87 62.64 2.13
C GLY D 14 -10.43 62.39 3.52
N LYS D 15 -11.34 61.43 3.66
CA LYS D 15 -11.90 61.05 4.96
C LYS D 15 -11.72 59.56 5.14
N LEU D 16 -11.10 59.16 6.23
CA LEU D 16 -10.79 57.76 6.50
C LEU D 16 -11.86 57.15 7.40
N VAL D 17 -12.44 56.05 6.94
CA VAL D 17 -13.46 55.33 7.69
C VAL D 17 -12.87 53.98 8.11
N ILE D 18 -12.86 53.72 9.41
CA ILE D 18 -12.30 52.49 9.96
C ILE D 18 -13.42 51.74 10.67
N TRP D 19 -13.54 50.44 10.40
CA TRP D 19 -14.51 49.58 11.04
C TRP D 19 -13.78 48.53 11.88
N ILE D 20 -14.18 48.43 13.15
CA ILE D 20 -13.54 47.53 14.10
C ILE D 20 -14.63 46.87 14.93
N ASN D 21 -14.34 45.68 15.44
CA ASN D 21 -15.30 44.97 16.27
C ASN D 21 -15.56 45.71 17.58
N GLY D 22 -16.78 45.59 18.08
CA GLY D 22 -17.15 46.33 19.27
C GLY D 22 -16.41 45.88 20.51
N ASP D 23 -16.12 44.58 20.62
CA ASP D 23 -15.39 44.08 21.78
C ASP D 23 -13.97 44.62 21.84
N LYS D 24 -13.39 44.95 20.68
CA LYS D 24 -12.08 45.58 20.67
C LYS D 24 -12.21 47.06 21.00
N GLY D 25 -11.08 47.67 21.34
CA GLY D 25 -11.07 49.07 21.74
C GLY D 25 -11.20 50.05 20.58
N TYR D 26 -12.43 50.48 20.31
CA TYR D 26 -12.62 51.47 19.24
C TYR D 26 -12.23 52.87 19.70
N ASN D 27 -12.40 53.18 20.98
CA ASN D 27 -12.00 54.49 21.48
C ASN D 27 -10.48 54.65 21.46
N GLY D 28 -9.75 53.57 21.74
CA GLY D 28 -8.30 53.65 21.68
C GLY D 28 -7.78 53.88 20.29
N LEU D 29 -8.44 53.30 19.29
CA LEU D 29 -8.03 53.52 17.91
C LEU D 29 -8.38 54.94 17.44
N ALA D 30 -9.41 55.54 18.03
CA ALA D 30 -9.72 56.93 17.73
C ALA D 30 -8.62 57.87 18.21
N GLU D 31 -7.91 57.48 19.27
CA GLU D 31 -6.83 58.32 19.79
C GLU D 31 -5.65 58.35 18.82
N VAL D 32 -5.28 57.19 18.27
CA VAL D 32 -4.19 57.15 17.31
C VAL D 32 -4.61 57.75 15.97
N GLY D 33 -5.92 57.86 15.73
CA GLY D 33 -6.40 58.47 14.51
C GLY D 33 -6.34 59.99 14.57
N LYS D 34 -6.57 60.55 15.75
CA LYS D 34 -6.45 62.00 15.92
C LYS D 34 -5.04 62.48 15.60
N LYS D 35 -4.04 61.63 15.84
CA LYS D 35 -2.67 61.97 15.46
C LYS D 35 -2.55 62.18 13.95
N PHE D 36 -3.18 61.31 13.16
CA PHE D 36 -3.16 61.46 11.71
C PHE D 36 -3.93 62.70 11.27
N GLU D 37 -4.93 63.11 12.05
CA GLU D 37 -5.74 64.28 11.66
C GLU D 37 -4.96 65.58 11.84
N LYS D 38 -4.12 65.65 12.87
CA LYS D 38 -3.33 66.86 13.10
C LYS D 38 -2.01 66.85 12.32
N ASP D 39 -1.40 65.69 12.13
CA ASP D 39 -0.11 65.63 11.45
C ASP D 39 -0.26 65.81 9.95
N THR D 40 -1.21 65.11 9.34
CA THR D 40 -1.37 65.13 7.89
C THR D 40 -2.61 65.87 7.42
N GLY D 41 -3.56 66.18 8.31
CA GLY D 41 -4.75 66.89 7.93
C GLY D 41 -5.90 66.03 7.45
N ILE D 42 -5.77 64.71 7.54
CA ILE D 42 -6.82 63.79 7.11
C ILE D 42 -7.61 63.35 8.34
N LYS D 43 -8.84 63.84 8.45
CA LYS D 43 -9.72 63.40 9.53
C LYS D 43 -10.11 61.94 9.30
N VAL D 44 -10.15 61.18 10.39
CA VAL D 44 -10.42 59.74 10.34
C VAL D 44 -11.53 59.42 11.33
N THR D 45 -12.44 58.54 10.92
CA THR D 45 -13.57 58.12 11.74
C THR D 45 -13.43 56.64 12.09
N VAL D 46 -13.63 56.31 13.36
CA VAL D 46 -13.56 54.94 13.85
C VAL D 46 -14.97 54.50 14.20
N GLU D 47 -15.44 53.44 13.54
CA GLU D 47 -16.79 52.93 13.73
C GLU D 47 -16.73 51.47 14.18
N HIS D 48 -17.74 51.07 14.94
CA HIS D 48 -17.87 49.69 15.44
C HIS D 48 -19.22 49.14 15.03
N PRO D 49 -19.35 48.70 13.77
CA PRO D 49 -20.64 48.22 13.29
C PRO D 49 -20.97 46.84 13.84
N ASP D 50 -22.25 46.62 14.10
CA ASP D 50 -22.73 45.30 14.49
C ASP D 50 -22.67 44.35 13.31
N LYS D 51 -22.32 43.09 13.59
CA LYS D 51 -22.18 42.06 12.55
C LYS D 51 -21.19 42.52 11.48
N LEU D 52 -20.00 42.93 11.93
CA LEU D 52 -19.00 43.49 11.02
C LEU D 52 -18.56 42.47 9.98
N GLU D 53 -18.44 41.20 10.37
CA GLU D 53 -18.04 40.17 9.44
C GLU D 53 -19.10 39.93 8.37
N GLU D 54 -20.36 40.20 8.68
CA GLU D 54 -21.45 40.03 7.73
C GLU D 54 -21.69 41.29 6.89
N LYS D 55 -21.46 42.48 7.47
CA LYS D 55 -21.78 43.71 6.77
C LYS D 55 -20.77 44.02 5.67
N PHE D 56 -19.50 43.66 5.86
CA PHE D 56 -18.47 44.04 4.91
C PHE D 56 -18.67 43.45 3.52
N PRO D 57 -18.96 42.15 3.36
CA PRO D 57 -19.18 41.64 1.99
C PRO D 57 -20.35 42.29 1.28
N GLN D 58 -21.40 42.66 2.00
CA GLN D 58 -22.56 43.27 1.38
C GLN D 58 -22.22 44.65 0.82
N VAL D 59 -21.52 45.47 1.60
CA VAL D 59 -21.18 46.81 1.14
C VAL D 59 -20.02 46.78 0.15
N ALA D 60 -19.10 45.83 0.30
CA ALA D 60 -17.94 45.78 -0.59
C ALA D 60 -18.34 45.49 -2.03
N ALA D 61 -19.40 44.71 -2.24
CA ALA D 61 -19.87 44.44 -3.59
C ALA D 61 -20.34 45.71 -4.27
N THR D 62 -21.03 46.59 -3.53
CA THR D 62 -21.44 47.87 -4.09
C THR D 62 -20.26 48.82 -4.25
N GLY D 63 -19.14 48.56 -3.57
CA GLY D 63 -17.99 49.43 -3.58
C GLY D 63 -17.86 50.28 -2.33
N ASP D 64 -18.97 50.64 -1.71
CA ASP D 64 -18.94 51.45 -0.50
C ASP D 64 -18.44 50.62 0.69
N GLY D 65 -18.15 51.31 1.79
CA GLY D 65 -17.71 50.65 2.99
C GLY D 65 -16.51 51.31 3.62
N PRO D 66 -15.95 50.67 4.65
CA PRO D 66 -14.80 51.26 5.34
C PRO D 66 -13.53 51.12 4.53
N ASP D 67 -12.64 52.11 4.68
CA ASP D 67 -11.32 52.01 4.09
C ASP D 67 -10.53 50.88 4.73
N ILE D 68 -10.50 50.85 6.07
CA ILE D 68 -9.80 49.82 6.82
C ILE D 68 -10.83 49.01 7.61
N ILE D 69 -10.65 47.70 7.61
CA ILE D 69 -11.51 46.79 8.37
C ILE D 69 -10.63 45.94 9.29
N PHE D 70 -11.06 45.79 10.54
CA PHE D 70 -10.33 45.03 11.54
C PHE D 70 -11.13 43.80 11.93
N TRP D 71 -10.56 42.63 11.68
CA TRP D 71 -11.21 41.35 11.99
C TRP D 71 -10.15 40.26 11.93
N ALA D 72 -10.55 39.03 12.25
CA ALA D 72 -9.65 37.89 12.15
C ALA D 72 -9.36 37.57 10.69
N HIS D 73 -8.25 36.87 10.45
CA HIS D 73 -7.77 36.62 9.10
C HIS D 73 -8.54 35.53 8.38
N ASP D 74 -9.33 34.73 9.10
CA ASP D 74 -10.05 33.63 8.44
C ASP D 74 -11.07 34.15 7.44
N ARG D 75 -11.78 35.22 7.79
CA ARG D 75 -12.73 35.81 6.85
C ARG D 75 -12.02 36.60 5.76
N PHE D 76 -10.81 37.10 6.04
CA PHE D 76 -10.08 37.89 5.05
C PHE D 76 -9.70 37.05 3.85
N GLY D 77 -9.36 35.77 4.06
CA GLY D 77 -9.05 34.90 2.94
C GLY D 77 -10.22 34.72 2.00
N GLY D 78 -11.44 34.61 2.56
CA GLY D 78 -12.63 34.57 1.73
C GLY D 78 -12.89 35.88 1.02
N TYR D 79 -12.53 37.00 1.67
CA TYR D 79 -12.66 38.29 1.01
C TYR D 79 -11.69 38.41 -0.16
N ALA D 80 -10.50 37.82 -0.05
CA ALA D 80 -9.53 37.87 -1.13
C ALA D 80 -9.99 37.05 -2.33
N GLN D 81 -10.54 35.85 -2.07
CA GLN D 81 -11.11 35.06 -3.15
C GLN D 81 -12.28 35.79 -3.80
N SER D 82 -13.07 36.52 -3.00
CA SER D 82 -14.11 37.37 -3.54
C SER D 82 -13.55 38.62 -4.20
N GLY D 83 -12.25 38.89 -4.05
CA GLY D 83 -11.66 40.07 -4.66
C GLY D 83 -12.15 41.38 -4.09
N LEU D 84 -12.50 41.40 -2.80
CA LEU D 84 -13.05 42.59 -2.17
C LEU D 84 -12.02 43.38 -1.38
N LEU D 85 -10.76 42.94 -1.35
CA LEU D 85 -9.73 43.60 -0.58
C LEU D 85 -8.50 43.80 -1.45
N ALA D 86 -7.65 44.74 -1.05
CA ALA D 86 -6.46 45.10 -1.80
C ALA D 86 -5.22 44.48 -1.17
N GLU D 87 -4.29 44.05 -2.02
CA GLU D 87 -3.05 43.46 -1.53
C GLU D 87 -2.18 44.53 -0.87
N ILE D 88 -1.69 44.22 0.33
CA ILE D 88 -0.86 45.16 1.08
C ILE D 88 0.58 45.04 0.58
N THR D 89 1.33 46.13 0.74
CA THR D 89 2.71 46.20 0.27
C THR D 89 3.60 46.65 1.42
N PRO D 90 4.41 45.76 1.98
CA PRO D 90 5.36 46.17 3.02
C PRO D 90 6.63 46.76 2.41
N ASP D 91 7.41 47.40 3.27
CA ASP D 91 8.70 47.95 2.87
C ASP D 91 9.82 46.91 2.93
N LYS D 92 9.49 45.62 2.89
CA LYS D 92 10.45 44.53 2.99
C LYS D 92 11.22 44.61 4.31
N ALA D 93 12.03 45.65 4.49
CA ALA D 93 12.70 45.85 5.76
C ALA D 93 11.69 46.08 6.89
N PHE D 94 10.61 46.81 6.59
CA PHE D 94 9.53 46.97 7.56
C PHE D 94 8.82 45.65 7.81
N GLN D 95 8.71 44.80 6.78
CA GLN D 95 8.13 43.48 6.96
C GLN D 95 9.00 42.61 7.87
N ASP D 96 10.31 42.78 7.81
CA ASP D 96 11.22 42.02 8.66
C ASP D 96 11.02 42.35 10.14
N LYS D 97 10.48 43.53 10.45
CA LYS D 97 10.27 43.91 11.84
C LYS D 97 9.21 43.04 12.51
N LEU D 98 8.10 42.78 11.82
CA LEU D 98 7.02 42.01 12.40
C LEU D 98 7.35 40.52 12.39
N TYR D 99 6.63 39.77 13.22
CA TYR D 99 6.89 38.35 13.35
C TYR D 99 6.46 37.61 12.09
N PRO D 100 7.22 36.59 11.67
CA PRO D 100 6.88 35.92 10.40
C PRO D 100 5.59 35.13 10.44
N PHE D 101 5.29 34.45 11.55
CA PHE D 101 4.12 33.57 11.58
C PHE D 101 2.82 34.35 11.40
N THR D 102 2.80 35.62 11.82
CA THR D 102 1.63 36.45 11.59
C THR D 102 1.51 36.83 10.12
N TRP D 103 2.64 37.08 9.45
CA TRP D 103 2.62 37.30 8.00
C TRP D 103 2.20 36.04 7.26
N ASP D 104 2.54 34.87 7.78
CA ASP D 104 2.16 33.62 7.13
C ASP D 104 0.67 33.36 7.20
N ALA D 105 0.01 33.83 8.27
CA ALA D 105 -1.42 33.64 8.43
C ALA D 105 -2.25 34.58 7.55
N VAL D 106 -1.70 35.73 7.16
CA VAL D 106 -2.40 36.68 6.30
C VAL D 106 -2.06 36.44 4.82
N ARG D 107 -1.49 35.29 4.49
CA ARG D 107 -1.17 34.92 3.12
C ARG D 107 -2.10 33.79 2.69
N TYR D 108 -2.88 34.03 1.63
CA TYR D 108 -3.81 33.05 1.10
C TYR D 108 -3.50 32.84 -0.38
N ASN D 109 -3.08 31.62 -0.73
CA ASN D 109 -2.70 31.28 -2.09
C ASN D 109 -1.63 32.24 -2.61
N GLY D 110 -0.66 32.56 -1.75
CA GLY D 110 0.35 33.53 -2.08
C GLY D 110 -0.08 34.94 -1.70
N LYS D 111 0.79 35.89 -2.07
CA LYS D 111 0.55 37.31 -1.84
C LYS D 111 0.35 37.64 -0.36
N LEU D 112 -0.17 38.84 -0.08
CA LEU D 112 -0.45 39.28 1.28
C LEU D 112 -1.70 40.14 1.23
N ILE D 113 -2.62 39.91 2.15
CA ILE D 113 -3.96 40.50 2.11
C ILE D 113 -4.10 41.61 3.15
N ALA D 114 -3.69 41.36 4.39
CA ALA D 114 -3.95 42.29 5.48
C ALA D 114 -2.73 42.42 6.37
N TYR D 115 -2.67 43.53 7.09
CA TYR D 115 -1.60 43.76 8.05
C TYR D 115 -1.79 42.88 9.28
N PRO D 116 -0.73 42.26 9.79
CA PRO D 116 -0.85 41.47 11.01
C PRO D 116 -0.77 42.33 12.26
N ILE D 117 -1.92 42.76 12.77
CA ILE D 117 -1.94 43.71 13.88
C ILE D 117 -1.61 43.01 15.20
N ALA D 118 -2.35 41.97 15.55
CA ALA D 118 -2.16 41.32 16.83
C ALA D 118 -2.56 39.86 16.75
N VAL D 119 -2.25 39.11 17.81
CA VAL D 119 -2.59 37.71 17.95
C VAL D 119 -3.50 37.57 19.16
N GLU D 120 -4.57 36.79 19.02
CA GLU D 120 -5.58 36.66 20.05
C GLU D 120 -5.93 35.19 20.26
N ALA D 121 -6.06 34.80 21.53
CA ALA D 121 -6.39 33.43 21.89
C ALA D 121 -7.22 33.44 23.17
N LEU D 122 -8.04 32.41 23.32
CA LEU D 122 -8.91 32.29 24.48
C LEU D 122 -8.16 31.76 25.68
N SER D 123 -8.64 32.12 26.87
CA SER D 123 -8.03 31.67 28.12
C SER D 123 -9.11 31.60 29.19
N LEU D 124 -8.83 30.82 30.23
CA LEU D 124 -9.75 30.64 31.34
C LEU D 124 -9.53 31.75 32.36
N ILE D 125 -10.58 32.49 32.68
CA ILE D 125 -10.55 33.56 33.67
C ILE D 125 -11.30 33.07 34.89
N TYR D 126 -10.64 33.09 36.05
CA TYR D 126 -11.23 32.59 37.28
C TYR D 126 -11.16 33.64 38.37
N ASN D 127 -12.18 33.66 39.22
CA ASN D 127 -12.26 34.59 40.35
C ASN D 127 -11.43 34.03 41.49
N LYS D 128 -10.31 34.71 41.82
CA LYS D 128 -9.44 34.22 42.87
C LYS D 128 -10.13 34.25 44.24
N ASP D 129 -10.97 35.27 44.48
CA ASP D 129 -11.69 35.34 45.74
C ASP D 129 -12.70 34.20 45.86
N LEU D 130 -13.44 33.93 44.79
CA LEU D 130 -14.43 32.84 44.84
C LEU D 130 -13.75 31.48 44.86
N LEU D 131 -12.66 31.33 44.09
CA LEU D 131 -11.92 30.08 44.05
C LEU D 131 -10.43 30.37 43.90
N PRO D 132 -9.64 30.20 44.97
CA PRO D 132 -8.21 30.48 44.86
C PRO D 132 -7.47 29.52 43.93
N ASN D 133 -7.80 28.23 43.98
CA ASN D 133 -7.11 27.24 43.18
C ASN D 133 -7.93 26.92 41.95
N PRO D 134 -7.50 27.32 40.76
CA PRO D 134 -8.29 27.05 39.55
C PRO D 134 -8.25 25.58 39.18
N PRO D 135 -9.35 25.03 38.67
CA PRO D 135 -9.34 23.63 38.23
C PRO D 135 -8.62 23.48 36.89
N LYS D 136 -7.91 22.36 36.75
CA LYS D 136 -7.14 22.09 35.55
C LYS D 136 -7.78 21.03 34.65
N THR D 137 -8.94 20.49 35.03
CA THR D 137 -9.65 19.53 34.21
C THR D 137 -11.10 19.95 34.06
N TRP D 138 -11.71 19.58 32.94
CA TRP D 138 -13.13 19.88 32.71
C TRP D 138 -14.03 19.03 33.59
N GLU D 139 -13.58 17.83 33.97
CA GLU D 139 -14.45 16.88 34.64
C GLU D 139 -14.77 17.30 36.07
N GLU D 140 -13.88 18.07 36.71
CA GLU D 140 -14.12 18.49 38.09
C GLU D 140 -15.00 19.73 38.17
N ILE D 141 -15.31 20.37 37.05
CA ILE D 141 -16.10 21.60 37.03
C ILE D 141 -17.54 21.34 37.47
N PRO D 142 -18.21 20.27 37.02
CA PRO D 142 -19.58 20.03 37.52
C PRO D 142 -19.71 19.99 39.03
N ALA D 143 -18.74 19.39 39.73
CA ALA D 143 -18.81 19.35 41.18
C ALA D 143 -18.63 20.73 41.80
N LEU D 144 -17.90 21.61 41.12
CA LEU D 144 -17.71 22.97 41.63
C LEU D 144 -19.01 23.77 41.57
N ASP D 145 -19.83 23.53 40.54
CA ASP D 145 -21.07 24.29 40.40
C ASP D 145 -22.06 23.94 41.50
N LYS D 146 -22.07 22.66 41.92
CA LYS D 146 -22.95 22.26 43.02
C LYS D 146 -22.59 22.98 44.31
N GLU D 147 -21.29 23.17 44.55
CA GLU D 147 -20.85 23.86 45.76
C GLU D 147 -21.14 25.36 45.67
N LEU D 148 -20.98 25.95 44.48
CA LEU D 148 -21.09 27.39 44.35
C LEU D 148 -22.53 27.87 44.28
N LYS D 149 -23.45 27.04 43.78
CA LYS D 149 -24.85 27.46 43.71
C LYS D 149 -25.45 27.64 45.11
N ALA D 150 -24.94 26.89 46.10
CA ALA D 150 -25.35 27.14 47.47
C ALA D 150 -24.81 28.48 47.98
N LYS D 151 -23.63 28.89 47.50
CA LYS D 151 -23.05 30.19 47.82
C LYS D 151 -23.60 31.31 46.95
N GLY D 152 -24.64 31.06 46.17
CA GLY D 152 -25.18 32.07 45.27
C GLY D 152 -24.27 32.38 44.11
N LYS D 153 -23.44 31.43 43.70
CA LYS D 153 -22.49 31.64 42.61
C LYS D 153 -22.67 30.55 41.56
N SER D 154 -22.09 30.80 40.38
CA SER D 154 -22.07 29.84 39.29
C SER D 154 -20.62 29.50 38.96
N ALA D 155 -20.37 28.25 38.61
CA ALA D 155 -19.00 27.80 38.36
C ALA D 155 -18.45 28.41 37.08
N LEU D 156 -19.14 28.22 35.96
CA LEU D 156 -18.64 28.64 34.66
C LEU D 156 -19.77 29.27 33.86
N MET D 157 -19.53 30.48 33.36
CA MET D 157 -20.48 31.17 32.49
C MET D 157 -19.70 31.79 31.34
N PHE D 158 -19.96 31.30 30.12
CA PHE D 158 -19.28 31.83 28.94
C PHE D 158 -20.23 31.75 27.75
N ASN D 159 -19.89 32.53 26.72
CA ASN D 159 -20.78 32.67 25.56
C ASN D 159 -20.95 31.34 24.84
N LEU D 160 -22.20 30.87 24.79
CA LEU D 160 -22.55 29.69 24.03
C LEU D 160 -23.10 30.01 22.65
N GLN D 161 -23.44 31.27 22.38
CA GLN D 161 -23.99 31.63 21.08
C GLN D 161 -22.94 31.59 19.98
N GLU D 162 -21.68 31.84 20.32
CA GLU D 162 -20.61 31.84 19.34
C GLU D 162 -19.76 30.59 19.50
N PRO D 163 -19.54 29.82 18.43
CA PRO D 163 -18.77 28.58 18.56
C PRO D 163 -17.30 28.80 18.86
N TYR D 164 -16.81 30.04 18.75
CA TYR D 164 -15.40 30.32 19.04
C TYR D 164 -15.03 29.89 20.45
N PHE D 165 -15.92 30.14 21.41
CA PHE D 165 -15.63 29.82 22.81
C PHE D 165 -15.80 28.35 23.11
N THR D 166 -16.73 27.67 22.42
CA THR D 166 -17.03 26.27 22.70
C THR D 166 -16.19 25.30 21.90
N TRP D 167 -15.45 25.77 20.89
CA TRP D 167 -14.69 24.90 20.01
C TRP D 167 -13.54 24.16 20.70
N PRO D 168 -12.78 24.79 21.61
CA PRO D 168 -11.69 24.05 22.26
C PRO D 168 -12.15 22.77 22.95
N LEU D 169 -13.32 22.80 23.60
CA LEU D 169 -13.85 21.58 24.21
C LEU D 169 -14.21 20.55 23.14
N ILE D 170 -14.70 21.00 21.99
CA ILE D 170 -15.09 20.08 20.93
C ILE D 170 -13.86 19.47 20.26
N ALA D 171 -12.83 20.29 20.04
CA ALA D 171 -11.64 19.86 19.32
C ALA D 171 -10.54 19.34 20.21
N ALA D 172 -10.78 19.22 21.52
CA ALA D 172 -9.75 18.72 22.43
C ALA D 172 -9.42 17.26 22.13
N ASP D 173 -10.45 16.41 22.06
CA ASP D 173 -10.22 15.00 21.74
C ASP D 173 -10.00 14.81 20.24
N GLY D 174 -10.75 15.52 19.41
CA GLY D 174 -10.59 15.43 17.97
C GLY D 174 -10.78 16.77 17.29
N GLY D 175 -11.97 17.00 16.72
CA GLY D 175 -12.29 18.25 16.09
C GLY D 175 -11.28 18.69 15.04
N TYR D 176 -11.11 17.89 13.99
CA TYR D 176 -10.11 18.18 12.97
C TYR D 176 -10.39 19.52 12.30
N ALA D 177 -11.59 19.68 11.75
CA ALA D 177 -11.98 20.88 11.01
C ALA D 177 -10.94 21.21 9.93
N PHE D 178 -10.87 20.29 8.96
CA PHE D 178 -9.88 20.30 7.88
C PHE D 178 -8.48 20.00 8.42
N LYS D 179 -7.65 19.37 7.60
CA LYS D 179 -6.35 18.89 8.05
C LYS D 179 -5.28 19.20 7.00
N TYR D 180 -4.11 19.63 7.48
CA TYR D 180 -2.98 19.88 6.60
C TYR D 180 -2.33 18.56 6.20
N GLU D 181 -2.07 18.39 4.90
CA GLU D 181 -1.50 17.14 4.37
C GLU D 181 -0.56 17.50 3.21
N ASN D 182 0.63 17.98 3.55
CA ASN D 182 1.68 18.29 2.58
C ASN D 182 1.18 19.24 1.50
N GLY D 183 0.50 20.29 1.93
CA GLY D 183 -0.06 21.26 1.01
C GLY D 183 -1.53 21.06 0.69
N LYS D 184 -2.17 20.06 1.26
CA LYS D 184 -3.59 19.80 1.06
C LYS D 184 -4.31 20.04 2.39
N TYR D 185 -5.19 21.04 2.40
CA TYR D 185 -5.88 21.44 3.62
C TYR D 185 -7.39 21.24 3.54
N ASP D 186 -8.06 21.85 2.56
CA ASP D 186 -9.52 21.83 2.48
C ASP D 186 -9.99 20.51 1.85
N ILE D 187 -9.77 19.43 2.60
CA ILE D 187 -10.28 18.12 2.20
C ILE D 187 -11.78 18.07 2.47
N LYS D 188 -12.46 17.20 1.71
CA LYS D 188 -13.89 17.00 1.93
C LYS D 188 -14.19 16.59 3.37
N ASP D 189 -13.29 15.82 3.97
CA ASP D 189 -13.47 15.41 5.36
C ASP D 189 -13.44 16.62 6.29
N VAL D 190 -14.51 16.76 7.09
CA VAL D 190 -14.63 17.83 8.07
C VAL D 190 -14.60 17.20 9.46
N GLY D 191 -13.78 17.74 10.34
CA GLY D 191 -13.62 17.19 11.67
C GLY D 191 -14.71 17.64 12.64
N VAL D 192 -15.96 17.38 12.28
CA VAL D 192 -17.08 17.68 13.18
C VAL D 192 -17.85 16.42 13.57
N ASP D 193 -17.72 15.31 12.85
CA ASP D 193 -18.42 14.08 13.16
C ASP D 193 -17.54 13.07 13.88
N ASN D 194 -16.27 13.40 14.12
CA ASN D 194 -15.39 12.48 14.84
C ASN D 194 -15.90 12.25 16.26
N ALA D 195 -15.59 11.06 16.79
CA ALA D 195 -16.10 10.69 18.10
C ALA D 195 -15.61 11.64 19.19
N GLY D 196 -14.44 12.23 19.01
CA GLY D 196 -13.95 13.20 19.98
C GLY D 196 -14.78 14.47 20.00
N ALA D 197 -15.23 14.91 18.83
CA ALA D 197 -16.10 16.08 18.76
C ALA D 197 -17.46 15.79 19.38
N LYS D 198 -17.95 14.57 19.22
CA LYS D 198 -19.22 14.20 19.82
C LYS D 198 -19.12 14.17 21.35
N ALA D 199 -18.02 13.65 21.88
CA ALA D 199 -17.85 13.58 23.33
C ALA D 199 -17.71 14.96 23.95
N GLY D 200 -17.04 15.88 23.24
CA GLY D 200 -16.89 17.23 23.77
C GLY D 200 -18.21 17.97 23.82
N LEU D 201 -18.98 17.90 22.74
CA LEU D 201 -20.29 18.55 22.72
C LEU D 201 -21.27 17.88 23.67
N THR D 202 -21.15 16.56 23.85
CA THR D 202 -21.99 15.87 24.81
C THR D 202 -21.71 16.34 26.22
N PHE D 203 -20.43 16.55 26.55
CA PHE D 203 -20.08 17.09 27.86
C PHE D 203 -20.66 18.49 28.05
N LEU D 204 -20.60 19.33 27.02
CA LEU D 204 -21.17 20.66 27.11
C LEU D 204 -22.69 20.61 27.24
N VAL D 205 -23.33 19.73 26.48
CA VAL D 205 -24.78 19.59 26.59
C VAL D 205 -25.16 19.00 27.95
N ASP D 206 -24.36 18.07 28.46
CA ASP D 206 -24.62 17.50 29.78
C ASP D 206 -24.53 18.55 30.86
N LEU D 207 -23.62 19.51 30.72
CA LEU D 207 -23.52 20.59 31.70
C LEU D 207 -24.81 21.40 31.75
N ILE D 208 -25.43 21.66 30.58
CA ILE D 208 -26.67 22.43 30.55
C ILE D 208 -27.82 21.58 31.08
N LYS D 209 -27.83 20.29 30.76
CA LYS D 209 -28.90 19.42 31.25
C LYS D 209 -28.83 19.24 32.76
N ASN D 210 -27.63 19.16 33.31
CA ASN D 210 -27.43 19.06 34.75
C ASN D 210 -27.56 20.41 35.46
N LYS D 211 -28.02 21.44 34.76
CA LYS D 211 -28.24 22.79 35.28
C LYS D 211 -26.95 23.46 35.74
N HIS D 212 -25.79 22.92 35.37
CA HIS D 212 -24.53 23.60 35.68
C HIS D 212 -24.37 24.87 34.85
N MET D 213 -24.86 24.85 33.61
CA MET D 213 -24.80 26.00 32.72
C MET D 213 -26.19 26.26 32.14
N ASN D 214 -26.37 27.46 31.61
CA ASN D 214 -27.61 27.86 30.96
C ASN D 214 -27.36 28.02 29.47
N ALA D 215 -28.24 27.45 28.66
CA ALA D 215 -28.06 27.50 27.21
C ALA D 215 -28.20 28.92 26.67
N ASP D 216 -29.05 29.73 27.29
CA ASP D 216 -29.27 31.12 26.85
C ASP D 216 -28.27 32.04 27.56
N THR D 217 -27.01 31.90 27.17
CA THR D 217 -25.92 32.71 27.71
C THR D 217 -25.12 33.29 26.57
N ASP D 218 -24.95 34.61 26.57
CA ASP D 218 -24.13 35.32 25.59
C ASP D 218 -23.01 36.05 26.30
N TYR D 219 -22.19 36.76 25.51
CA TYR D 219 -21.05 37.48 26.09
C TYR D 219 -21.51 38.56 27.08
N SER D 220 -22.67 39.16 26.84
CA SER D 220 -23.15 40.22 27.74
C SER D 220 -23.51 39.67 29.11
N ILE D 221 -24.21 38.53 29.14
CA ILE D 221 -24.61 37.95 30.42
C ILE D 221 -23.41 37.40 31.17
N ALA D 222 -22.48 36.76 30.46
CA ALA D 222 -21.33 36.15 31.11
C ALA D 222 -20.35 37.20 31.61
N GLU D 223 -20.11 38.25 30.81
CA GLU D 223 -19.18 39.29 31.22
C GLU D 223 -19.69 40.03 32.45
N ALA D 224 -20.99 40.35 32.48
CA ALA D 224 -21.55 41.05 33.62
C ALA D 224 -21.50 40.19 34.88
N ALA D 225 -21.73 38.88 34.73
CA ALA D 225 -21.72 37.99 35.90
C ALA D 225 -20.33 37.95 36.54
N PHE D 226 -19.28 37.90 35.73
CA PHE D 226 -17.92 37.91 36.27
C PHE D 226 -17.59 39.26 36.90
N ASN D 227 -18.08 40.35 36.31
CA ASN D 227 -17.89 41.67 36.91
C ASN D 227 -18.66 41.80 38.22
N LYS D 228 -19.91 41.31 38.24
CA LYS D 228 -20.71 41.35 39.46
C LYS D 228 -20.19 40.36 40.51
N GLY D 229 -19.35 39.41 40.11
CA GLY D 229 -18.91 38.37 41.01
C GLY D 229 -19.85 37.19 41.11
N GLU D 230 -20.81 37.08 40.20
CA GLU D 230 -21.79 35.99 40.27
C GLU D 230 -21.18 34.67 39.81
N THR D 231 -20.36 34.69 38.77
CA THR D 231 -19.73 33.48 38.27
C THR D 231 -18.26 33.44 38.69
N ALA D 232 -17.77 32.23 38.95
CA ALA D 232 -16.40 32.06 39.39
C ALA D 232 -15.42 31.93 38.24
N MET D 233 -15.84 31.32 37.14
CA MET D 233 -14.98 31.12 35.99
C MET D 233 -15.68 31.58 34.72
N THR D 234 -14.88 31.96 33.72
CA THR D 234 -15.39 32.33 32.41
C THR D 234 -14.24 32.21 31.42
N ILE D 235 -14.62 32.09 30.15
CA ILE D 235 -13.65 31.94 29.05
C ILE D 235 -13.85 33.12 28.11
N ASN D 236 -12.78 33.90 27.91
CA ASN D 236 -12.84 35.05 27.02
C ASN D 236 -11.41 35.42 26.63
N GLY D 237 -11.30 36.37 25.71
CA GLY D 237 -10.03 36.79 25.19
C GLY D 237 -9.44 37.95 25.94
N PRO D 238 -8.36 38.54 25.41
CA PRO D 238 -7.70 39.65 26.11
C PRO D 238 -8.55 40.90 26.22
N TRP D 239 -9.53 41.09 25.33
CA TRP D 239 -10.25 42.37 25.31
C TRP D 239 -11.08 42.58 26.57
N ALA D 240 -11.52 41.51 27.23
CA ALA D 240 -12.33 41.64 28.42
C ALA D 240 -11.54 42.06 29.66
N TRP D 241 -10.20 42.01 29.59
CA TRP D 241 -9.39 42.30 30.78
C TRP D 241 -9.64 43.71 31.31
N SER D 242 -9.85 44.67 30.41
CA SER D 242 -10.06 46.05 30.84
C SER D 242 -11.40 46.20 31.56
N ASN D 243 -12.44 45.50 31.09
CA ASN D 243 -13.73 45.58 31.74
C ASN D 243 -13.71 44.96 33.14
N ILE D 244 -12.97 43.84 33.30
CA ILE D 244 -12.84 43.26 34.62
C ILE D 244 -11.97 44.13 35.50
N ASP D 245 -11.04 44.89 34.92
CA ASP D 245 -10.20 45.78 35.72
C ASP D 245 -10.99 46.92 36.33
N THR D 246 -12.05 47.38 35.65
CA THR D 246 -12.86 48.47 36.18
C THR D 246 -13.50 48.08 37.51
N SER D 247 -13.98 46.84 37.60
CA SER D 247 -14.53 46.29 38.84
C SER D 247 -13.74 45.02 39.15
N LYS D 248 -12.54 45.19 39.70
CA LYS D 248 -11.63 44.08 39.90
C LYS D 248 -12.23 43.06 40.88
N VAL D 249 -12.33 41.82 40.42
CA VAL D 249 -12.85 40.73 41.24
C VAL D 249 -11.73 39.74 41.50
N ASN D 250 -10.49 40.25 41.54
CA ASN D 250 -9.29 39.42 41.65
C ASN D 250 -9.26 38.38 40.52
N TYR D 251 -9.33 38.88 39.29
CA TYR D 251 -9.38 38.01 38.13
C TYR D 251 -7.99 37.50 37.78
N GLY D 252 -7.92 36.24 37.38
CA GLY D 252 -6.66 35.63 37.00
C GLY D 252 -6.82 34.83 35.72
N VAL D 253 -5.73 34.79 34.95
CA VAL D 253 -5.70 34.11 33.66
C VAL D 253 -4.90 32.83 33.82
N THR D 254 -5.50 31.70 33.44
CA THR D 254 -4.86 30.40 33.56
C THR D 254 -5.11 29.59 32.29
N VAL D 255 -4.45 28.43 32.22
CA VAL D 255 -4.57 27.55 31.07
C VAL D 255 -5.97 26.96 31.00
N LEU D 256 -6.49 26.80 29.79
CA LEU D 256 -7.82 26.22 29.62
C LEU D 256 -7.83 24.79 30.16
N PRO D 257 -8.93 24.33 30.74
CA PRO D 257 -8.93 23.02 31.40
C PRO D 257 -8.75 21.89 30.39
N THR D 258 -8.15 20.81 30.87
CA THR D 258 -7.96 19.61 30.05
C THR D 258 -9.24 18.79 30.03
N PHE D 259 -9.53 18.19 28.87
CA PHE D 259 -10.73 17.38 28.69
C PHE D 259 -10.30 16.00 28.20
N LYS D 260 -10.69 14.96 28.94
CA LYS D 260 -10.39 13.57 28.58
C LYS D 260 -8.90 13.35 28.39
N GLY D 261 -8.09 13.93 29.28
CA GLY D 261 -6.66 13.83 29.19
C GLY D 261 -6.02 14.63 28.08
N GLN D 262 -6.80 15.42 27.35
CA GLN D 262 -6.27 16.21 26.24
C GLN D 262 -6.39 17.70 26.56
N PRO D 263 -5.34 18.48 26.36
CA PRO D 263 -5.46 19.93 26.56
C PRO D 263 -6.42 20.53 25.55
N SER D 264 -7.18 21.53 26.00
CA SER D 264 -8.11 22.20 25.09
C SER D 264 -7.33 22.91 23.99
N LYS D 265 -7.78 22.74 22.75
CA LYS D 265 -7.13 23.35 21.60
C LYS D 265 -7.93 24.56 21.15
N PRO D 266 -7.54 25.77 21.52
CA PRO D 266 -8.24 26.96 21.01
C PRO D 266 -7.82 27.26 19.58
N PHE D 267 -8.73 27.91 18.85
CA PHE D 267 -8.45 28.36 17.49
C PHE D 267 -7.91 29.78 17.57
N VAL D 268 -6.59 29.91 17.42
CA VAL D 268 -5.94 31.21 17.55
C VAL D 268 -6.35 32.10 16.39
N GLY D 269 -6.51 33.39 16.66
CA GLY D 269 -6.88 34.34 15.64
C GLY D 269 -5.95 35.53 15.54
N VAL D 270 -5.53 35.85 14.32
CA VAL D 270 -4.64 36.99 14.09
C VAL D 270 -5.51 38.19 13.72
N LEU D 271 -5.59 39.16 14.63
CA LEU D 271 -6.30 40.40 14.33
C LEU D 271 -5.58 41.12 13.19
N SER D 272 -6.31 41.40 12.12
CA SER D 272 -5.73 41.94 10.90
C SER D 272 -6.49 43.16 10.44
N ALA D 273 -5.79 44.04 9.73
CA ALA D 273 -6.37 45.25 9.15
C ALA D 273 -6.25 45.17 7.64
N GLY D 274 -7.36 45.27 6.94
CA GLY D 274 -7.39 45.17 5.49
C GLY D 274 -7.91 46.44 4.86
N ILE D 275 -7.28 46.84 3.77
CA ILE D 275 -7.68 48.03 3.02
C ILE D 275 -8.66 47.63 1.93
N ASN D 276 -9.79 48.34 1.84
CA ASN D 276 -10.80 48.02 0.84
C ASN D 276 -10.22 48.16 -0.56
N ALA D 277 -10.66 47.28 -1.46
CA ALA D 277 -10.14 47.30 -2.83
C ALA D 277 -10.51 48.61 -3.53
N ALA D 278 -11.75 49.07 -3.36
CA ALA D 278 -12.19 50.32 -3.95
C ALA D 278 -12.10 51.44 -2.91
N SER D 279 -10.87 51.73 -2.52
CA SER D 279 -10.59 52.74 -1.50
C SER D 279 -9.96 53.96 -2.15
N PRO D 280 -10.56 55.15 -2.01
CA PRO D 280 -9.92 56.36 -2.53
C PRO D 280 -8.64 56.71 -1.81
N ASN D 281 -8.56 56.44 -0.50
CA ASN D 281 -7.36 56.69 0.31
C ASN D 281 -6.59 55.41 0.56
N LYS D 282 -6.46 54.54 -0.45
CA LYS D 282 -5.80 53.26 -0.25
C LYS D 282 -4.34 53.45 0.14
N GLU D 283 -3.59 54.22 -0.65
CA GLU D 283 -2.20 54.51 -0.30
C GLU D 283 -2.11 55.39 0.94
N LEU D 284 -3.09 56.28 1.14
CA LEU D 284 -3.09 57.15 2.31
C LEU D 284 -3.31 56.33 3.58
N ALA D 285 -4.24 55.37 3.55
CA ALA D 285 -4.46 54.53 4.72
C ALA D 285 -3.33 53.53 4.92
N LYS D 286 -2.65 53.13 3.83
CA LYS D 286 -1.51 52.23 3.96
C LYS D 286 -0.39 52.89 4.76
N GLU D 287 -0.12 54.17 4.49
CA GLU D 287 0.94 54.87 5.22
C GLU D 287 0.56 55.09 6.68
N PHE D 288 -0.74 55.31 6.95
CA PHE D 288 -1.17 55.54 8.32
C PHE D 288 -1.04 54.28 9.16
N LEU D 289 -1.43 53.13 8.62
CA LEU D 289 -1.28 51.88 9.35
C LEU D 289 0.19 51.48 9.49
N GLU D 290 1.03 51.90 8.54
CA GLU D 290 2.42 51.46 8.53
C GLU D 290 3.27 52.22 9.55
N ASN D 291 3.01 53.52 9.74
CA ASN D 291 3.88 54.36 10.54
C ASN D 291 3.17 55.09 11.67
N TYR D 292 1.90 54.78 11.94
CA TYR D 292 1.18 55.37 13.06
C TYR D 292 0.65 54.32 14.02
N LEU D 293 -0.24 53.42 13.54
CA LEU D 293 -0.82 52.42 14.44
C LEU D 293 0.22 51.38 14.85
N LEU D 294 1.10 50.99 13.94
CA LEU D 294 2.07 49.94 14.24
C LEU D 294 3.11 50.38 15.26
N THR D 295 3.31 51.68 15.44
CA THR D 295 4.23 52.16 16.47
C THR D 295 3.77 51.68 17.84
N ASP D 296 4.75 51.51 18.74
CA ASP D 296 4.43 51.06 20.09
C ASP D 296 3.49 52.04 20.80
N GLU D 297 3.63 53.34 20.51
CA GLU D 297 2.70 54.32 21.06
C GLU D 297 1.28 54.06 20.59
N GLY D 298 1.11 53.73 19.31
CA GLY D 298 -0.22 53.48 18.79
C GLY D 298 -0.84 52.21 19.32
N LEU D 299 -0.05 51.16 19.45
CA LEU D 299 -0.58 49.88 19.93
C LEU D 299 -0.98 49.95 21.39
N GLU D 300 -0.24 50.71 22.20
CA GLU D 300 -0.57 50.84 23.62
C GLU D 300 -1.88 51.59 23.82
N ALA D 301 -2.18 52.54 22.94
CA ALA D 301 -3.42 53.31 23.08
C ALA D 301 -4.64 52.44 22.86
N VAL D 302 -4.61 51.59 21.81
CA VAL D 302 -5.71 50.66 21.60
C VAL D 302 -5.76 49.62 22.71
N ASN D 303 -4.58 49.21 23.20
CA ASN D 303 -4.53 48.27 24.31
C ASN D 303 -5.10 48.87 25.59
N LYS D 304 -5.04 50.20 25.72
CA LYS D 304 -5.56 50.86 26.91
C LYS D 304 -7.07 50.72 27.01
N ASP D 305 -7.77 50.96 25.90
CA ASP D 305 -9.23 50.83 25.89
C ASP D 305 -9.64 49.37 26.07
N LYS D 306 -9.08 48.47 25.26
CA LYS D 306 -9.32 47.04 25.37
C LYS D 306 -8.00 46.34 25.05
N PRO D 307 -7.53 45.47 25.94
CA PRO D 307 -6.22 44.83 25.71
C PRO D 307 -6.21 44.00 24.44
N LEU D 308 -5.13 44.13 23.67
CA LEU D 308 -4.99 43.41 22.41
C LEU D 308 -4.26 42.08 22.56
N GLY D 309 -3.69 41.80 23.74
CA GLY D 309 -3.04 40.52 23.95
C GLY D 309 -1.71 40.44 23.21
N ALA D 310 -1.47 39.29 22.59
CA ALA D 310 -0.23 39.07 21.87
C ALA D 310 -0.19 39.91 20.60
N VAL D 311 1.00 40.45 20.29
CA VAL D 311 1.21 41.32 19.15
C VAL D 311 2.31 40.74 18.29
N ALA D 312 2.34 41.15 17.02
CA ALA D 312 3.40 40.73 16.10
C ALA D 312 4.60 41.66 16.12
N LEU D 313 4.52 42.80 16.80
CA LEU D 313 5.61 43.77 16.79
C LEU D 313 6.78 43.27 17.63
N LYS D 314 7.99 43.62 17.17
CA LYS D 314 9.19 43.27 17.92
C LYS D 314 9.23 43.96 19.28
N SER D 315 8.69 45.18 19.37
CA SER D 315 8.68 45.89 20.64
C SER D 315 7.86 45.15 21.69
N TYR D 316 6.74 44.55 21.27
CA TYR D 316 5.92 43.80 22.21
C TYR D 316 6.66 42.61 22.80
N GLU D 317 7.56 42.00 22.03
CA GLU D 317 8.22 40.77 22.46
C GLU D 317 8.96 40.98 23.78
N GLU D 318 9.42 42.20 24.05
CA GLU D 318 10.03 42.54 25.33
C GLU D 318 9.15 43.40 26.21
N GLU D 319 8.24 44.18 25.62
CA GLU D 319 7.43 45.11 26.39
C GLU D 319 6.32 44.40 27.15
N LEU D 320 5.51 43.59 26.46
CA LEU D 320 4.31 43.03 27.04
C LEU D 320 4.31 41.50 27.17
N ALA D 321 5.28 40.81 26.57
CA ALA D 321 5.31 39.35 26.67
C ALA D 321 5.59 38.87 28.09
N LYS D 322 6.18 39.73 28.93
CA LYS D 322 6.46 39.34 30.31
C LYS D 322 5.20 39.21 31.15
N ASP D 323 4.12 39.87 30.75
CA ASP D 323 2.89 39.85 31.54
C ASP D 323 2.35 38.43 31.65
N PRO D 324 2.02 37.96 32.85
CA PRO D 324 1.58 36.56 32.98
C PRO D 324 0.29 36.26 32.23
N ARG D 325 -0.63 37.21 32.16
CA ARG D 325 -1.87 36.99 31.43
C ARG D 325 -1.60 36.81 29.94
N ILE D 326 -0.66 37.60 29.39
CA ILE D 326 -0.29 37.44 28.00
C ILE D 326 0.47 36.14 27.79
N ALA D 327 1.35 35.80 28.73
CA ALA D 327 2.12 34.57 28.61
C ALA D 327 1.23 33.34 28.67
N ALA D 328 0.21 33.36 29.53
CA ALA D 328 -0.72 32.25 29.59
C ALA D 328 -1.58 32.15 28.34
N THR D 329 -1.89 33.29 27.72
CA THR D 329 -2.64 33.28 26.47
C THR D 329 -1.84 32.61 25.35
N MET D 330 -0.53 32.90 25.30
CA MET D 330 0.31 32.28 24.28
C MET D 330 0.48 30.79 24.54
N GLU D 331 0.54 30.39 25.82
CA GLU D 331 0.67 28.96 26.14
C GLU D 331 -0.54 28.18 25.65
N ASN D 332 -1.75 28.72 25.86
CA ASN D 332 -2.94 28.10 25.29
C ASN D 332 -2.89 28.10 23.77
N ALA D 333 -2.30 29.15 23.19
CA ALA D 333 -2.25 29.26 21.74
C ALA D 333 -1.34 28.20 21.12
N GLN D 334 -0.20 27.93 21.75
CA GLN D 334 0.74 26.95 21.22
C GLN D 334 0.13 25.56 21.18
N LYS D 335 -0.63 25.20 22.21
CA LYS D 335 -1.33 23.92 22.20
C LYS D 335 -2.40 23.88 21.13
N GLY D 336 -3.10 25.00 20.92
CA GLY D 336 -4.09 25.09 19.87
C GLY D 336 -3.46 25.30 18.50
N GLU D 337 -4.34 25.43 17.51
CA GLU D 337 -3.93 25.60 16.13
C GLU D 337 -4.52 26.89 15.56
N ILE D 338 -3.70 27.62 14.79
CA ILE D 338 -4.18 28.83 14.14
C ILE D 338 -5.34 28.48 13.21
N MET D 339 -6.31 29.38 13.11
CA MET D 339 -7.44 29.11 12.22
C MET D 339 -7.03 29.32 10.77
N PRO D 340 -7.46 28.44 9.87
CA PRO D 340 -7.09 28.61 8.46
C PRO D 340 -7.78 29.81 7.83
N ASN D 341 -7.19 30.28 6.74
CA ASN D 341 -7.69 31.43 6.01
C ASN D 341 -8.48 31.04 4.76
N ILE D 342 -8.80 29.76 4.61
CA ILE D 342 -9.52 29.26 3.44
C ILE D 342 -10.92 29.85 3.40
N PRO D 343 -11.48 30.09 2.22
CA PRO D 343 -12.83 30.68 2.15
C PRO D 343 -13.92 29.77 2.72
N GLN D 344 -13.68 28.46 2.78
CA GLN D 344 -14.67 27.54 3.33
C GLN D 344 -14.84 27.67 4.85
N MET D 345 -14.05 28.55 5.49
CA MET D 345 -14.13 28.68 6.95
C MET D 345 -15.45 29.31 7.39
N SER D 346 -16.03 30.19 6.57
CA SER D 346 -17.28 30.83 6.95
C SER D 346 -18.40 29.79 7.09
N ALA D 347 -18.44 28.82 6.18
CA ALA D 347 -19.44 27.76 6.28
C ALA D 347 -19.18 26.85 7.48
N PHE D 348 -17.90 26.65 7.83
CA PHE D 348 -17.59 25.83 9.00
C PHE D 348 -18.05 26.50 10.28
N TRP D 349 -17.86 27.83 10.39
CA TRP D 349 -18.31 28.55 11.57
C TRP D 349 -19.83 28.54 11.67
N TYR D 350 -20.52 28.71 10.54
CA TYR D 350 -21.98 28.75 10.56
C TYR D 350 -22.57 27.41 10.97
N ALA D 351 -21.98 26.31 10.50
CA ALA D 351 -22.51 24.99 10.81
C ALA D 351 -22.30 24.65 12.28
N VAL D 352 -21.10 24.91 12.81
CA VAL D 352 -20.82 24.60 14.21
C VAL D 352 -21.63 25.51 15.12
N ARG D 353 -21.79 26.78 14.74
CA ARG D 353 -22.65 27.68 15.50
C ARG D 353 -24.07 27.15 15.56
N THR D 354 -24.58 26.68 14.42
CA THR D 354 -25.92 26.10 14.38
C THR D 354 -25.98 24.80 15.17
N ALA D 355 -24.89 24.01 15.14
CA ALA D 355 -24.88 22.74 15.84
C ALA D 355 -24.85 22.94 17.36
N VAL D 356 -24.03 23.89 17.83
CA VAL D 356 -23.91 24.12 19.26
C VAL D 356 -25.22 24.67 19.83
N ILE D 357 -25.83 25.63 19.14
CA ILE D 357 -27.05 26.25 19.65
C ILE D 357 -28.20 25.26 19.63
N ASN D 358 -28.35 24.50 18.55
CA ASN D 358 -29.46 23.54 18.46
C ASN D 358 -29.31 22.43 19.49
N ALA D 359 -28.10 21.90 19.66
CA ALA D 359 -27.90 20.82 20.63
C ALA D 359 -28.18 21.30 22.04
N ALA D 360 -27.82 22.55 22.35
CA ALA D 360 -28.05 23.08 23.70
C ALA D 360 -29.54 23.28 23.95
N SER D 361 -30.28 23.76 22.96
CA SER D 361 -31.71 23.99 23.15
C SER D 361 -32.48 22.68 23.21
N GLY D 362 -32.16 21.74 22.33
CA GLY D 362 -32.81 20.45 22.27
C GLY D 362 -33.17 20.11 20.84
N ARG D 363 -34.18 19.25 20.69
CA ARG D 363 -34.70 18.84 19.39
C ARG D 363 -33.66 18.08 18.57
N GLN D 364 -32.48 18.66 18.39
CA GLN D 364 -31.37 18.00 17.70
C GLN D 364 -30.38 17.48 18.74
N THR D 365 -30.13 16.17 18.72
CA THR D 365 -29.14 15.59 19.60
C THR D 365 -27.73 15.99 19.14
N VAL D 366 -26.75 15.67 19.98
CA VAL D 366 -25.36 16.01 19.66
C VAL D 366 -24.93 15.31 18.37
N ASP D 367 -25.27 14.03 18.23
CA ASP D 367 -24.94 13.30 17.01
C ASP D 367 -25.74 13.84 15.82
N GLU D 368 -26.99 14.23 16.06
CA GLU D 368 -27.82 14.75 14.96
C GLU D 368 -27.32 16.11 14.49
N ALA D 369 -26.95 16.98 15.43
CA ALA D 369 -26.50 18.32 15.05
C ALA D 369 -25.16 18.28 14.33
N LEU D 370 -24.23 17.44 14.80
CA LEU D 370 -22.93 17.35 14.16
C LEU D 370 -23.02 16.64 12.80
N LYS D 371 -23.94 15.69 12.67
CA LYS D 371 -24.13 15.02 11.38
C LYS D 371 -24.60 16.01 10.32
N ASP D 372 -25.58 16.84 10.66
CA ASP D 372 -26.04 17.87 9.74
C ASP D 372 -24.97 18.91 9.47
N ALA D 373 -24.12 19.19 10.45
CA ALA D 373 -23.05 20.17 10.26
C ALA D 373 -22.05 19.70 9.21
N GLN D 374 -21.77 18.39 9.18
CA GLN D 374 -20.83 17.87 8.20
C GLN D 374 -21.38 17.99 6.78
N THR D 375 -22.67 17.66 6.60
CA THR D 375 -23.26 17.76 5.27
C THR D 375 -23.37 19.20 4.81
N ASN D 376 -23.60 20.13 5.74
CA ASN D 376 -23.70 21.54 5.37
C ASN D 376 -22.33 22.14 5.09
N SER D 377 -21.30 21.71 5.81
CA SER D 377 -19.97 22.31 5.66
C SER D 377 -19.25 21.82 4.42
N SER D 378 -19.46 20.56 4.03
CA SER D 378 -18.72 20.01 2.89
C SER D 378 -19.14 20.68 1.58
N SER D 379 -20.45 20.81 1.36
CA SER D 379 -20.95 21.42 0.14
C SER D 379 -22.35 21.94 0.39
N GLU D 380 -22.87 22.69 -0.58
CA GLU D 380 -24.22 23.22 -0.54
C GLU D 380 -24.99 22.75 -1.76
N ASN D 381 -26.28 22.47 -1.57
CA ASN D 381 -27.11 22.04 -2.69
C ASN D 381 -27.51 23.23 -3.58
N LEU D 382 -27.82 24.37 -2.97
CA LEU D 382 -28.14 25.61 -3.68
C LEU D 382 -29.26 25.42 -4.69
N GLU D 393 -28.55 33.74 -9.20
CA GLU D 393 -29.27 34.07 -10.43
C GLU D 393 -29.14 32.95 -11.44
N ARG D 394 -29.28 31.71 -10.98
CA ARG D 394 -29.24 30.54 -11.84
C ARG D 394 -30.65 30.02 -12.08
N PRO D 395 -31.07 29.86 -13.33
CA PRO D 395 -32.45 29.47 -13.61
C PRO D 395 -32.81 28.15 -12.96
N ARG D 396 -33.91 28.16 -12.19
CA ARG D 396 -34.36 26.95 -11.52
C ARG D 396 -35.18 26.06 -12.46
N LYS D 397 -35.98 26.65 -13.32
CA LYS D 397 -36.82 25.91 -14.24
C LYS D 397 -36.30 26.05 -15.68
N LEU D 398 -36.81 25.19 -16.55
CA LEU D 398 -36.39 25.14 -17.94
C LEU D 398 -36.84 26.37 -18.74
N PRO D 399 -38.07 26.87 -18.60
CA PRO D 399 -38.46 28.05 -19.38
C PRO D 399 -37.57 29.26 -19.15
N GLN D 400 -37.13 29.49 -17.91
CA GLN D 400 -36.23 30.61 -17.63
C GLN D 400 -34.90 30.44 -18.35
N LEU D 401 -34.37 29.22 -18.34
CA LEU D 401 -33.09 28.97 -19.00
C LEU D 401 -33.20 29.17 -20.51
N CYS D 402 -34.33 28.79 -21.09
CA CYS D 402 -34.51 28.95 -22.54
C CYS D 402 -34.50 30.41 -22.94
N THR D 403 -35.12 31.27 -22.13
CA THR D 403 -35.18 32.69 -22.47
C THR D 403 -33.81 33.35 -22.39
N GLU D 404 -33.02 33.01 -21.36
CA GLU D 404 -31.69 33.58 -21.24
C GLU D 404 -30.78 33.12 -22.35
N LEU D 405 -30.90 31.86 -22.77
CA LEU D 405 -30.15 31.34 -23.90
C LEU D 405 -30.75 31.73 -25.25
N GLN D 406 -31.92 32.39 -25.24
CA GLN D 406 -32.58 32.84 -26.46
C GLN D 406 -32.82 31.70 -27.43
N THR D 407 -33.29 30.57 -26.91
CA THR D 407 -33.64 29.41 -27.73
C THR D 407 -34.95 28.83 -27.24
N THR D 408 -35.76 28.35 -28.17
CA THR D 408 -36.99 27.67 -27.80
C THR D 408 -36.67 26.32 -27.16
N ILE D 409 -37.61 25.83 -26.34
CA ILE D 409 -37.45 24.52 -25.74
C ILE D 409 -37.51 23.43 -26.81
N HIS D 410 -38.17 23.71 -27.95
CA HIS D 410 -38.14 22.78 -29.06
C HIS D 410 -36.75 22.66 -29.67
N ASP D 411 -35.93 23.71 -29.54
CA ASP D 411 -34.60 23.74 -30.12
C ASP D 411 -33.48 23.66 -29.09
N ILE D 412 -33.80 23.69 -27.80
CA ILE D 412 -32.77 23.67 -26.77
C ILE D 412 -32.11 22.29 -26.74
N ILE D 413 -30.84 22.27 -26.34
CA ILE D 413 -30.05 21.05 -26.23
C ILE D 413 -29.68 20.86 -24.75
N LEU D 414 -30.14 19.77 -24.17
CA LEU D 414 -29.91 19.46 -22.76
C LEU D 414 -29.17 18.13 -22.65
N GLU D 415 -28.43 17.99 -21.54
CA GLU D 415 -27.67 16.78 -21.28
C GLU D 415 -27.99 16.27 -19.88
N CYS D 416 -28.11 14.96 -19.75
CA CYS D 416 -28.42 14.35 -18.47
C CYS D 416 -27.22 14.46 -17.54
N VAL D 417 -27.50 14.64 -16.25
CA VAL D 417 -26.43 14.85 -15.27
C VAL D 417 -25.67 13.55 -15.03
N TYR D 418 -26.37 12.42 -15.01
CA TYR D 418 -25.74 11.15 -14.70
C TYR D 418 -24.89 10.63 -15.85
N CYS D 419 -25.46 10.55 -17.05
CA CYS D 419 -24.80 9.92 -18.18
C CYS D 419 -24.16 10.92 -19.16
N LYS D 420 -24.45 12.22 -19.02
CA LYS D 420 -23.89 13.24 -19.89
C LYS D 420 -24.20 12.95 -21.36
N GLN D 421 -25.39 12.43 -21.62
CA GLN D 421 -25.85 12.15 -22.98
C GLN D 421 -26.98 13.11 -23.32
N GLN D 422 -27.02 13.55 -24.58
CA GLN D 422 -27.99 14.54 -25.01
C GLN D 422 -29.41 14.02 -24.86
N LEU D 423 -30.27 14.82 -24.24
CA LEU D 423 -31.66 14.43 -24.05
C LEU D 423 -32.40 14.42 -25.38
N LEU D 424 -33.28 13.44 -25.56
CA LEU D 424 -34.14 13.42 -26.72
C LEU D 424 -35.20 14.52 -26.62
N ARG D 425 -35.77 14.87 -27.77
CA ARG D 425 -36.74 15.97 -27.80
C ARG D 425 -37.95 15.67 -26.92
N ARG D 426 -38.39 14.41 -26.89
CA ARG D 426 -39.46 14.03 -25.97
C ARG D 426 -39.01 14.14 -24.52
N GLU D 427 -37.75 13.78 -24.24
CA GLU D 427 -37.25 13.87 -22.88
C GLU D 427 -37.15 15.32 -22.41
N VAL D 428 -36.80 16.23 -23.33
CA VAL D 428 -36.77 17.64 -22.97
C VAL D 428 -38.18 18.16 -22.71
N TYR D 429 -39.15 17.71 -23.50
CA TYR D 429 -40.54 18.12 -23.32
C TYR D 429 -41.09 17.64 -21.98
N ASP D 430 -40.86 16.37 -21.65
CA ASP D 430 -41.37 15.82 -20.40
C ASP D 430 -40.81 16.55 -19.18
N PHE D 431 -39.58 17.06 -19.27
CA PHE D 431 -38.97 17.73 -18.13
C PHE D 431 -39.73 19.01 -17.78
N ALA D 432 -40.18 19.75 -18.78
CA ALA D 432 -40.90 21.00 -18.53
C ALA D 432 -42.33 20.75 -18.07
N PHE D 433 -43.01 19.78 -18.68
CA PHE D 433 -44.37 19.45 -18.27
C PHE D 433 -44.42 19.02 -16.80
N ARG D 434 -43.46 18.20 -16.38
CA ARG D 434 -43.39 17.78 -15.00
C ARG D 434 -42.94 18.88 -14.06
N ASP D 435 -42.51 20.03 -14.59
CA ASP D 435 -42.07 21.17 -13.79
C ASP D 435 -40.96 20.77 -12.82
N LEU D 436 -39.90 20.16 -13.36
CA LEU D 436 -38.79 19.67 -12.55
C LEU D 436 -37.73 20.76 -12.40
N CYS D 437 -37.02 20.70 -11.27
CA CYS D 437 -35.96 21.66 -10.99
C CYS D 437 -34.68 21.27 -11.72
N ILE D 438 -34.01 22.26 -12.31
CA ILE D 438 -32.77 22.03 -13.02
C ILE D 438 -31.65 21.83 -12.01
N VAL D 439 -30.83 20.80 -12.24
CA VAL D 439 -29.71 20.46 -11.37
C VAL D 439 -28.43 20.99 -12.01
N TYR D 440 -27.61 21.69 -11.22
CA TYR D 440 -26.38 22.29 -11.69
C TYR D 440 -25.19 21.55 -11.10
N ARG D 441 -24.26 21.14 -11.96
CA ARG D 441 -23.02 20.49 -11.52
C ARG D 441 -21.86 21.08 -12.30
N ASP D 442 -20.82 21.48 -11.58
CA ASP D 442 -19.64 22.13 -12.17
C ASP D 442 -20.02 23.39 -12.94
N GLY D 443 -21.03 24.11 -12.47
CA GLY D 443 -21.42 25.36 -13.09
C GLY D 443 -22.06 25.23 -14.46
N ASN D 444 -22.66 24.08 -14.76
CA ASN D 444 -23.29 23.85 -16.05
C ASN D 444 -24.67 23.25 -15.83
N PRO D 445 -25.70 23.74 -16.52
CA PRO D 445 -27.05 23.16 -16.35
C PRO D 445 -27.11 21.76 -16.92
N TYR D 446 -27.85 20.89 -16.22
CA TYR D 446 -28.00 19.51 -16.64
C TYR D 446 -29.40 19.04 -16.28
N ALA D 447 -29.92 18.10 -17.07
CA ALA D 447 -31.24 17.53 -16.83
C ALA D 447 -31.11 16.05 -16.51
N VAL D 448 -32.13 15.27 -16.87
CA VAL D 448 -32.12 13.82 -16.65
C VAL D 448 -32.73 13.14 -17.86
N CYS D 449 -32.19 11.98 -18.23
CA CYS D 449 -32.75 11.17 -19.28
C CYS D 449 -33.71 10.14 -18.68
N ASP D 450 -34.55 9.56 -19.54
CA ASP D 450 -35.58 8.64 -19.06
C ASP D 450 -34.97 7.38 -18.45
N LYS D 451 -33.86 6.91 -19.01
CA LYS D 451 -33.24 5.69 -18.50
C LYS D 451 -32.63 5.91 -17.12
N CYS D 452 -31.84 6.98 -16.96
CA CYS D 452 -31.24 7.26 -15.66
C CYS D 452 -32.28 7.64 -14.62
N LEU D 453 -33.36 8.31 -15.03
CA LEU D 453 -34.41 8.67 -14.08
C LEU D 453 -35.07 7.44 -13.49
N LYS D 454 -35.34 6.42 -14.32
CA LYS D 454 -36.03 5.23 -13.84
C LYS D 454 -35.15 4.42 -12.88
N PHE D 455 -33.86 4.27 -13.20
CA PHE D 455 -32.98 3.47 -12.36
C PHE D 455 -32.81 4.11 -10.99
N TYR D 456 -32.52 5.41 -10.95
CA TYR D 456 -32.30 6.09 -9.68
C TYR D 456 -33.60 6.36 -8.91
N SER D 457 -34.75 6.34 -9.59
CA SER D 457 -36.01 6.46 -8.87
C SER D 457 -36.34 5.19 -8.11
N LYS D 458 -36.01 4.03 -8.69
CA LYS D 458 -36.28 2.74 -8.09
C LYS D 458 -35.14 2.26 -7.18
N ILE D 459 -34.18 3.14 -6.87
CA ILE D 459 -33.10 2.75 -5.96
C ILE D 459 -33.66 2.44 -4.58
N SER D 460 -34.36 3.40 -3.99
CA SER D 460 -35.05 3.23 -2.71
C SER D 460 -35.83 4.49 -2.36
N GLU D 461 -36.14 4.65 -1.08
CA GLU D 461 -36.81 5.85 -0.55
C GLU D 461 -38.14 6.13 -1.24
N TYR D 462 -38.83 5.09 -1.70
CA TYR D 462 -40.10 5.26 -2.40
C TYR D 462 -41.22 5.44 -1.39
N ARG D 463 -41.85 6.63 -1.41
CA ARG D 463 -42.92 6.98 -0.47
C ARG D 463 -42.44 6.85 0.98
N HIS D 464 -41.18 7.18 1.21
CA HIS D 464 -40.57 7.11 2.53
C HIS D 464 -40.70 8.40 3.32
N TYR D 465 -41.32 9.43 2.76
CA TYR D 465 -41.39 10.72 3.43
C TYR D 465 -42.30 10.62 4.67
N SER D 466 -41.83 11.18 5.77
CA SER D 466 -42.53 11.12 7.05
C SER D 466 -42.60 12.52 7.63
N TYR D 467 -43.81 12.99 7.91
CA TYR D 467 -44.03 14.31 8.49
C TYR D 467 -44.04 14.16 10.00
N SER D 468 -42.86 14.28 10.61
CA SER D 468 -42.70 14.11 12.05
C SER D 468 -42.80 15.47 12.74
N LEU D 469 -43.75 15.60 13.66
CA LEU D 469 -44.01 16.84 14.37
C LEU D 469 -44.17 16.57 15.85
N TYR D 470 -43.62 17.46 16.68
CA TYR D 470 -43.81 17.36 18.11
C TYR D 470 -45.28 17.58 18.47
N GLY D 471 -45.70 16.95 19.57
CA GLY D 471 -47.09 17.10 20.00
C GLY D 471 -47.44 18.52 20.41
N THR D 472 -46.47 19.25 20.95
CA THR D 472 -46.72 20.64 21.30
C THR D 472 -46.98 21.49 20.07
N THR D 473 -46.20 21.28 19.01
CA THR D 473 -46.46 21.95 17.74
C THR D 473 -47.76 21.48 17.12
N LEU D 474 -48.12 20.20 17.32
CA LEU D 474 -49.39 19.69 16.82
C LEU D 474 -50.55 20.34 17.54
N GLU D 475 -50.41 20.58 18.84
CA GLU D 475 -51.47 21.24 19.60
C GLU D 475 -51.67 22.68 19.14
N GLN D 476 -50.59 23.36 18.78
CA GLN D 476 -50.70 24.73 18.28
C GLN D 476 -51.31 24.77 16.89
N GLN D 477 -51.11 23.72 16.10
CA GLN D 477 -51.57 23.73 14.71
C GLN D 477 -53.08 23.59 14.62
N TYR D 478 -53.67 22.72 15.43
CA TYR D 478 -55.09 22.43 15.35
C TYR D 478 -55.90 22.86 16.57
N ASN D 479 -55.25 23.04 17.72
CA ASN D 479 -55.94 23.29 18.99
C ASN D 479 -56.88 22.11 19.24
N LYS D 480 -57.99 22.35 19.95
CA LYS D 480 -59.04 21.35 20.18
C LYS D 480 -58.51 20.20 21.05
N PRO D 481 -59.36 19.31 21.54
CA PRO D 481 -58.86 18.19 22.36
C PRO D 481 -57.98 17.25 21.54
N LEU D 482 -56.77 17.00 22.04
CA LEU D 482 -55.86 16.08 21.36
C LEU D 482 -56.32 14.64 21.50
N SER D 483 -57.09 14.33 22.55
CA SER D 483 -57.54 12.96 22.76
C SER D 483 -58.61 12.57 21.75
N ASP D 484 -59.47 13.52 21.37
CA ASP D 484 -60.49 13.24 20.36
C ASP D 484 -59.85 12.93 19.02
N LEU D 485 -58.80 13.65 18.66
CA LEU D 485 -58.00 13.29 17.49
C LEU D 485 -57.32 11.95 17.73
N LEU D 486 -57.57 11.00 16.85
CA LEU D 486 -57.10 9.63 17.04
C LEU D 486 -55.78 9.41 16.32
N ILE D 487 -54.81 8.90 17.06
CA ILE D 487 -53.47 8.61 16.53
C ILE D 487 -53.21 7.13 16.79
N ARG D 488 -53.61 6.29 15.84
CA ARG D 488 -53.52 4.85 16.02
C ARG D 488 -52.06 4.40 16.04
N CYS D 489 -51.81 3.31 16.76
CA CYS D 489 -50.45 2.81 16.93
C CYS D 489 -49.87 2.36 15.59
N ILE D 490 -48.55 2.46 15.46
CA ILE D 490 -47.89 2.13 14.21
C ILE D 490 -48.07 0.66 13.87
N ASN D 491 -48.02 -0.20 14.89
CA ASN D 491 -48.20 -1.64 14.70
C ASN D 491 -49.57 -2.12 15.18
N CYS D 492 -50.00 -1.67 16.36
CA CYS D 492 -51.27 -2.15 16.90
C CYS D 492 -52.46 -1.58 16.15
N GLN D 493 -52.31 -0.40 15.54
CA GLN D 493 -53.43 0.33 14.95
C GLN D 493 -54.55 0.52 15.96
N LYS D 494 -54.17 0.71 17.21
CA LYS D 494 -55.04 0.90 18.37
C LYS D 494 -55.25 2.39 18.61
N PRO D 495 -56.51 2.85 18.75
CA PRO D 495 -56.74 4.25 19.11
C PRO D 495 -55.97 4.63 20.37
N LEU D 496 -55.06 5.59 20.24
CA LEU D 496 -54.16 5.94 21.33
C LEU D 496 -54.95 6.38 22.56
N SER D 497 -54.70 5.73 23.68
CA SER D 497 -55.29 6.14 24.94
C SER D 497 -54.77 7.54 25.30
N PRO D 498 -55.56 8.32 26.05
CA PRO D 498 -55.07 9.65 26.46
C PRO D 498 -53.76 9.59 27.23
N GLU D 499 -53.47 8.49 27.92
CA GLU D 499 -52.19 8.34 28.60
C GLU D 499 -51.06 8.11 27.61
N GLU D 500 -51.31 7.31 26.58
CA GLU D 500 -50.29 7.08 25.55
C GLU D 500 -49.98 8.35 24.78
N LYS D 501 -51.00 9.17 24.53
CA LYS D 501 -50.77 10.47 23.90
C LYS D 501 -49.92 11.36 24.79
N GLN D 502 -50.16 11.31 26.10
CA GLN D 502 -49.39 12.12 27.04
C GLN D 502 -47.95 11.62 27.13
N ARG D 503 -47.72 10.33 26.89
CA ARG D 503 -46.38 9.77 27.01
C ARG D 503 -45.43 10.36 25.97
N HIS D 504 -45.94 10.60 24.76
CA HIS D 504 -45.10 11.21 23.73
C HIS D 504 -44.62 12.58 24.14
N LEU D 505 -45.50 13.38 24.77
CA LEU D 505 -45.10 14.70 25.24
C LEU D 505 -44.12 14.61 26.39
N ASP D 506 -44.30 13.62 27.27
CA ASP D 506 -43.41 13.47 28.42
C ASP D 506 -42.02 13.02 28.00
N LYS D 507 -41.95 12.11 27.02
CA LYS D 507 -40.68 11.57 26.57
C LYS D 507 -40.11 12.29 25.35
N LYS D 508 -40.78 13.35 24.89
CA LYS D 508 -40.30 14.15 23.76
C LYS D 508 -40.14 13.31 22.50
N GLN D 509 -41.11 12.44 22.23
CA GLN D 509 -41.13 11.60 21.04
C GLN D 509 -42.09 12.22 20.03
N ARG D 510 -41.56 12.55 18.85
CA ARG D 510 -42.36 13.25 17.85
C ARG D 510 -43.36 12.30 17.20
N PHE D 511 -44.60 12.76 17.06
CA PHE D 511 -45.59 12.02 16.31
C PHE D 511 -45.22 12.01 14.82
N HIS D 512 -45.59 10.94 14.13
CA HIS D 512 -45.21 10.74 12.74
C HIS D 512 -46.45 10.67 11.86
N ASN D 513 -46.40 11.35 10.72
CA ASN D 513 -47.49 11.36 9.75
C ASN D 513 -46.93 10.95 8.40
N ILE D 514 -47.40 9.81 7.89
CA ILE D 514 -47.04 9.31 6.57
C ILE D 514 -48.27 9.40 5.70
N ARG D 515 -48.28 10.37 4.78
CA ARG D 515 -49.46 10.69 3.96
C ARG D 515 -50.57 11.09 4.91
N GLY D 516 -51.72 10.40 4.93
CA GLY D 516 -52.75 10.67 5.92
C GLY D 516 -52.78 9.61 7.00
N ARG D 517 -51.66 9.47 7.73
CA ARG D 517 -51.50 8.40 8.73
C ARG D 517 -50.72 8.97 9.92
N TRP D 518 -51.40 9.77 10.75
CA TRP D 518 -50.80 10.22 11.99
C TRP D 518 -50.69 9.04 12.95
N THR D 519 -49.45 8.66 13.29
CA THR D 519 -49.19 7.44 14.04
C THR D 519 -48.33 7.73 15.26
N GLY D 520 -48.57 6.97 16.33
CA GLY D 520 -47.76 7.01 17.51
C GLY D 520 -47.45 5.61 17.98
N ARG D 521 -46.62 5.53 19.02
CA ARG D 521 -46.19 4.24 19.57
C ARG D 521 -46.90 3.98 20.88
N CYS D 522 -47.59 2.85 20.97
CA CYS D 522 -48.20 2.42 22.22
C CYS D 522 -47.11 2.04 23.23
N MET D 523 -47.52 1.90 24.49
CA MET D 523 -46.57 1.64 25.56
C MET D 523 -45.82 0.33 25.34
N SER D 524 -46.52 -0.70 24.85
CA SER D 524 -45.86 -1.97 24.59
C SER D 524 -44.93 -1.88 23.38
N CYS D 525 -45.35 -1.16 22.35
CA CYS D 525 -44.48 -0.97 21.19
C CYS D 525 -43.36 0.02 21.48
N SER D 526 -43.53 0.91 22.46
CA SER D 526 -42.51 1.90 22.76
C SER D 526 -41.26 1.26 23.36
N ARG D 527 -41.45 0.25 24.21
CA ARG D 527 -40.34 -0.42 24.89
C ARG D 527 -40.14 -1.80 24.29
N SER D 528 -38.89 -2.12 23.97
CA SER D 528 -38.57 -3.44 23.42
C SER D 528 -38.68 -4.50 24.50
N SER D 529 -39.38 -5.58 24.19
CA SER D 529 -39.58 -6.67 25.14
C SER D 529 -39.90 -7.98 24.43
#